data_7UMM
#
_entry.id   7UMM
#
_cell.length_a   1.00
_cell.length_b   1.00
_cell.length_c   1.00
_cell.angle_alpha   90.00
_cell.angle_beta   90.00
_cell.angle_gamma   90.00
#
_symmetry.space_group_name_H-M   'P 1'
#
loop_
_entity.id
_entity.type
_entity.pdbx_description
1 polymer Hemagglutinin
2 polymer 'ab109 Fab heavy chain'
3 polymer 'ab109 Fab light chain'
4 branched 2-acetamido-2-deoxy-beta-D-glucopyranose-(1-4)-2-acetamido-2-deoxy-beta-D-glucopyranose
5 non-polymer 2-acetamido-2-deoxy-beta-D-glucopyranose
#
loop_
_entity_poly.entity_id
_entity_poly.type
_entity_poly.pdbx_seq_one_letter_code
_entity_poly.pdbx_strand_id
1 'polypeptide(L)'
;ADPGYLLEDTICIGYHANNSTDTVDTVLEKNVTVTHSVNLLEDSHNGKLCLLKGIAPLQLGNCSVAGWILGNPECELLIS
RESWSYIVEKPNPENGTCYPGHFADYEELREQLSSVSSFERFEIFPKESSWPNHTTTGVSASCSHNGESSFYKNLLWLTG
KNGLYPNLSKSYANNKEKEVLVLWGVHHPPNIGDQRALYHTENAYVSVVSSHYSRKFTPEIAKRPKVRDQEGRINYYWTL
LEPGDTIIFEANGNLIAPRYAFALSRGFGSGIINSNAPMDECDAKCQTPQGAINSSLPFQNVHPVTIGECPKYVRSAKLR
MVTGLRNIPSIQSRGLFGAIAGFIEGGWTGMVDGWYGYHHQNEQGSGYAADQKSTQNAINGITNKVNSVIEKMNTQFTAV
GKEFNKLERRMENLNKKVDDGFIDIWTYNAELLVLLENERTLDFHDSNVKNLYEKVKSQLKNNAKEIGNGCFEFYHKCND
ECMESVKNGTYDYPKYSEESKLNREKIDGVRSGSGGALEVLFQ
;
A,B,C
2 'polypeptide(L)'
;QVQLVQSGAEVKKPGASVKVSCKASGYTFTGYYIHWVRQAPGQGLEWMGWINPNTGGTVYAQTFQARVTMTRDTSISTAY
MELIRLRSDDTAVYYCARERGTGAPDAFNIWGQGTLVTVSGASTKGPSVFPLAPSGTAALGCLVKDYFPEPVTVSWNSGA
LTSGVHTFPAVLQSSGLYSLSSVVTVPSSSLGTQTYICNVNHKPSNTKVDKKVEPKSC
;
H,I,J
3 'polypeptide(L)'
;DIVMTQSPASLAVSLGQRATISCRASKSVSTSGYSYIHWYQQKPGQPPKLLIYLATNLESGVPARFSGSGSGTDFTLNIH
PVEEEDAATYYCQHSRDTPYTFGGGTKLEIKRTVAAPSVFIFPPSDEQLKSGTASVVCLLNNFYPREAKVQWKVDNALQS
GNSQESVTEQDSKDSTYSLSSTLTLSKADYEKHKVYACEVTHQGLSSPVTKSFNRGEC
;
L,M,N
#
# COMPACT_ATOMS: atom_id res chain seq x y z
N THR A 33 -41.86 -66.27 1.72
CA THR A 33 -42.69 -65.74 2.85
C THR A 33 -44.14 -66.17 2.66
N VAL A 34 -44.55 -66.28 1.39
CA VAL A 34 -45.90 -66.71 1.04
C VAL A 34 -45.86 -67.20 -0.39
N THR A 35 -46.91 -67.93 -0.79
CA THR A 35 -46.87 -68.64 -2.07
C THR A 35 -46.69 -67.68 -3.24
N HIS A 36 -47.45 -66.61 -3.27
CA HIS A 36 -47.41 -65.63 -4.35
C HIS A 36 -46.90 -64.31 -3.83
N SER A 37 -45.96 -63.71 -4.55
CA SER A 37 -45.43 -62.41 -4.14
C SER A 37 -44.66 -61.81 -5.30
N VAL A 38 -44.53 -60.49 -5.24
CA VAL A 38 -43.83 -59.70 -6.23
C VAL A 38 -42.77 -58.89 -5.51
N ASN A 39 -41.56 -58.89 -6.06
CA ASN A 39 -40.51 -58.07 -5.51
C ASN A 39 -40.52 -56.70 -6.19
N LEU A 40 -40.26 -55.67 -5.39
CA LEU A 40 -40.26 -54.30 -5.87
C LEU A 40 -38.89 -53.68 -5.87
N LEU A 41 -37.90 -54.35 -5.30
CA LEU A 41 -36.59 -53.79 -5.07
C LEU A 41 -35.58 -54.41 -6.02
N GLU A 42 -34.73 -53.57 -6.60
CA GLU A 42 -33.68 -54.00 -7.50
C GLU A 42 -32.33 -53.80 -6.83
N ASP A 43 -31.56 -54.87 -6.73
CA ASP A 43 -30.29 -54.85 -6.02
C ASP A 43 -29.12 -55.24 -6.90
N SER A 44 -29.29 -55.24 -8.22
CA SER A 44 -28.29 -55.74 -9.15
C SER A 44 -27.95 -54.66 -10.16
N HIS A 45 -26.73 -54.13 -10.06
CA HIS A 45 -26.22 -53.16 -11.01
C HIS A 45 -25.23 -53.85 -11.94
N ASN A 46 -25.32 -53.51 -13.21
CA ASN A 46 -24.47 -54.12 -14.22
C ASN A 46 -23.00 -53.78 -14.05
N GLY A 47 -22.64 -53.05 -13.00
CA GLY A 47 -21.25 -52.79 -12.72
C GLY A 47 -20.52 -51.99 -13.77
N LYS A 48 -21.23 -51.23 -14.60
CA LYS A 48 -20.58 -50.50 -15.67
C LYS A 48 -21.26 -49.16 -15.89
N LEU A 49 -20.51 -48.25 -16.49
CA LEU A 49 -20.96 -46.89 -16.79
C LEU A 49 -21.43 -46.87 -18.24
N CYS A 50 -22.67 -47.29 -18.44
CA CYS A 50 -23.22 -47.43 -19.77
C CYS A 50 -23.53 -46.07 -20.37
N LEU A 51 -24.04 -46.09 -21.59
CA LEU A 51 -24.66 -44.91 -22.15
C LEU A 51 -25.99 -44.68 -21.47
N LEU A 52 -26.49 -43.45 -21.58
CA LEU A 52 -27.80 -43.10 -21.06
C LEU A 52 -28.65 -42.61 -22.20
N LYS A 53 -29.77 -43.29 -22.44
CA LYS A 53 -30.67 -42.98 -23.56
C LYS A 53 -29.93 -42.95 -24.88
N GLY A 54 -28.77 -43.60 -24.94
CA GLY A 54 -27.96 -43.62 -26.14
C GLY A 54 -26.99 -42.47 -26.26
N ILE A 55 -26.83 -41.65 -25.22
CA ILE A 55 -25.84 -40.59 -25.20
C ILE A 55 -24.71 -41.01 -24.27
N ALA A 56 -23.58 -40.54 -24.54
CA ALA A 56 -22.41 -41.03 -23.84
C ALA A 56 -21.94 -40.02 -22.81
N PRO A 57 -21.44 -40.51 -21.69
CA PRO A 57 -20.91 -39.60 -20.67
C PRO A 57 -19.58 -39.02 -21.04
N LEU A 58 -19.01 -38.32 -20.08
CA LEU A 58 -17.69 -37.73 -20.18
C LEU A 58 -16.82 -38.38 -19.13
N GLN A 59 -15.83 -39.14 -19.56
CA GLN A 59 -14.91 -39.81 -18.65
C GLN A 59 -13.66 -38.97 -18.50
N LEU A 60 -13.57 -38.27 -17.38
CA LEU A 60 -12.40 -37.47 -17.09
C LEU A 60 -11.19 -38.34 -16.83
N GLY A 61 -11.40 -39.54 -16.31
CA GLY A 61 -10.28 -40.40 -16.05
C GLY A 61 -9.48 -39.89 -14.88
N ASN A 62 -8.14 -39.92 -15.02
CA ASN A 62 -7.31 -39.37 -13.97
C ASN A 62 -7.69 -37.93 -13.68
N CYS A 63 -8.14 -37.20 -14.70
CA CYS A 63 -8.37 -35.78 -14.56
C CYS A 63 -9.60 -35.52 -13.71
N SER A 64 -9.55 -34.41 -12.99
CA SER A 64 -10.67 -33.92 -12.20
C SER A 64 -11.35 -32.78 -12.94
N VAL A 65 -12.43 -32.30 -12.33
CA VAL A 65 -13.18 -31.22 -12.93
C VAL A 65 -12.31 -30.00 -13.10
N ALA A 66 -11.47 -29.72 -12.11
CA ALA A 66 -10.62 -28.55 -12.16
C ALA A 66 -9.65 -28.62 -13.33
N GLY A 67 -9.03 -29.79 -13.51
CA GLY A 67 -8.12 -29.94 -14.63
C GLY A 67 -8.85 -29.88 -15.96
N TRP A 68 -10.04 -30.47 -16.01
CA TRP A 68 -10.81 -30.46 -17.24
C TRP A 68 -11.14 -29.04 -17.66
N ILE A 69 -11.71 -28.27 -16.75
CA ILE A 69 -12.07 -26.90 -17.08
C ILE A 69 -10.82 -26.09 -17.39
N LEU A 70 -9.84 -26.14 -16.50
CA LEU A 70 -8.60 -25.42 -16.72
C LEU A 70 -7.85 -25.94 -17.92
N GLY A 71 -8.09 -27.17 -18.32
CA GLY A 71 -7.38 -27.72 -19.44
C GLY A 71 -6.06 -28.31 -19.02
N ASN A 72 -6.09 -29.17 -18.01
CA ASN A 72 -4.87 -29.84 -17.62
C ASN A 72 -4.40 -30.73 -18.76
N PRO A 73 -3.16 -30.61 -19.20
CA PRO A 73 -2.73 -31.28 -20.42
C PRO A 73 -3.07 -32.75 -20.46
N GLU A 74 -3.07 -33.40 -19.30
CA GLU A 74 -3.25 -34.84 -19.27
C GLU A 74 -4.68 -35.26 -19.56
N CYS A 75 -5.55 -34.34 -19.95
CA CYS A 75 -6.96 -34.66 -20.09
C CYS A 75 -7.36 -34.97 -21.53
N GLU A 76 -6.95 -34.15 -22.48
CA GLU A 76 -7.14 -34.44 -23.89
C GLU A 76 -8.61 -34.50 -24.30
N LEU A 77 -9.51 -34.11 -23.40
CA LEU A 77 -10.93 -34.07 -23.68
C LEU A 77 -11.35 -32.79 -24.36
N LEU A 78 -10.45 -31.82 -24.45
CA LEU A 78 -10.83 -30.47 -24.83
C LEU A 78 -11.37 -30.44 -26.25
N ILE A 79 -10.49 -30.76 -27.21
CA ILE A 79 -10.86 -30.73 -28.61
C ILE A 79 -12.03 -31.65 -28.93
N SER A 80 -12.25 -32.68 -28.11
CA SER A 80 -13.00 -33.85 -28.56
C SER A 80 -14.37 -33.99 -27.94
N ARG A 81 -14.62 -33.41 -26.76
CA ARG A 81 -15.90 -33.57 -26.09
C ARG A 81 -16.50 -32.22 -25.78
N GLU A 82 -17.78 -32.07 -26.08
CA GLU A 82 -18.54 -30.89 -25.70
C GLU A 82 -19.93 -31.23 -25.24
N SER A 83 -20.33 -32.49 -25.26
CA SER A 83 -21.67 -32.89 -24.86
C SER A 83 -21.60 -34.23 -24.17
N TRP A 84 -22.63 -34.52 -23.39
CA TRP A 84 -22.70 -35.78 -22.68
C TRP A 84 -24.09 -35.94 -22.10
N SER A 85 -24.25 -37.01 -21.33
CA SER A 85 -25.41 -37.23 -20.49
C SER A 85 -25.10 -37.02 -19.03
N TYR A 86 -23.90 -37.40 -18.62
CA TYR A 86 -23.43 -37.16 -17.27
C TYR A 86 -21.91 -37.17 -17.29
N ILE A 87 -21.34 -36.70 -16.18
CA ILE A 87 -19.92 -36.62 -16.01
C ILE A 87 -19.48 -37.69 -15.04
N VAL A 88 -18.30 -38.24 -15.28
CA VAL A 88 -17.75 -39.31 -14.48
C VAL A 88 -16.39 -38.86 -13.96
N GLU A 89 -16.24 -38.88 -12.65
CA GLU A 89 -15.00 -38.53 -12.00
C GLU A 89 -14.61 -39.65 -11.06
N LYS A 90 -13.32 -39.85 -10.90
CA LYS A 90 -12.86 -40.89 -10.01
C LYS A 90 -12.72 -40.36 -8.59
N PRO A 91 -12.76 -41.25 -7.60
CA PRO A 91 -12.79 -40.79 -6.20
C PRO A 91 -11.67 -39.83 -5.85
N ASN A 92 -10.44 -40.17 -6.19
CA ASN A 92 -9.27 -39.36 -5.87
C ASN A 92 -8.48 -39.17 -7.16
N PRO A 93 -8.94 -38.28 -8.03
CA PRO A 93 -8.19 -37.98 -9.24
C PRO A 93 -6.99 -37.11 -8.91
N GLU A 94 -5.86 -37.46 -9.51
CA GLU A 94 -4.62 -36.77 -9.23
C GLU A 94 -4.30 -35.69 -10.24
N ASN A 95 -4.89 -35.74 -11.43
CA ASN A 95 -4.58 -34.79 -12.49
C ASN A 95 -5.66 -33.72 -12.52
N GLY A 96 -5.51 -32.77 -11.61
CA GLY A 96 -6.39 -31.62 -11.56
C GLY A 96 -5.58 -30.36 -11.72
N THR A 97 -5.51 -29.60 -10.65
CA THR A 97 -4.72 -28.38 -10.61
C THR A 97 -3.24 -28.74 -10.64
N CYS A 98 -2.60 -28.51 -11.78
CA CYS A 98 -1.19 -28.88 -11.93
C CYS A 98 -0.28 -27.90 -11.22
N TYR A 99 -0.55 -26.61 -11.35
CA TYR A 99 0.22 -25.61 -10.68
C TYR A 99 -0.48 -25.29 -9.38
N PRO A 100 0.16 -25.48 -8.24
CA PRO A 100 -0.57 -25.46 -6.98
C PRO A 100 -1.30 -24.15 -6.77
N GLY A 101 -2.47 -24.25 -6.18
CA GLY A 101 -3.18 -23.06 -5.76
C GLY A 101 -4.61 -23.35 -5.44
N HIS A 102 -5.27 -22.32 -4.97
CA HIS A 102 -6.65 -22.43 -4.52
C HIS A 102 -7.60 -22.13 -5.66
N PHE A 103 -8.46 -23.07 -5.95
CA PHE A 103 -9.49 -22.89 -6.97
C PHE A 103 -10.73 -22.39 -6.25
N ALA A 104 -10.96 -21.09 -6.35
CA ALA A 104 -12.05 -20.48 -5.61
C ALA A 104 -13.38 -21.09 -6.02
N ASP A 105 -14.25 -21.26 -5.03
CA ASP A 105 -15.59 -21.75 -5.25
C ASP A 105 -15.57 -23.00 -6.13
N TYR A 106 -14.59 -23.85 -5.89
CA TYR A 106 -14.47 -25.08 -6.65
C TYR A 106 -15.74 -25.88 -6.60
N GLU A 107 -16.29 -26.03 -5.40
CA GLU A 107 -17.48 -26.85 -5.23
C GLU A 107 -18.70 -26.20 -5.83
N GLU A 108 -18.78 -24.87 -5.75
CA GLU A 108 -19.86 -24.17 -6.42
C GLU A 108 -19.77 -24.38 -7.91
N LEU A 109 -18.55 -24.41 -8.44
CA LEU A 109 -18.38 -24.68 -9.85
C LEU A 109 -18.81 -26.08 -10.20
N ARG A 110 -18.48 -27.05 -9.35
CA ARG A 110 -18.95 -28.41 -9.57
C ARG A 110 -20.46 -28.43 -9.66
N GLU A 111 -21.12 -27.71 -8.76
CA GLU A 111 -22.58 -27.71 -8.77
C GLU A 111 -23.11 -27.01 -10.00
N GLN A 112 -22.41 -25.99 -10.48
CA GLN A 112 -22.77 -25.36 -11.74
C GLN A 112 -22.72 -26.39 -12.86
N LEU A 113 -21.63 -27.15 -12.92
CA LEU A 113 -21.39 -28.01 -14.05
C LEU A 113 -22.22 -29.27 -14.01
N SER A 114 -22.75 -29.60 -12.83
CA SER A 114 -23.64 -30.75 -12.75
C SER A 114 -24.81 -30.59 -13.71
N SER A 115 -25.30 -29.37 -13.87
CA SER A 115 -26.46 -29.09 -14.69
C SER A 115 -26.10 -28.73 -16.13
N VAL A 116 -24.83 -28.80 -16.47
CA VAL A 116 -24.39 -28.56 -17.84
C VAL A 116 -24.54 -29.84 -18.64
N SER A 117 -25.42 -29.80 -19.64
CA SER A 117 -25.57 -30.90 -20.57
C SER A 117 -24.55 -30.85 -21.69
N SER A 118 -24.04 -29.68 -21.99
CA SER A 118 -23.07 -29.50 -23.06
C SER A 118 -22.53 -28.09 -22.95
N PHE A 119 -21.57 -27.78 -23.81
CA PHE A 119 -21.09 -26.42 -23.92
C PHE A 119 -20.28 -26.26 -25.21
N GLU A 120 -19.72 -25.06 -25.35
CA GLU A 120 -18.92 -24.66 -26.50
C GLU A 120 -17.65 -24.02 -25.98
N ARG A 121 -16.52 -24.67 -26.23
CA ARG A 121 -15.23 -24.18 -25.76
C ARG A 121 -14.65 -23.30 -26.85
N PHE A 122 -14.71 -22.00 -26.63
CA PHE A 122 -14.30 -21.03 -27.62
C PHE A 122 -13.18 -20.14 -27.08
N GLU A 123 -12.41 -19.59 -28.01
CA GLU A 123 -11.21 -18.83 -27.68
C GLU A 123 -11.60 -17.37 -27.46
N ILE A 124 -12.17 -17.12 -26.29
CA ILE A 124 -12.58 -15.78 -25.90
C ILE A 124 -11.48 -14.77 -26.20
N PHE A 125 -10.26 -15.06 -25.79
CA PHE A 125 -9.11 -14.20 -26.02
C PHE A 125 -8.09 -14.95 -26.86
N PRO A 126 -8.14 -14.82 -28.17
CA PRO A 126 -7.19 -15.54 -29.02
C PRO A 126 -5.75 -15.24 -28.62
N LYS A 127 -4.97 -16.30 -28.49
CA LYS A 127 -3.58 -16.16 -28.07
C LYS A 127 -2.80 -15.30 -29.04
N GLU A 128 -3.15 -15.34 -30.32
CA GLU A 128 -2.31 -14.75 -31.35
C GLU A 128 -2.51 -13.26 -31.45
N SER A 129 -3.76 -12.81 -31.37
CA SER A 129 -4.09 -11.42 -31.61
C SER A 129 -4.52 -10.67 -30.36
N SER A 130 -4.91 -11.36 -29.31
CA SER A 130 -5.35 -10.69 -28.10
C SER A 130 -4.19 -10.13 -27.29
N TRP A 131 -3.03 -10.76 -27.35
CA TRP A 131 -1.88 -10.40 -26.54
C TRP A 131 -0.67 -10.22 -27.44
N PRO A 132 -0.71 -9.20 -28.29
CA PRO A 132 0.40 -8.98 -29.21
C PRO A 132 1.69 -8.63 -28.52
N ASN A 133 1.63 -7.85 -27.45
CA ASN A 133 2.80 -7.28 -26.83
C ASN A 133 3.05 -7.86 -25.43
N HIS A 134 2.60 -9.08 -25.21
CA HIS A 134 2.81 -9.79 -23.97
C HIS A 134 3.28 -11.20 -24.27
N THR A 135 4.31 -11.63 -23.55
CA THR A 135 4.90 -12.92 -23.81
C THR A 135 4.02 -14.05 -23.32
N THR A 136 3.13 -14.50 -24.19
CA THR A 136 2.52 -15.79 -24.05
C THR A 136 3.62 -16.86 -24.06
N THR A 137 3.22 -18.10 -23.83
CA THR A 137 4.14 -19.23 -23.80
C THR A 137 4.90 -19.26 -22.50
N GLY A 138 4.27 -18.77 -21.44
CA GLY A 138 4.78 -19.03 -20.11
C GLY A 138 4.43 -20.45 -19.71
N VAL A 139 5.42 -21.16 -19.19
CA VAL A 139 5.31 -22.59 -19.00
C VAL A 139 6.00 -22.97 -17.71
N SER A 140 5.50 -24.04 -17.09
CA SER A 140 6.07 -24.57 -15.87
C SER A 140 6.19 -26.08 -15.96
N ALA A 141 7.12 -26.62 -15.20
CA ALA A 141 7.30 -28.07 -15.15
C ALA A 141 6.18 -28.75 -14.39
N SER A 142 5.53 -28.03 -13.48
CA SER A 142 4.49 -28.63 -12.66
C SER A 142 3.32 -29.10 -13.50
N CYS A 143 3.25 -28.65 -14.75
CA CYS A 143 2.14 -28.98 -15.65
C CYS A 143 2.68 -29.71 -16.87
N SER A 144 3.78 -30.42 -16.71
CA SER A 144 4.47 -31.03 -17.84
C SER A 144 3.60 -32.06 -18.53
N HIS A 145 3.79 -32.16 -19.84
CA HIS A 145 3.08 -33.10 -20.69
C HIS A 145 4.10 -33.82 -21.54
N ASN A 146 3.97 -35.14 -21.62
CA ASN A 146 4.90 -35.95 -22.37
C ASN A 146 6.34 -35.53 -22.09
N GLY A 147 6.62 -35.20 -20.84
CA GLY A 147 7.97 -34.92 -20.41
C GLY A 147 8.36 -33.47 -20.57
N GLU A 148 7.74 -32.80 -21.52
CA GLU A 148 8.04 -31.40 -21.75
C GLU A 148 7.21 -30.53 -20.82
N SER A 149 7.85 -29.51 -20.27
CA SER A 149 7.12 -28.55 -19.47
C SER A 149 6.08 -27.86 -20.34
N SER A 150 4.88 -27.73 -19.81
CA SER A 150 3.78 -27.12 -20.53
C SER A 150 2.90 -26.41 -19.52
N PHE A 151 1.68 -26.10 -19.93
CA PHE A 151 0.78 -25.34 -19.10
C PHE A 151 -0.64 -25.69 -19.48
N TYR A 152 -1.57 -25.21 -18.67
CA TYR A 152 -2.98 -25.40 -18.95
C TYR A 152 -3.26 -24.97 -20.37
N LYS A 153 -4.32 -25.50 -20.97
CA LYS A 153 -4.65 -25.19 -22.34
C LYS A 153 -5.78 -24.19 -22.43
N ASN A 154 -6.68 -24.18 -21.48
CA ASN A 154 -7.75 -23.21 -21.42
C ASN A 154 -7.36 -21.94 -20.71
N LEU A 155 -6.10 -21.81 -20.32
CA LEU A 155 -5.60 -20.60 -19.71
C LEU A 155 -4.34 -20.16 -20.41
N LEU A 156 -3.88 -18.99 -19.99
CA LEU A 156 -2.74 -18.34 -20.60
C LEU A 156 -1.92 -17.68 -19.50
N TRP A 157 -0.63 -17.96 -19.49
CA TRP A 157 0.27 -17.39 -18.50
C TRP A 157 1.01 -16.25 -19.17
N LEU A 158 0.41 -15.07 -19.10
CA LEU A 158 1.04 -13.88 -19.63
C LEU A 158 2.31 -13.56 -18.88
N THR A 159 3.23 -12.94 -19.61
CA THR A 159 4.48 -12.50 -19.06
C THR A 159 4.95 -11.33 -19.91
N GLY A 160 5.81 -10.52 -19.34
CA GLY A 160 6.27 -9.35 -20.04
C GLY A 160 7.11 -9.68 -21.25
N LYS A 161 7.31 -8.67 -22.07
CA LYS A 161 8.07 -8.80 -23.30
C LYS A 161 8.97 -7.59 -23.47
N ASN A 162 10.15 -7.84 -23.99
CA ASN A 162 11.11 -6.77 -24.28
C ASN A 162 11.32 -5.88 -23.07
N GLY A 163 11.14 -6.45 -21.89
CA GLY A 163 11.34 -5.71 -20.67
C GLY A 163 10.14 -4.93 -20.20
N LEU A 164 9.00 -5.10 -20.84
CA LEU A 164 7.78 -4.41 -20.46
C LEU A 164 6.68 -5.42 -20.21
N TYR A 165 5.78 -5.05 -19.29
CA TYR A 165 4.49 -5.72 -19.11
C TYR A 165 3.47 -4.61 -19.15
N PRO A 166 3.19 -4.09 -20.34
CA PRO A 166 2.31 -2.93 -20.43
C PRO A 166 0.93 -3.27 -19.90
N ASN A 167 0.32 -2.30 -19.24
CA ASN A 167 -1.01 -2.51 -18.71
C ASN A 167 -1.93 -2.97 -19.82
N LEU A 168 -2.70 -3.99 -19.52
CA LEU A 168 -3.66 -4.55 -20.45
C LEU A 168 -5.07 -4.27 -19.97
N SER A 169 -5.99 -4.18 -20.92
CA SER A 169 -7.35 -3.79 -20.63
C SER A 169 -8.34 -4.58 -21.45
N LYS A 170 -8.02 -5.83 -21.77
CA LYS A 170 -8.85 -6.59 -22.67
C LYS A 170 -10.23 -6.81 -22.09
N SER A 171 -11.21 -6.90 -22.99
CA SER A 171 -12.60 -7.01 -22.61
C SER A 171 -13.29 -8.02 -23.50
N TYR A 172 -14.38 -8.57 -22.98
CA TYR A 172 -15.21 -9.48 -23.74
C TYR A 172 -16.67 -9.22 -23.42
N ALA A 173 -17.48 -9.15 -24.46
CA ALA A 173 -18.92 -8.95 -24.32
C ALA A 173 -19.63 -10.23 -24.69
N ASN A 174 -20.35 -10.80 -23.74
CA ASN A 174 -21.06 -12.05 -23.98
C ASN A 174 -22.22 -11.78 -24.92
N ASN A 175 -22.02 -12.10 -26.19
CA ASN A 175 -23.03 -11.99 -27.22
C ASN A 175 -23.46 -13.34 -27.74
N LYS A 176 -23.16 -14.40 -27.01
CA LYS A 176 -23.46 -15.76 -27.42
C LYS A 176 -24.83 -16.24 -26.99
N GLU A 177 -25.56 -15.42 -26.24
CA GLU A 177 -26.91 -15.74 -25.81
C GLU A 177 -26.95 -16.94 -24.87
N LYS A 178 -25.79 -17.29 -24.31
CA LYS A 178 -25.71 -18.28 -23.27
C LYS A 178 -24.72 -17.80 -22.23
N GLU A 179 -24.98 -18.11 -20.98
CA GLU A 179 -24.04 -17.73 -19.93
C GLU A 179 -22.68 -18.35 -20.21
N VAL A 180 -21.66 -17.55 -20.00
CA VAL A 180 -20.30 -17.88 -20.40
C VAL A 180 -19.46 -18.07 -19.16
N LEU A 181 -18.87 -19.23 -19.03
CA LEU A 181 -18.01 -19.54 -17.90
C LEU A 181 -16.61 -19.06 -18.22
N VAL A 182 -16.14 -18.09 -17.46
CA VAL A 182 -14.82 -17.52 -17.65
C VAL A 182 -13.95 -17.94 -16.50
N LEU A 183 -12.72 -18.27 -16.84
CA LEU A 183 -11.71 -18.74 -15.90
C LEU A 183 -10.55 -17.75 -15.95
N TRP A 184 -9.85 -17.62 -14.84
CA TRP A 184 -8.61 -16.89 -14.85
C TRP A 184 -7.84 -17.20 -13.60
N GLY A 185 -6.69 -16.58 -13.46
CA GLY A 185 -5.81 -16.91 -12.38
C GLY A 185 -4.85 -15.80 -12.06
N VAL A 186 -4.36 -15.83 -10.84
CA VAL A 186 -3.42 -14.86 -10.33
C VAL A 186 -2.22 -15.60 -9.78
N HIS A 187 -1.04 -15.23 -10.24
CA HIS A 187 0.19 -15.88 -9.84
C HIS A 187 0.71 -15.21 -8.57
N HIS A 188 0.77 -15.97 -7.51
CA HIS A 188 1.43 -15.55 -6.30
C HIS A 188 2.80 -16.17 -6.28
N PRO A 189 3.81 -15.46 -6.76
CA PRO A 189 5.10 -16.03 -6.92
C PRO A 189 5.78 -16.23 -5.58
N PRO A 190 6.83 -17.05 -5.54
CA PRO A 190 7.46 -17.35 -4.27
C PRO A 190 8.33 -16.23 -3.74
N ASN A 191 8.78 -15.33 -4.60
CA ASN A 191 9.69 -14.28 -4.16
C ASN A 191 9.53 -13.08 -5.07
N ILE A 192 10.05 -11.95 -4.60
CA ILE A 192 9.85 -10.70 -5.30
C ILE A 192 10.65 -10.66 -6.58
N GLY A 193 11.79 -11.34 -6.60
CA GLY A 193 12.58 -11.38 -7.82
C GLY A 193 11.87 -12.14 -8.92
N ASP A 194 11.18 -13.21 -8.57
CA ASP A 194 10.42 -13.95 -9.57
C ASP A 194 9.35 -13.07 -10.19
N GLN A 195 8.63 -12.32 -9.35
CA GLN A 195 7.62 -11.42 -9.88
C GLN A 195 8.24 -10.33 -10.73
N ARG A 196 9.35 -9.78 -10.27
CA ARG A 196 10.00 -8.74 -11.04
C ARG A 196 10.45 -9.27 -12.38
N ALA A 197 10.78 -10.56 -12.45
CA ALA A 197 11.22 -11.17 -13.68
C ALA A 197 10.07 -11.41 -14.63
N LEU A 198 8.99 -11.99 -14.12
CA LEU A 198 7.84 -12.30 -14.96
C LEU A 198 7.09 -11.07 -15.40
N TYR A 199 7.04 -10.04 -14.58
CA TYR A 199 6.12 -8.94 -14.78
C TYR A 199 6.75 -7.57 -14.58
N HIS A 200 7.98 -7.50 -14.08
CA HIS A 200 8.72 -6.26 -13.99
C HIS A 200 7.96 -5.20 -13.18
N THR A 201 7.37 -5.65 -12.08
CA THR A 201 6.77 -4.76 -11.10
C THR A 201 6.69 -5.48 -9.77
N GLU A 202 6.89 -4.74 -8.71
CA GLU A 202 6.86 -5.29 -7.37
C GLU A 202 5.47 -5.26 -6.74
N ASN A 203 4.58 -4.43 -7.25
CA ASN A 203 3.33 -4.06 -6.58
C ASN A 203 2.18 -4.17 -7.55
N ALA A 204 2.09 -5.32 -8.20
CA ALA A 204 1.13 -5.51 -9.25
C ALA A 204 -0.26 -5.74 -8.69
N TYR A 205 -1.23 -5.76 -9.60
CA TYR A 205 -2.62 -5.95 -9.25
C TYR A 205 -3.36 -6.55 -10.42
N VAL A 206 -4.50 -7.13 -10.13
CA VAL A 206 -5.37 -7.72 -11.13
C VAL A 206 -6.79 -7.31 -10.83
N SER A 207 -7.43 -6.64 -11.77
CA SER A 207 -8.78 -6.15 -11.58
C SER A 207 -9.67 -6.86 -12.57
N VAL A 208 -10.74 -7.45 -12.08
CA VAL A 208 -11.69 -8.14 -12.93
C VAL A 208 -13.06 -7.60 -12.65
N VAL A 209 -13.75 -7.13 -13.68
CA VAL A 209 -14.99 -6.41 -13.50
C VAL A 209 -16.03 -6.87 -14.50
N SER A 210 -17.29 -6.72 -14.10
CA SER A 210 -18.42 -6.96 -14.97
C SER A 210 -19.54 -6.04 -14.51
N SER A 211 -20.75 -6.34 -14.94
CA SER A 211 -21.89 -5.52 -14.54
C SER A 211 -22.17 -5.64 -13.05
N HIS A 212 -21.98 -6.83 -12.49
CA HIS A 212 -22.07 -6.97 -11.04
C HIS A 212 -20.69 -7.27 -10.50
N TYR A 213 -20.05 -8.27 -11.08
CA TYR A 213 -18.79 -8.77 -10.56
C TYR A 213 -17.74 -7.69 -10.61
N SER A 214 -17.16 -7.40 -9.47
CA SER A 214 -16.03 -6.49 -9.36
C SER A 214 -15.12 -7.06 -8.32
N ARG A 215 -13.84 -7.14 -8.65
CA ARG A 215 -12.89 -7.70 -7.71
C ARG A 215 -11.50 -7.25 -8.08
N LYS A 216 -10.64 -7.27 -7.06
CA LYS A 216 -9.26 -6.88 -7.20
C LYS A 216 -8.41 -7.84 -6.41
N PHE A 217 -7.31 -8.27 -7.01
CA PHE A 217 -6.41 -9.24 -6.42
C PHE A 217 -5.03 -8.63 -6.37
N THR A 218 -4.43 -8.67 -5.21
CA THR A 218 -3.02 -8.37 -5.13
C THR A 218 -2.25 -9.64 -4.90
N PRO A 219 -1.14 -9.83 -5.61
CA PRO A 219 -0.32 -11.00 -5.36
C PRO A 219 0.30 -10.97 -3.98
N GLU A 220 0.34 -12.14 -3.37
CA GLU A 220 0.98 -12.34 -2.08
C GLU A 220 2.25 -13.13 -2.30
N ILE A 221 3.37 -12.51 -1.99
CA ILE A 221 4.68 -13.10 -2.25
C ILE A 221 5.19 -13.72 -0.96
N ALA A 222 5.58 -14.98 -1.03
CA ALA A 222 6.04 -15.70 0.13
C ALA A 222 6.59 -17.05 -0.30
N LYS A 223 7.66 -17.46 0.36
CA LYS A 223 8.10 -18.84 0.22
C LYS A 223 7.10 -19.77 0.86
N ARG A 224 6.94 -20.93 0.26
CA ARG A 224 5.89 -21.85 0.67
C ARG A 224 6.40 -23.27 0.53
N PRO A 225 5.70 -24.23 1.10
CA PRO A 225 6.04 -25.63 0.85
C PRO A 225 6.01 -25.96 -0.63
N LYS A 226 6.94 -26.81 -1.04
CA LYS A 226 7.25 -26.97 -2.45
C LYS A 226 6.39 -28.09 -3.03
N VAL A 227 5.12 -27.76 -3.21
CA VAL A 227 4.19 -28.65 -3.87
C VAL A 227 4.54 -28.77 -5.34
N ARG A 228 4.41 -29.98 -5.87
CA ARG A 228 4.77 -30.27 -7.25
C ARG A 228 6.01 -29.49 -7.66
N ASP A 229 6.98 -29.51 -6.76
CA ASP A 229 8.29 -28.90 -7.00
C ASP A 229 8.16 -27.42 -7.26
N GLN A 230 7.01 -26.84 -6.93
CA GLN A 230 6.78 -25.43 -7.15
C GLN A 230 6.50 -24.75 -5.83
N GLU A 231 7.13 -23.60 -5.63
CA GLU A 231 7.06 -22.86 -4.38
C GLU A 231 6.09 -21.70 -4.45
N GLY A 232 5.59 -21.38 -5.64
CA GLY A 232 4.58 -20.36 -5.80
C GLY A 232 3.20 -20.96 -5.82
N ARG A 233 2.24 -20.12 -6.17
CA ARG A 233 0.86 -20.54 -6.24
C ARG A 233 0.16 -19.82 -7.37
N ILE A 234 -0.98 -20.36 -7.77
CA ILE A 234 -1.90 -19.68 -8.64
C ILE A 234 -3.29 -19.80 -8.05
N ASN A 235 -3.91 -18.67 -7.79
CA ASN A 235 -5.28 -18.65 -7.31
C ASN A 235 -6.17 -18.63 -8.55
N TYR A 236 -7.08 -19.59 -8.62
CA TYR A 236 -7.94 -19.74 -9.78
C TYR A 236 -9.31 -19.20 -9.44
N TYR A 237 -9.84 -18.41 -10.35
CA TYR A 237 -11.08 -17.72 -10.16
C TYR A 237 -11.94 -17.92 -11.39
N TRP A 238 -13.24 -17.74 -11.20
CA TRP A 238 -14.16 -17.96 -12.30
C TRP A 238 -15.40 -17.10 -12.09
N THR A 239 -16.18 -17.00 -13.16
CA THR A 239 -17.47 -16.36 -13.05
C THR A 239 -18.30 -16.65 -14.29
N LEU A 240 -19.62 -16.55 -14.11
CA LEU A 240 -20.55 -16.80 -15.19
C LEU A 240 -21.02 -15.45 -15.71
N LEU A 241 -20.34 -15.00 -16.75
CA LEU A 241 -20.73 -13.79 -17.43
C LEU A 241 -22.01 -14.02 -18.21
N GLU A 242 -23.07 -13.34 -17.80
CA GLU A 242 -24.37 -13.56 -18.40
C GLU A 242 -24.45 -12.86 -19.74
N PRO A 243 -25.44 -13.23 -20.55
CA PRO A 243 -25.54 -12.64 -21.88
C PRO A 243 -25.66 -11.13 -21.81
N GLY A 244 -25.00 -10.46 -22.75
CA GLY A 244 -24.99 -9.02 -22.79
C GLY A 244 -24.00 -8.38 -21.85
N ASP A 245 -23.62 -9.07 -20.80
CA ASP A 245 -22.67 -8.51 -19.85
C ASP A 245 -21.27 -8.50 -20.43
N THR A 246 -20.50 -7.52 -19.98
CA THR A 246 -19.15 -7.29 -20.45
C THR A 246 -18.21 -7.48 -19.29
N ILE A 247 -17.18 -8.30 -19.49
CA ILE A 247 -16.16 -8.55 -18.50
C ILE A 247 -14.88 -7.89 -18.96
N ILE A 248 -14.23 -7.22 -18.04
CA ILE A 248 -13.00 -6.48 -18.29
C ILE A 248 -11.93 -7.00 -17.37
N PHE A 249 -10.76 -7.27 -17.94
CA PHE A 249 -9.57 -7.60 -17.20
C PHE A 249 -8.60 -6.43 -17.31
N GLU A 250 -8.08 -6.01 -16.17
CA GLU A 250 -7.01 -5.03 -16.13
C GLU A 250 -5.90 -5.63 -15.29
N ALA A 251 -4.68 -5.30 -15.65
CA ALA A 251 -3.57 -5.88 -14.93
C ALA A 251 -2.27 -5.21 -15.34
N ASN A 252 -1.41 -5.02 -14.35
CA ASN A 252 -0.01 -4.69 -14.56
C ASN A 252 0.88 -5.86 -14.22
N GLY A 253 0.29 -7.03 -14.05
CA GLY A 253 1.06 -8.22 -13.83
C GLY A 253 0.25 -9.30 -13.16
N ASN A 254 0.90 -10.45 -13.03
CA ASN A 254 0.44 -11.58 -12.24
C ASN A 254 -0.87 -12.17 -12.73
N LEU A 255 -1.21 -11.97 -13.99
CA LEU A 255 -2.44 -12.51 -14.54
C LEU A 255 -2.16 -13.79 -15.30
N ILE A 256 -2.93 -14.81 -14.97
CA ILE A 256 -3.05 -16.00 -15.81
C ILE A 256 -4.37 -15.84 -16.53
N ALA A 257 -4.29 -15.26 -17.71
CA ALA A 257 -5.47 -14.92 -18.45
C ALA A 257 -6.12 -16.14 -19.05
N PRO A 258 -7.37 -16.00 -19.45
CA PRO A 258 -8.04 -17.06 -20.18
C PRO A 258 -7.70 -17.05 -21.65
N ARG A 259 -7.58 -18.24 -22.21
CA ARG A 259 -7.46 -18.45 -23.63
C ARG A 259 -8.74 -19.02 -24.20
N TYR A 260 -9.40 -19.85 -23.44
CA TYR A 260 -10.69 -20.40 -23.81
C TYR A 260 -11.65 -20.25 -22.66
N ALA A 261 -12.92 -20.11 -23.01
CA ALA A 261 -14.00 -20.10 -22.06
C ALA A 261 -15.04 -21.09 -22.53
N PHE A 262 -16.17 -21.09 -21.84
CA PHE A 262 -17.20 -22.08 -22.05
C PHE A 262 -18.56 -21.40 -22.05
N ALA A 263 -19.35 -21.67 -23.07
CA ALA A 263 -20.73 -21.24 -23.13
C ALA A 263 -21.62 -22.40 -22.76
N LEU A 264 -22.39 -22.25 -21.70
CA LEU A 264 -23.02 -23.37 -21.05
C LEU A 264 -24.45 -23.57 -21.52
N SER A 265 -24.81 -24.83 -21.71
CA SER A 265 -26.16 -25.24 -22.01
C SER A 265 -26.66 -26.06 -20.85
N ARG A 266 -27.56 -25.49 -20.06
CA ARG A 266 -28.08 -26.17 -18.90
C ARG A 266 -28.94 -27.36 -19.32
N GLY A 267 -29.03 -28.33 -18.42
CA GLY A 267 -29.81 -29.52 -18.68
C GLY A 267 -30.18 -30.27 -17.43
N PHE A 268 -31.46 -30.58 -17.30
CA PHE A 268 -31.94 -31.41 -16.22
C PHE A 268 -31.48 -32.85 -16.42
N GLY A 269 -31.54 -33.62 -15.34
CA GLY A 269 -31.26 -35.04 -15.41
C GLY A 269 -29.79 -35.36 -15.45
N SER A 270 -28.99 -34.51 -16.08
CA SER A 270 -27.55 -34.68 -16.05
C SER A 270 -27.04 -34.48 -14.63
N GLY A 271 -25.73 -34.60 -14.47
CA GLY A 271 -25.14 -34.56 -13.16
C GLY A 271 -23.76 -35.18 -13.17
N ILE A 272 -23.16 -35.18 -11.99
CA ILE A 272 -21.79 -35.64 -11.79
C ILE A 272 -21.81 -36.87 -10.92
N ILE A 273 -21.10 -37.90 -11.36
CA ILE A 273 -21.05 -39.18 -10.69
C ILE A 273 -19.59 -39.49 -10.39
N ASN A 274 -19.31 -39.78 -9.14
CA ASN A 274 -17.95 -40.07 -8.69
C ASN A 274 -17.82 -41.58 -8.59
N SER A 275 -16.89 -42.15 -9.36
CA SER A 275 -16.74 -43.58 -9.42
C SER A 275 -15.54 -43.93 -10.28
N ASN A 276 -15.14 -45.19 -10.21
CA ASN A 276 -14.03 -45.73 -10.97
C ASN A 276 -14.45 -46.96 -11.76
N ALA A 277 -15.74 -47.18 -11.92
CA ALA A 277 -16.22 -48.34 -12.63
C ALA A 277 -15.86 -48.25 -14.11
N PRO A 278 -15.76 -49.38 -14.77
CA PRO A 278 -15.47 -49.38 -16.21
C PRO A 278 -16.70 -49.06 -17.04
N MET A 279 -16.47 -48.90 -18.32
CA MET A 279 -17.51 -48.68 -19.31
C MET A 279 -17.42 -49.70 -20.42
N ASP A 280 -18.57 -50.09 -20.93
CA ASP A 280 -18.72 -50.66 -22.25
C ASP A 280 -19.70 -49.79 -23.02
N GLU A 281 -19.93 -50.14 -24.28
CA GLU A 281 -20.94 -49.44 -25.06
C GLU A 281 -22.30 -50.10 -24.88
N CYS A 282 -22.62 -50.32 -23.61
CA CYS A 282 -23.97 -50.66 -23.19
C CYS A 282 -24.79 -49.38 -23.04
N ASP A 283 -26.09 -49.53 -23.24
CA ASP A 283 -27.03 -48.44 -23.10
C ASP A 283 -28.01 -48.76 -21.99
N ALA A 284 -28.42 -47.74 -21.25
CA ALA A 284 -29.25 -47.95 -20.09
C ALA A 284 -30.21 -46.78 -19.92
N LYS A 285 -31.18 -46.98 -19.04
CA LYS A 285 -32.14 -45.95 -18.68
C LYS A 285 -31.70 -45.18 -17.45
N CYS A 286 -31.11 -45.89 -16.50
CA CYS A 286 -30.63 -45.30 -15.27
C CYS A 286 -29.14 -45.58 -15.13
N GLN A 287 -28.50 -44.81 -14.26
CA GLN A 287 -27.09 -44.97 -14.00
C GLN A 287 -26.78 -44.60 -12.56
N THR A 288 -25.83 -45.30 -11.99
CA THR A 288 -25.37 -45.09 -10.63
C THR A 288 -23.89 -45.36 -10.57
N PRO A 289 -23.19 -44.80 -9.59
CA PRO A 289 -21.72 -44.90 -9.57
C PRO A 289 -21.22 -46.32 -9.57
N GLN A 290 -21.89 -47.24 -8.90
CA GLN A 290 -21.48 -48.64 -8.96
C GLN A 290 -21.86 -49.30 -10.26
N GLY A 291 -22.93 -48.86 -10.89
CA GLY A 291 -23.35 -49.48 -12.13
C GLY A 291 -24.71 -49.00 -12.54
N ALA A 292 -25.07 -49.39 -13.75
CA ALA A 292 -26.34 -48.97 -14.30
C ALA A 292 -27.46 -49.85 -13.76
N ILE A 293 -28.68 -49.45 -14.09
CA ILE A 293 -29.88 -50.17 -13.72
C ILE A 293 -30.75 -50.28 -14.95
N ASN A 294 -31.15 -51.51 -15.27
CA ASN A 294 -32.01 -51.76 -16.41
C ASN A 294 -33.06 -52.76 -15.93
N SER A 295 -34.14 -52.23 -15.38
CA SER A 295 -35.17 -53.05 -14.77
C SER A 295 -36.40 -52.19 -14.51
N SER A 296 -37.54 -52.85 -14.47
CA SER A 296 -38.82 -52.16 -14.41
C SER A 296 -39.21 -51.73 -13.01
N LEU A 297 -38.46 -52.13 -11.99
CA LEU A 297 -38.94 -51.98 -10.63
C LEU A 297 -38.97 -50.51 -10.24
N PRO A 298 -39.78 -50.17 -9.25
CA PRO A 298 -39.87 -48.78 -8.80
C PRO A 298 -38.76 -48.41 -7.83
N PHE A 299 -38.28 -49.37 -7.07
CA PHE A 299 -37.31 -49.14 -6.02
C PHE A 299 -35.96 -49.75 -6.37
N GLN A 300 -35.01 -49.55 -5.46
CA GLN A 300 -33.70 -50.16 -5.55
C GLN A 300 -32.92 -49.76 -4.30
N ASN A 301 -31.72 -50.33 -4.16
CA ASN A 301 -30.87 -50.01 -3.03
C ASN A 301 -29.39 -49.93 -3.37
N VAL A 302 -29.01 -50.07 -4.63
CA VAL A 302 -27.59 -50.10 -4.95
C VAL A 302 -26.95 -48.79 -4.56
N HIS A 303 -27.60 -47.69 -4.88
CA HIS A 303 -27.05 -46.39 -4.53
C HIS A 303 -28.09 -45.29 -4.70
N PRO A 304 -28.13 -44.33 -3.78
CA PRO A 304 -29.11 -43.25 -3.91
C PRO A 304 -28.81 -42.32 -5.06
N VAL A 305 -27.54 -41.95 -5.22
CA VAL A 305 -27.16 -41.17 -6.38
C VAL A 305 -27.60 -41.92 -7.62
N THR A 306 -28.27 -41.23 -8.52
CA THR A 306 -28.72 -41.86 -9.74
C THR A 306 -28.99 -40.81 -10.79
N ILE A 307 -28.99 -41.26 -12.02
CA ILE A 307 -29.25 -40.42 -13.17
C ILE A 307 -30.21 -41.12 -14.11
N GLY A 308 -31.17 -40.38 -14.62
CA GLY A 308 -32.10 -40.90 -15.60
C GLY A 308 -33.33 -41.50 -14.99
N GLU A 309 -34.15 -42.08 -15.86
CA GLU A 309 -35.35 -42.76 -15.44
C GLU A 309 -34.92 -43.96 -14.62
N CYS A 310 -35.04 -43.84 -13.30
CA CYS A 310 -34.46 -44.79 -12.39
C CYS A 310 -35.45 -45.18 -11.31
N PRO A 311 -35.30 -46.37 -10.73
CA PRO A 311 -36.01 -46.68 -9.50
C PRO A 311 -35.55 -45.81 -8.36
N LYS A 312 -36.42 -45.66 -7.38
CA LYS A 312 -36.18 -44.77 -6.27
C LYS A 312 -35.49 -45.52 -5.13
N TYR A 313 -34.49 -44.88 -4.54
CA TYR A 313 -33.62 -45.54 -3.59
C TYR A 313 -34.30 -45.81 -2.26
N VAL A 314 -33.85 -46.88 -1.62
CA VAL A 314 -34.20 -47.19 -0.24
C VAL A 314 -33.02 -47.92 0.38
N ARG A 315 -33.05 -48.07 1.70
CA ARG A 315 -32.04 -48.85 2.39
C ARG A 315 -32.45 -50.30 2.56
N SER A 316 -33.67 -50.66 2.20
CA SER A 316 -34.23 -51.92 2.61
C SER A 316 -33.73 -53.06 1.73
N ALA A 317 -34.26 -54.25 2.01
CA ALA A 317 -33.85 -55.44 1.28
C ALA A 317 -34.99 -56.41 0.94
N LYS A 318 -36.20 -56.21 1.48
CA LYS A 318 -37.22 -57.25 1.49
C LYS A 318 -38.58 -56.71 1.09
N LEU A 319 -38.64 -55.97 -0.01
CA LEU A 319 -39.90 -55.38 -0.45
C LEU A 319 -40.65 -56.40 -1.29
N ARG A 320 -41.55 -57.13 -0.65
CA ARG A 320 -42.40 -58.10 -1.33
C ARG A 320 -43.86 -57.79 -1.07
N MET A 321 -44.64 -57.75 -2.14
CA MET A 321 -46.08 -57.52 -2.09
C MET A 321 -46.78 -58.82 -2.41
N VAL A 322 -47.64 -59.28 -1.51
CA VAL A 322 -48.31 -60.54 -1.70
C VAL A 322 -49.43 -60.40 -2.72
N THR A 323 -49.67 -61.48 -3.45
CA THR A 323 -50.77 -61.56 -4.41
C THR A 323 -51.41 -62.94 -4.34
N GLY A 324 -51.67 -63.41 -3.12
CA GLY A 324 -52.18 -64.74 -2.92
C GLY A 324 -52.49 -65.06 -1.47
N LEU A 325 -52.06 -66.23 -1.01
CA LEU A 325 -52.29 -66.64 0.37
C LEU A 325 -51.14 -67.53 0.81
N ARG A 326 -51.22 -68.00 2.05
CA ARG A 326 -50.19 -68.82 2.64
C ARG A 326 -50.46 -70.32 2.44
N PHE A 397 -33.04 -35.24 -6.17
CA PHE A 397 -31.84 -35.61 -5.43
C PHE A 397 -30.60 -35.03 -6.10
N THR A 398 -29.47 -35.05 -5.37
CA THR A 398 -28.20 -34.55 -5.88
C THR A 398 -27.10 -35.53 -5.50
N ALA A 399 -26.00 -35.45 -6.24
CA ALA A 399 -24.80 -36.20 -5.91
C ALA A 399 -24.19 -35.66 -4.61
N VAL A 400 -23.17 -36.37 -4.13
CA VAL A 400 -22.60 -36.13 -2.81
C VAL A 400 -21.16 -36.61 -2.80
N GLY A 401 -20.42 -36.19 -1.77
CA GLY A 401 -19.10 -36.73 -1.50
C GLY A 401 -17.98 -35.72 -1.52
N LYS A 402 -18.01 -34.80 -2.49
CA LYS A 402 -16.97 -33.79 -2.64
C LYS A 402 -17.57 -32.42 -2.82
N GLU A 403 -18.84 -32.27 -2.48
CA GLU A 403 -19.59 -31.05 -2.74
C GLU A 403 -19.23 -29.93 -1.78
N PHE A 404 -18.39 -30.18 -0.79
CA PHE A 404 -18.07 -29.20 0.22
C PHE A 404 -16.62 -29.33 0.62
N ASN A 405 -16.04 -28.23 1.07
CA ASN A 405 -14.63 -28.16 1.40
C ASN A 405 -14.40 -28.28 2.90
N LYS A 406 -13.16 -28.03 3.29
CA LYS A 406 -12.78 -28.03 4.70
C LYS A 406 -13.71 -27.19 5.54
N LEU A 407 -13.74 -25.90 5.26
CA LEU A 407 -14.36 -24.89 6.10
C LEU A 407 -15.87 -24.95 6.08
N GLU A 408 -16.43 -25.95 5.44
CA GLU A 408 -17.87 -26.06 5.27
C GLU A 408 -18.41 -27.34 5.88
N ARG A 409 -17.70 -27.92 6.84
CA ARG A 409 -18.13 -29.23 7.33
C ARG A 409 -19.50 -29.18 7.98
N ARG A 410 -19.97 -28.00 8.35
CA ARG A 410 -21.34 -27.90 8.82
C ARG A 410 -22.30 -28.35 7.73
N MET A 411 -22.16 -27.70 6.58
CA MET A 411 -22.97 -27.98 5.35
C MET A 411 -23.05 -29.53 5.17
N GLU A 412 -21.87 -30.15 5.00
CA GLU A 412 -21.79 -31.57 4.75
C GLU A 412 -22.56 -32.31 5.83
N ASN A 413 -22.28 -31.99 7.09
CA ASN A 413 -23.03 -32.59 8.16
C ASN A 413 -24.51 -32.37 7.97
N LEU A 414 -24.89 -31.11 7.80
CA LEU A 414 -26.27 -30.77 7.50
C LEU A 414 -26.79 -31.58 6.33
N ASN A 415 -26.06 -31.58 5.22
CA ASN A 415 -26.52 -32.33 4.07
C ASN A 415 -26.54 -33.81 4.38
N LYS A 416 -25.52 -34.30 5.08
CA LYS A 416 -25.54 -35.69 5.51
C LYS A 416 -26.74 -35.94 6.38
N LYS A 417 -27.08 -34.98 7.23
CA LYS A 417 -28.24 -35.11 8.09
C LYS A 417 -29.52 -35.16 7.27
N VAL A 418 -29.52 -34.47 6.15
CA VAL A 418 -30.76 -34.32 5.38
C VAL A 418 -30.95 -35.51 4.47
N ASP A 419 -30.04 -35.70 3.53
CA ASP A 419 -30.12 -36.83 2.62
C ASP A 419 -30.38 -38.11 3.39
N ASP A 420 -29.46 -38.46 4.27
CA ASP A 420 -29.59 -39.68 5.06
C ASP A 420 -30.95 -39.73 5.73
N GLY A 421 -31.41 -38.61 6.25
CA GLY A 421 -32.72 -38.55 6.86
C GLY A 421 -33.78 -39.01 5.89
N PHE A 422 -33.92 -38.29 4.77
CA PHE A 422 -34.96 -38.64 3.82
C PHE A 422 -34.83 -40.08 3.40
N ILE A 423 -33.60 -40.52 3.15
CA ILE A 423 -33.38 -41.89 2.71
C ILE A 423 -34.01 -42.84 3.70
N ASP A 424 -33.76 -42.61 4.98
CA ASP A 424 -34.42 -43.40 6.01
C ASP A 424 -35.93 -43.20 5.94
N ILE A 425 -36.36 -41.95 5.97
CA ILE A 425 -37.77 -41.64 6.12
C ILE A 425 -38.59 -42.40 5.10
N TRP A 426 -38.38 -42.08 3.83
CA TRP A 426 -39.15 -42.72 2.78
C TRP A 426 -39.05 -44.22 2.89
N THR A 427 -37.84 -44.73 3.14
CA THR A 427 -37.67 -46.16 3.30
C THR A 427 -38.70 -46.70 4.26
N TYR A 428 -38.72 -46.17 5.48
CA TYR A 428 -39.71 -46.59 6.46
C TYR A 428 -41.09 -46.61 5.84
N ASN A 429 -41.52 -45.46 5.31
CA ASN A 429 -42.84 -45.37 4.71
C ASN A 429 -43.04 -46.51 3.72
N ALA A 430 -42.09 -46.68 2.81
CA ALA A 430 -42.21 -47.74 1.82
C ALA A 430 -42.44 -49.07 2.51
N GLU A 431 -41.57 -49.42 3.45
CA GLU A 431 -41.76 -50.66 4.18
C GLU A 431 -43.16 -50.67 4.78
N LEU A 432 -43.51 -49.60 5.48
CA LEU A 432 -44.83 -49.51 6.08
C LEU A 432 -45.89 -49.73 5.03
N LEU A 433 -45.74 -49.08 3.89
CA LEU A 433 -46.76 -49.20 2.86
C LEU A 433 -46.97 -50.65 2.48
N VAL A 434 -45.88 -51.40 2.28
CA VAL A 434 -46.04 -52.80 1.97
C VAL A 434 -46.52 -53.55 3.20
N LEU A 435 -45.98 -53.22 4.37
CA LEU A 435 -46.40 -53.90 5.58
C LEU A 435 -47.89 -53.72 5.79
N LEU A 436 -48.39 -52.53 5.49
CA LEU A 436 -49.83 -52.32 5.47
C LEU A 436 -50.48 -53.16 4.38
N GLU A 437 -49.96 -53.03 3.15
CA GLU A 437 -50.64 -53.61 2.01
C GLU A 437 -50.71 -55.12 2.11
N ASN A 438 -49.60 -55.74 2.54
CA ASN A 438 -49.61 -57.18 2.77
C ASN A 438 -50.62 -57.53 3.84
N GLU A 439 -50.70 -56.73 4.90
CA GLU A 439 -51.69 -56.97 5.93
C GLU A 439 -53.10 -56.89 5.36
N ARG A 440 -53.28 -56.13 4.28
CA ARG A 440 -54.57 -56.00 3.63
C ARG A 440 -54.74 -57.05 2.54
N THR A 441 -53.84 -57.05 1.56
CA THR A 441 -53.93 -57.95 0.42
C THR A 441 -53.79 -59.41 0.80
N LEU A 442 -53.65 -59.73 2.09
CA LEU A 442 -53.74 -61.11 2.52
C LEU A 442 -55.18 -61.58 2.65
N ASP A 443 -56.14 -60.66 2.66
CA ASP A 443 -57.55 -61.01 2.72
C ASP A 443 -57.96 -61.85 1.50
N THR B 33 -55.64 -46.41 29.94
CA THR B 33 -56.35 -46.44 28.62
C THR B 33 -56.92 -47.84 28.38
N VAL B 34 -56.21 -48.85 28.88
CA VAL B 34 -56.63 -50.24 28.75
C VAL B 34 -55.90 -51.03 29.84
N THR B 35 -56.39 -52.24 30.10
CA THR B 35 -55.92 -53.00 31.25
C THR B 35 -54.42 -53.26 31.19
N HIS B 36 -53.94 -53.73 30.04
CA HIS B 36 -52.53 -54.07 29.86
C HIS B 36 -51.93 -53.13 28.83
N SER B 37 -50.74 -52.60 29.15
CA SER B 37 -50.06 -51.70 28.24
C SER B 37 -48.63 -51.54 28.68
N VAL B 38 -47.79 -51.17 27.72
CA VAL B 38 -46.37 -50.94 27.93
C VAL B 38 -46.05 -49.53 27.46
N ASN B 39 -45.31 -48.79 28.26
CA ASN B 39 -44.86 -47.48 27.87
C ASN B 39 -43.52 -47.59 27.16
N LEU B 40 -43.36 -46.77 26.12
CA LEU B 40 -42.16 -46.76 25.32
C LEU B 40 -41.35 -45.49 25.48
N LEU B 41 -41.89 -44.49 26.16
CA LEU B 41 -41.31 -43.17 26.22
C LEU B 41 -40.73 -42.92 27.59
N GLU B 42 -39.54 -42.35 27.62
CA GLU B 42 -38.85 -42.01 28.87
C GLU B 42 -38.80 -40.50 29.00
N ASP B 43 -39.32 -39.99 30.10
CA ASP B 43 -39.44 -38.56 30.33
C ASP B 43 -38.71 -38.10 31.58
N SER B 44 -37.82 -38.92 32.12
CA SER B 44 -37.18 -38.64 33.41
C SER B 44 -35.67 -38.68 33.23
N HIS B 45 -35.05 -37.50 33.33
CA HIS B 45 -33.61 -37.37 33.31
C HIS B 45 -33.09 -37.14 34.71
N ASN B 46 -31.99 -37.81 35.04
CA ASN B 46 -31.40 -37.72 36.36
C ASN B 46 -30.87 -36.34 36.68
N GLY B 47 -31.06 -35.36 35.80
CA GLY B 47 -30.68 -34.00 36.10
C GLY B 47 -29.21 -33.78 36.33
N LYS B 48 -28.35 -34.66 35.84
CA LYS B 48 -26.92 -34.53 36.10
C LYS B 48 -26.12 -34.97 34.89
N LEU B 49 -24.88 -34.48 34.83
CA LEU B 49 -23.95 -34.76 33.76
C LEU B 49 -23.04 -35.89 34.22
N CYS B 50 -23.53 -37.11 34.06
CA CYS B 50 -22.83 -38.28 34.55
C CYS B 50 -21.62 -38.60 33.68
N LEU B 51 -20.91 -39.65 34.06
CA LEU B 51 -19.95 -40.24 33.15
C LEU B 51 -20.69 -40.98 32.04
N LEU B 52 -19.98 -41.22 30.95
CA LEU B 52 -20.51 -41.99 29.83
C LEU B 52 -19.64 -43.20 29.64
N LYS B 53 -20.22 -44.39 29.75
CA LYS B 53 -19.50 -45.66 29.64
C LYS B 53 -18.32 -45.70 30.60
N GLY B 54 -18.35 -44.88 31.63
CA GLY B 54 -17.25 -44.81 32.58
C GLY B 54 -16.16 -43.85 32.22
N ILE B 55 -16.34 -43.04 31.19
CA ILE B 55 -15.38 -42.00 30.83
C ILE B 55 -15.98 -40.65 31.21
N ALA B 56 -15.16 -39.75 31.50
CA ALA B 56 -15.61 -38.51 32.07
C ALA B 56 -15.58 -37.40 31.03
N PRO B 57 -16.54 -36.50 31.08
CA PRO B 57 -16.54 -35.37 30.15
C PRO B 57 -15.51 -34.33 30.49
N LEU B 58 -15.58 -33.23 29.78
CA LEU B 58 -14.74 -32.07 29.98
C LEU B 58 -15.65 -30.92 30.35
N GLN B 59 -15.53 -30.44 31.57
CA GLN B 59 -16.34 -29.33 32.06
C GLN B 59 -15.54 -28.06 31.93
N LEU B 60 -15.87 -27.28 30.91
CA LEU B 60 -15.22 -26.00 30.70
C LEU B 60 -15.61 -25.00 31.78
N GLY B 61 -16.80 -25.13 32.33
CA GLY B 61 -17.20 -24.22 33.37
C GLY B 61 -17.47 -22.86 32.80
N ASN B 62 -16.99 -21.81 33.48
CA ASN B 62 -17.16 -20.47 32.94
C ASN B 62 -16.56 -20.39 31.56
N CYS B 63 -15.50 -21.15 31.30
CA CYS B 63 -14.77 -21.02 30.05
C CYS B 63 -15.57 -21.57 28.89
N SER B 64 -15.36 -20.96 27.74
CA SER B 64 -15.95 -21.40 26.49
C SER B 64 -14.90 -22.14 25.67
N VAL B 65 -15.35 -22.64 24.52
CA VAL B 65 -14.46 -23.39 23.64
C VAL B 65 -13.31 -22.52 23.22
N ALA B 66 -13.59 -21.25 22.92
CA ALA B 66 -12.55 -20.36 22.45
C ALA B 66 -11.48 -20.16 23.50
N GLY B 67 -11.91 -19.93 24.75
CA GLY B 67 -10.94 -19.78 25.81
C GLY B 67 -10.17 -21.05 26.07
N TRP B 68 -10.86 -22.18 26.00
CA TRP B 68 -10.20 -23.46 26.23
C TRP B 68 -9.10 -23.68 25.22
N ILE B 69 -9.42 -23.56 23.94
CA ILE B 69 -8.43 -23.78 22.91
C ILE B 69 -7.32 -22.75 23.02
N LEU B 70 -7.70 -21.47 23.07
CA LEU B 70 -6.72 -20.41 23.20
C LEU B 70 -5.97 -20.49 24.51
N GLY B 71 -6.54 -21.12 25.51
CA GLY B 71 -5.88 -21.19 26.79
C GLY B 71 -6.16 -19.99 27.64
N ASN B 72 -7.42 -19.65 27.78
CA ASN B 72 -7.78 -18.55 28.65
C ASN B 72 -7.38 -18.90 30.07
N PRO B 73 -6.63 -18.05 30.76
CA PRO B 73 -6.06 -18.44 32.04
C PRO B 73 -7.06 -19.01 33.01
N GLU B 74 -8.30 -18.54 32.95
CA GLU B 74 -9.29 -18.95 33.93
C GLU B 74 -9.78 -20.37 33.74
N CYS B 75 -9.17 -21.13 32.84
CA CYS B 75 -9.69 -22.45 32.50
C CYS B 75 -8.98 -23.57 33.24
N GLU B 76 -7.65 -23.56 33.28
CA GLU B 76 -6.89 -24.50 34.08
C GLU B 76 -7.06 -25.94 33.65
N LEU B 77 -7.73 -26.17 32.52
CA LEU B 77 -7.93 -27.50 31.97
C LEU B 77 -6.75 -27.97 31.15
N LEU B 78 -5.81 -27.09 30.86
CA LEU B 78 -4.79 -27.35 29.87
C LEU B 78 -3.92 -28.52 30.29
N ILE B 79 -3.17 -28.33 31.39
CA ILE B 79 -2.25 -29.36 31.86
C ILE B 79 -2.97 -30.66 32.18
N SER B 80 -4.27 -30.62 32.45
CA SER B 80 -4.91 -31.69 33.20
C SER B 80 -5.85 -32.56 32.38
N ARG B 81 -6.39 -32.06 31.28
CA ARG B 81 -7.36 -32.81 30.50
C ARG B 81 -6.90 -32.91 29.06
N GLU B 82 -6.97 -34.12 28.51
CA GLU B 82 -6.72 -34.34 27.10
C GLU B 82 -7.67 -35.35 26.50
N SER B 83 -8.58 -35.92 27.27
CA SER B 83 -9.51 -36.91 26.78
C SER B 83 -10.84 -36.75 27.49
N TRP B 84 -11.88 -37.27 26.86
CA TRP B 84 -13.20 -37.20 27.43
C TRP B 84 -14.13 -38.10 26.64
N SER B 85 -15.41 -38.03 27.00
CA SER B 85 -16.49 -38.63 26.25
C SER B 85 -17.31 -37.58 25.53
N TYR B 86 -17.49 -36.43 26.17
CA TYR B 86 -18.16 -35.30 25.56
C TYR B 86 -17.70 -34.03 26.24
N ILE B 87 -18.03 -32.92 25.63
CA ILE B 87 -17.67 -31.61 26.14
C ILE B 87 -18.92 -30.94 26.67
N VAL B 88 -18.75 -30.17 27.73
CA VAL B 88 -19.84 -29.49 28.41
C VAL B 88 -19.52 -28.01 28.44
N GLU B 89 -20.42 -27.22 27.88
CA GLU B 89 -20.30 -25.78 27.89
C GLU B 89 -21.57 -25.17 28.44
N LYS B 90 -21.43 -24.05 29.10
CA LYS B 90 -22.58 -23.40 29.67
C LYS B 90 -23.22 -22.46 28.66
N PRO B 91 -24.50 -22.15 28.84
CA PRO B 91 -25.21 -21.38 27.81
C PRO B 91 -24.54 -20.07 27.42
N ASN B 92 -24.14 -19.28 28.40
CA ASN B 92 -23.51 -17.99 28.17
C ASN B 92 -22.24 -17.95 29.01
N PRO B 93 -21.19 -18.62 28.54
CA PRO B 93 -19.91 -18.54 29.23
C PRO B 93 -19.24 -17.20 28.98
N GLU B 94 -18.69 -16.63 30.03
CA GLU B 94 -18.09 -15.32 29.95
C GLU B 94 -16.60 -15.37 29.76
N ASN B 95 -15.95 -16.48 30.11
CA ASN B 95 -14.50 -16.59 30.03
C ASN B 95 -14.12 -17.32 28.75
N GLY B 96 -14.12 -16.56 27.67
CA GLY B 96 -13.69 -17.05 26.40
C GLY B 96 -12.53 -16.23 25.89
N THR B 97 -12.79 -15.49 24.83
CA THR B 97 -11.81 -14.58 24.27
C THR B 97 -11.58 -13.42 25.21
N CYS B 98 -10.43 -13.41 25.88
CA CYS B 98 -10.14 -12.38 26.87
C CYS B 98 -9.76 -11.07 26.21
N TYR B 99 -8.93 -11.13 25.18
CA TYR B 99 -8.55 -9.95 24.45
C TYR B 99 -9.48 -9.82 23.27
N PRO B 100 -10.22 -8.74 23.17
CA PRO B 100 -11.33 -8.71 22.21
C PRO B 100 -10.86 -8.97 20.80
N GLY B 101 -11.69 -9.67 20.05
CA GLY B 101 -11.44 -9.83 18.65
C GLY B 101 -12.28 -10.93 18.05
N HIS B 102 -12.16 -11.06 16.74
CA HIS B 102 -12.96 -12.00 16.00
C HIS B 102 -12.23 -13.33 15.89
N PHE B 103 -12.87 -14.37 16.34
CA PHE B 103 -12.34 -15.72 16.23
C PHE B 103 -12.90 -16.31 14.94
N ALA B 104 -12.08 -16.31 13.91
CA ALA B 104 -12.54 -16.74 12.61
C ALA B 104 -13.03 -18.18 12.64
N ASP B 105 -14.11 -18.43 11.91
CA ASP B 105 -14.64 -19.77 11.78
C ASP B 105 -14.81 -20.43 13.14
N TYR B 106 -15.23 -19.63 14.11
CA TYR B 106 -15.42 -20.15 15.46
C TYR B 106 -16.36 -21.34 15.46
N GLU B 107 -17.47 -21.21 14.74
CA GLU B 107 -18.46 -22.27 14.74
C GLU B 107 -17.98 -23.49 13.98
N GLU B 108 -17.22 -23.27 12.91
CA GLU B 108 -16.61 -24.39 12.22
C GLU B 108 -15.65 -25.12 13.13
N LEU B 109 -14.93 -24.37 13.95
CA LEU B 109 -14.04 -25.00 14.92
C LEU B 109 -14.82 -25.79 15.94
N ARG B 110 -15.94 -25.25 16.41
CA ARG B 110 -16.78 -26.01 17.32
C ARG B 110 -17.18 -27.33 16.69
N GLU B 111 -17.56 -27.29 15.43
CA GLU B 111 -17.98 -28.52 14.77
C GLU B 111 -16.82 -29.47 14.58
N GLN B 112 -15.62 -28.93 14.37
CA GLN B 112 -14.42 -29.77 14.34
C GLN B 112 -14.27 -30.49 15.67
N LEU B 113 -14.38 -29.74 16.76
CA LEU B 113 -14.05 -30.27 18.06
C LEU B 113 -15.13 -31.18 18.61
N SER B 114 -16.33 -31.09 18.06
CA SER B 114 -17.38 -32.01 18.47
C SER B 114 -16.94 -33.44 18.28
N SER B 115 -16.20 -33.72 17.22
CA SER B 115 -15.78 -35.06 16.87
C SER B 115 -14.42 -35.42 17.46
N VAL B 116 -13.83 -34.55 18.26
CA VAL B 116 -12.58 -34.82 18.93
C VAL B 116 -12.86 -35.60 20.20
N SER B 117 -12.39 -36.84 20.24
CA SER B 117 -12.47 -37.64 21.46
C SER B 117 -11.34 -37.34 22.42
N SER B 118 -10.21 -36.85 21.91
CA SER B 118 -9.06 -36.56 22.73
C SER B 118 -8.07 -35.79 21.86
N PHE B 119 -6.98 -35.36 22.49
CA PHE B 119 -5.90 -34.77 21.74
C PHE B 119 -4.64 -34.71 22.59
N GLU B 120 -3.60 -34.10 22.01
CA GLU B 120 -2.30 -33.94 22.64
C GLU B 120 -1.89 -32.49 22.47
N ARG B 121 -1.80 -31.78 23.60
CA ARG B 121 -1.44 -30.38 23.59
C ARG B 121 0.07 -30.28 23.71
N PHE B 122 0.72 -29.98 22.61
CA PHE B 122 2.16 -29.96 22.53
C PHE B 122 2.67 -28.58 22.12
N GLU B 123 3.92 -28.31 22.50
CA GLU B 123 4.52 -27.00 22.31
C GLU B 123 5.17 -26.95 20.95
N ILE B 124 4.33 -26.78 19.94
CA ILE B 124 4.78 -26.68 18.55
C ILE B 124 5.96 -25.73 18.43
N PHE B 125 5.84 -24.54 19.01
CA PHE B 125 6.89 -23.53 18.99
C PHE B 125 7.31 -23.25 20.43
N PRO B 126 8.32 -23.94 20.94
CA PRO B 126 8.75 -23.70 22.31
C PRO B 126 9.09 -22.24 22.56
N LYS B 127 8.55 -21.70 23.64
CA LYS B 127 8.75 -20.30 23.96
C LYS B 127 10.22 -19.97 24.13
N GLU B 128 11.00 -20.93 24.63
CA GLU B 128 12.35 -20.64 25.05
C GLU B 128 13.32 -20.60 23.88
N SER B 129 13.18 -21.52 22.94
CA SER B 129 14.13 -21.67 21.86
C SER B 129 13.59 -21.25 20.51
N SER B 130 12.27 -21.16 20.35
CA SER B 130 11.71 -20.80 19.06
C SER B 130 11.84 -19.31 18.78
N TRP B 131 11.82 -18.48 19.82
CA TRP B 131 11.81 -17.03 19.68
C TRP B 131 12.92 -16.44 20.52
N PRO B 132 14.16 -16.72 20.14
CA PRO B 132 15.30 -16.22 20.92
C PRO B 132 15.41 -14.72 20.92
N ASN B 133 15.11 -14.08 19.79
CA ASN B 133 15.38 -12.67 19.59
C ASN B 133 14.09 -11.87 19.47
N HIS B 134 13.02 -12.36 20.09
CA HIS B 134 11.74 -11.66 20.12
C HIS B 134 11.21 -11.68 21.54
N THR B 135 10.73 -10.53 21.99
CA THR B 135 10.26 -10.40 23.35
C THR B 135 8.94 -11.10 23.56
N THR B 136 9.01 -12.38 23.91
CA THR B 136 7.91 -13.05 24.54
C THR B 136 7.57 -12.33 25.84
N THR B 137 6.49 -12.77 26.48
CA THR B 137 6.04 -12.19 27.73
C THR B 137 5.31 -10.89 27.48
N GLY B 138 4.68 -10.79 26.31
CA GLY B 138 3.72 -9.74 26.11
C GLY B 138 2.42 -10.08 26.82
N VAL B 139 1.90 -9.12 27.55
CA VAL B 139 0.81 -9.37 28.48
C VAL B 139 -0.14 -8.20 28.48
N SER B 140 -1.40 -8.50 28.75
CA SER B 140 -2.45 -7.49 28.82
C SER B 140 -3.30 -7.73 30.05
N ALA B 141 -3.92 -6.65 30.51
CA ALA B 141 -4.82 -6.74 31.66
C ALA B 141 -6.13 -7.41 31.30
N SER B 142 -6.51 -7.36 30.03
CA SER B 142 -7.78 -7.93 29.61
C SER B 142 -7.82 -9.43 29.83
N CYS B 143 -6.67 -10.04 30.06
CA CYS B 143 -6.56 -11.49 30.24
C CYS B 143 -6.00 -11.80 31.62
N SER B 144 -6.24 -10.92 32.57
CA SER B 144 -5.62 -11.03 33.88
C SER B 144 -6.03 -12.31 34.59
N HIS B 145 -5.11 -12.82 35.38
CA HIS B 145 -5.30 -14.03 36.17
C HIS B 145 -4.84 -13.74 37.59
N ASN B 146 -5.67 -14.13 38.55
CA ASN B 146 -5.37 -13.87 39.96
C ASN B 146 -4.88 -12.45 40.16
N GLY B 147 -5.48 -11.51 39.43
CA GLY B 147 -5.21 -10.11 39.64
C GLY B 147 -4.06 -9.60 38.79
N GLU B 148 -3.13 -10.48 38.47
CA GLU B 148 -1.99 -10.09 37.66
C GLU B 148 -2.35 -10.15 36.19
N SER B 149 -1.92 -9.14 35.45
CA SER B 149 -2.09 -9.18 34.01
C SER B 149 -1.34 -10.37 33.44
N SER B 150 -1.99 -11.08 32.55
CA SER B 150 -1.42 -12.26 31.93
C SER B 150 -1.95 -12.36 30.51
N PHE B 151 -1.82 -13.54 29.93
CA PHE B 151 -2.19 -13.73 28.54
C PHE B 151 -2.57 -15.18 28.34
N TYR B 152 -3.12 -15.47 27.17
CA TYR B 152 -3.45 -16.83 26.81
C TYR B 152 -2.25 -17.71 27.03
N LYS B 153 -2.48 -18.99 27.25
CA LYS B 153 -1.40 -19.92 27.51
C LYS B 153 -1.02 -20.73 26.30
N ASN B 154 -1.97 -21.00 25.42
CA ASN B 154 -1.70 -21.70 24.18
C ASN B 154 -1.30 -20.76 23.06
N LEU B 155 -1.12 -19.49 23.35
CA LEU B 155 -0.64 -18.54 22.37
C LEU B 155 0.51 -17.75 22.95
N LEU B 156 1.10 -16.94 22.09
CA LEU B 156 2.28 -16.17 22.41
C LEU B 156 2.16 -14.81 21.75
N TRP B 157 2.35 -13.76 22.54
CA TRP B 157 2.27 -12.41 22.04
C TRP B 157 3.69 -11.92 21.85
N LEU B 158 4.22 -12.17 20.66
CA LEU B 158 5.54 -11.69 20.31
C LEU B 158 5.58 -10.18 20.28
N THR B 159 6.76 -9.67 20.58
CA THR B 159 7.02 -8.25 20.57
C THR B 159 8.51 -8.08 20.31
N GLY B 160 8.86 -6.92 19.81
CA GLY B 160 10.24 -6.67 19.47
C GLY B 160 11.14 -6.65 20.69
N LYS B 161 12.43 -6.71 20.42
CA LYS B 161 13.45 -6.72 21.44
C LYS B 161 14.60 -5.83 21.03
N ASN B 162 15.18 -5.14 22.00
CA ASN B 162 16.34 -4.30 21.77
C ASN B 162 16.11 -3.35 20.61
N GLY B 163 14.85 -2.99 20.39
CA GLY B 163 14.50 -2.07 19.34
C GLY B 163 14.30 -2.69 17.98
N LEU B 164 14.32 -4.02 17.90
CA LEU B 164 14.13 -4.72 16.66
C LEU B 164 12.98 -5.70 16.79
N TYR B 165 12.29 -5.93 15.67
CA TYR B 165 11.35 -7.03 15.50
C TYR B 165 11.78 -7.71 14.22
N PRO B 166 12.88 -8.45 14.27
CA PRO B 166 13.42 -9.03 13.05
C PRO B 166 12.42 -9.98 12.41
N ASN B 167 12.38 -9.97 11.10
CA ASN B 167 11.49 -10.86 10.40
C ASN B 167 11.71 -12.29 10.85
N LEU B 168 10.63 -12.98 11.12
CA LEU B 168 10.65 -14.35 11.55
C LEU B 168 10.06 -15.24 10.48
N SER B 169 10.52 -16.48 10.45
CA SER B 169 10.16 -17.40 9.39
C SER B 169 9.95 -18.80 9.93
N LYS B 170 9.48 -18.91 11.16
CA LYS B 170 9.41 -20.21 11.80
C LYS B 170 8.44 -21.13 11.05
N SER B 171 8.73 -22.42 11.11
CA SER B 171 7.99 -23.42 10.38
C SER B 171 7.77 -24.63 11.26
N TYR B 172 6.73 -25.39 10.92
CA TYR B 172 6.45 -26.64 11.60
C TYR B 172 5.96 -27.66 10.58
N ALA B 173 6.50 -28.85 10.65
CA ALA B 173 6.10 -29.95 9.79
C ALA B 173 5.35 -30.98 10.60
N ASN B 174 4.10 -31.20 10.25
CA ASN B 174 3.27 -32.15 10.98
C ASN B 174 3.77 -33.55 10.69
N ASN B 175 4.53 -34.09 11.65
CA ASN B 175 5.03 -35.45 11.59
C ASN B 175 4.42 -36.32 12.67
N LYS B 176 3.30 -35.88 13.24
CA LYS B 176 2.66 -36.59 14.32
C LYS B 176 1.64 -37.61 13.85
N GLU B 177 1.41 -37.70 12.55
CA GLU B 177 0.49 -38.68 11.96
C GLU B 177 -0.94 -38.44 12.40
N LYS B 178 -1.22 -37.25 12.92
CA LYS B 178 -2.58 -36.83 13.21
C LYS B 178 -2.71 -35.38 12.80
N GLU B 179 -3.89 -35.01 12.31
CA GLU B 179 -4.11 -33.63 11.95
C GLU B 179 -3.90 -32.74 13.16
N VAL B 180 -3.23 -31.62 12.93
CA VAL B 180 -2.76 -30.75 13.99
C VAL B 180 -3.53 -29.44 13.91
N LEU B 181 -4.18 -29.09 15.00
CA LEU B 181 -4.93 -27.86 15.08
C LEU B 181 -3.98 -26.75 15.50
N VAL B 182 -3.77 -25.79 14.63
CA VAL B 182 -2.88 -24.68 14.88
C VAL B 182 -3.72 -23.43 15.05
N LEU B 183 -3.32 -22.63 16.01
CA LEU B 183 -3.98 -21.39 16.37
C LEU B 183 -2.98 -20.26 16.19
N TRP B 184 -3.48 -19.08 15.88
CA TRP B 184 -2.64 -17.91 15.89
C TRP B 184 -3.51 -16.67 15.88
N GLY B 185 -2.87 -15.53 15.86
CA GLY B 185 -3.60 -14.29 15.99
C GLY B 185 -2.83 -13.13 15.44
N VAL B 186 -3.59 -12.09 15.10
CA VAL B 186 -3.05 -10.88 14.56
C VAL B 186 -3.56 -9.72 15.40
N HIS B 187 -2.64 -8.90 15.88
CA HIS B 187 -2.99 -7.77 16.73
C HIS B 187 -3.31 -6.57 15.86
N HIS B 188 -4.53 -6.10 15.95
CA HIS B 188 -4.93 -4.86 15.35
C HIS B 188 -4.93 -3.81 16.44
N PRO B 189 -3.84 -3.08 16.58
CA PRO B 189 -3.72 -2.17 17.68
C PRO B 189 -4.59 -0.96 17.50
N PRO B 190 -4.83 -0.22 18.57
CA PRO B 190 -5.75 0.91 18.47
C PRO B 190 -5.15 2.12 17.77
N ASN B 191 -3.84 2.23 17.72
CA ASN B 191 -3.22 3.40 17.13
C ASN B 191 -1.85 3.02 16.59
N ILE B 192 -1.32 3.90 15.75
CA ILE B 192 -0.08 3.62 15.05
C ILE B 192 1.10 3.64 16.00
N GLY B 193 1.01 4.46 17.04
CA GLY B 193 2.10 4.48 18.01
C GLY B 193 2.20 3.19 18.80
N ASP B 194 1.06 2.60 19.12
CA ASP B 194 1.08 1.32 19.80
C ASP B 194 1.76 0.26 18.94
N GLN B 195 1.43 0.22 17.66
CA GLN B 195 2.08 -0.74 16.78
C GLN B 195 3.56 -0.44 16.65
N ARG B 196 3.91 0.82 16.52
CA ARG B 196 5.30 1.17 16.40
C ARG B 196 6.06 0.76 17.64
N ALA B 197 5.39 0.77 18.79
CA ALA B 197 6.02 0.39 20.05
C ALA B 197 6.19 -1.10 20.16
N LEU B 198 5.16 -1.86 19.86
CA LEU B 198 5.20 -3.30 19.97
C LEU B 198 6.09 -3.93 18.91
N TYR B 199 6.13 -3.36 17.72
CA TYR B 199 6.69 -4.04 16.58
C TYR B 199 7.61 -3.16 15.74
N HIS B 200 7.66 -1.86 16.01
CA HIS B 200 8.61 -0.96 15.36
C HIS B 200 8.47 -1.00 13.85
N THR B 201 7.23 -1.02 13.37
CA THR B 201 6.92 -0.86 11.97
C THR B 201 5.49 -0.37 11.84
N GLU B 202 5.26 0.47 10.86
CA GLU B 202 3.94 1.03 10.62
C GLU B 202 3.10 0.19 9.66
N ASN B 203 3.73 -0.67 8.88
CA ASN B 203 3.12 -1.31 7.73
C ASN B 203 3.41 -2.80 7.75
N ALA B 204 3.11 -3.41 8.88
CA ALA B 204 3.45 -4.79 9.09
C ALA B 204 2.50 -5.72 8.36
N TYR B 205 2.85 -6.99 8.37
CA TYR B 205 2.06 -8.01 7.71
C TYR B 205 2.30 -9.35 8.40
N VAL B 206 1.38 -10.26 8.17
CA VAL B 206 1.47 -11.61 8.70
C VAL B 206 1.10 -12.58 7.59
N SER B 207 2.01 -13.47 7.25
CA SER B 207 1.78 -14.42 6.19
C SER B 207 1.78 -15.81 6.78
N VAL B 208 0.74 -16.57 6.50
CA VAL B 208 0.63 -17.93 7.01
C VAL B 208 0.35 -18.83 5.83
N VAL B 209 1.19 -19.84 5.68
CA VAL B 209 1.15 -20.66 4.48
C VAL B 209 1.26 -22.13 4.83
N SER B 210 0.71 -22.96 3.96
CA SER B 210 0.84 -24.39 4.03
C SER B 210 0.77 -24.94 2.61
N SER B 211 0.52 -26.24 2.49
CA SER B 211 0.42 -26.84 1.17
C SER B 211 -0.79 -26.34 0.43
N HIS B 212 -1.90 -26.11 1.13
CA HIS B 212 -3.05 -25.47 0.50
C HIS B 212 -3.22 -24.09 1.09
N TYR B 213 -3.25 -24.03 2.42
CA TYR B 213 -3.56 -22.80 3.12
C TYR B 213 -2.53 -21.75 2.81
N SER B 214 -3.00 -20.61 2.31
CA SER B 214 -2.17 -19.45 2.08
C SER B 214 -3.00 -18.25 2.42
N ARG B 215 -2.44 -17.35 3.22
CA ARG B 215 -3.18 -16.19 3.63
C ARG B 215 -2.23 -15.11 4.11
N LYS B 216 -2.71 -13.88 4.02
CA LYS B 216 -1.94 -12.73 4.42
C LYS B 216 -2.87 -11.77 5.14
N PHE B 217 -2.39 -11.24 6.25
CA PHE B 217 -3.15 -10.37 7.11
C PHE B 217 -2.40 -9.06 7.26
N THR B 218 -3.08 -7.98 7.00
CA THR B 218 -2.53 -6.70 7.37
C THR B 218 -3.28 -6.16 8.57
N PRO B 219 -2.56 -5.63 9.55
CA PRO B 219 -3.24 -5.02 10.69
C PRO B 219 -4.02 -3.79 10.28
N GLU B 220 -5.18 -3.66 10.89
CA GLU B 220 -6.05 -2.50 10.71
C GLU B 220 -6.01 -1.70 11.99
N ILE B 221 -5.51 -0.48 11.89
CA ILE B 221 -5.31 0.39 13.04
C ILE B 221 -6.47 1.36 13.12
N ALA B 222 -7.10 1.41 14.29
CA ALA B 222 -8.26 2.27 14.48
C ALA B 222 -8.64 2.26 15.94
N LYS B 223 -9.06 3.42 16.44
CA LYS B 223 -9.70 3.47 17.73
C LYS B 223 -11.05 2.78 17.66
N ARG B 224 -11.41 2.14 18.75
CA ARG B 224 -12.59 1.30 18.77
C ARG B 224 -13.24 1.39 20.14
N PRO B 225 -14.46 0.91 20.27
CA PRO B 225 -15.07 0.81 21.59
C PRO B 225 -14.23 -0.02 22.53
N LYS B 226 -14.20 0.39 23.78
CA LYS B 226 -13.21 -0.09 24.74
C LYS B 226 -13.77 -1.32 25.47
N VAL B 227 -13.81 -2.42 24.71
CA VAL B 227 -14.17 -3.70 25.29
C VAL B 227 -13.08 -4.18 26.23
N ARG B 228 -13.51 -4.78 27.34
CA ARG B 228 -12.61 -5.23 28.39
C ARG B 228 -11.45 -4.26 28.54
N ASP B 229 -11.81 -2.98 28.58
CA ASP B 229 -10.88 -1.89 28.83
C ASP B 229 -9.79 -1.86 27.78
N GLN B 230 -9.99 -2.56 26.67
CA GLN B 230 -9.01 -2.61 25.60
C GLN B 230 -9.61 -2.04 24.33
N GLU B 231 -8.83 -1.20 23.67
CA GLU B 231 -9.28 -0.49 22.49
C GLU B 231 -8.78 -1.13 21.20
N GLY B 232 -7.87 -2.10 21.30
CA GLY B 232 -7.41 -2.84 20.15
C GLY B 232 -8.18 -4.12 19.99
N ARG B 233 -7.69 -4.94 19.08
CA ARG B 233 -8.31 -6.22 18.81
C ARG B 233 -7.25 -7.26 18.50
N ILE B 234 -7.65 -8.51 18.58
CA ILE B 234 -6.86 -9.61 18.06
C ILE B 234 -7.77 -10.50 17.24
N ASN B 235 -7.43 -10.68 15.98
CA ASN B 235 -8.15 -11.59 15.12
C ASN B 235 -7.53 -12.96 15.29
N TYR B 236 -8.35 -13.94 15.64
CA TYR B 236 -7.88 -15.27 15.91
C TYR B 236 -8.18 -16.17 14.72
N TYR B 237 -7.18 -16.93 14.32
CA TYR B 237 -7.25 -17.74 13.15
C TYR B 237 -6.75 -19.13 13.49
N TRP B 238 -7.16 -20.09 12.68
CA TRP B 238 -6.79 -21.47 12.95
C TRP B 238 -6.76 -22.24 11.65
N THR B 239 -6.16 -23.43 11.73
CA THR B 239 -6.21 -24.34 10.61
C THR B 239 -5.77 -25.72 11.04
N LEU B 240 -6.21 -26.72 10.29
CA LEU B 240 -5.88 -28.10 10.56
C LEU B 240 -4.79 -28.51 9.60
N LEU B 241 -3.56 -28.39 10.05
CA LEU B 241 -2.42 -28.85 9.29
C LEU B 241 -2.39 -30.36 9.26
N GLU B 242 -2.57 -30.91 8.08
CA GLU B 242 -2.66 -32.35 7.94
C GLU B 242 -1.28 -32.98 8.01
N PRO B 243 -1.22 -34.30 8.23
CA PRO B 243 0.08 -34.94 8.38
C PRO B 243 0.94 -34.74 7.16
N GLY B 244 2.23 -34.54 7.41
CA GLY B 244 3.18 -34.28 6.36
C GLY B 244 3.21 -32.87 5.86
N ASP B 245 2.13 -32.13 6.06
CA ASP B 245 2.08 -30.75 5.61
C ASP B 245 2.92 -29.86 6.51
N THR B 246 3.45 -28.81 5.91
CA THR B 246 4.32 -27.87 6.58
C THR B 246 3.65 -26.52 6.59
N ILE B 247 3.59 -25.92 7.78
CA ILE B 247 3.02 -24.59 7.96
C ILE B 247 4.14 -23.63 8.26
N ILE B 248 4.11 -22.48 7.61
CA ILE B 248 5.12 -21.46 7.74
C ILE B 248 4.44 -20.18 8.17
N PHE B 249 5.03 -19.54 9.17
CA PHE B 249 4.64 -18.21 9.62
C PHE B 249 5.74 -17.24 9.22
N GLU B 250 5.36 -16.15 8.60
CA GLU B 250 6.26 -15.06 8.33
C GLU B 250 5.61 -13.80 8.87
N ALA B 251 6.44 -12.89 9.35
CA ALA B 251 5.89 -11.70 9.94
C ALA B 251 6.98 -10.70 10.23
N ASN B 252 6.65 -9.43 10.02
CA ASN B 252 7.44 -8.31 10.50
C ASN B 252 6.71 -7.60 11.61
N GLY B 253 5.66 -8.21 12.14
CA GLY B 253 4.99 -7.68 13.29
C GLY B 253 3.58 -8.21 13.41
N ASN B 254 2.95 -7.82 14.51
CA ASN B 254 1.53 -8.00 14.78
C ASN B 254 1.13 -9.46 14.84
N LEU B 255 2.06 -10.36 15.15
CA LEU B 255 1.73 -11.77 15.25
C LEU B 255 1.55 -12.15 16.70
N ILE B 256 0.44 -12.82 16.98
CA ILE B 256 0.25 -13.57 18.21
C ILE B 256 0.47 -15.02 17.83
N ALA B 257 1.71 -15.44 18.01
CA ALA B 257 2.09 -16.74 17.56
C ALA B 257 1.57 -17.82 18.48
N PRO B 258 1.57 -19.05 17.99
CA PRO B 258 1.22 -20.18 18.84
C PRO B 258 2.38 -20.65 19.68
N ARG B 259 2.06 -21.04 20.90
CA ARG B 259 2.98 -21.70 21.79
C ARG B 259 2.65 -23.18 21.92
N TYR B 260 1.37 -23.50 21.88
CA TYR B 260 0.91 -24.87 21.89
C TYR B 260 -0.09 -25.06 20.78
N ALA B 261 -0.13 -26.28 20.26
CA ALA B 261 -1.13 -26.71 19.32
C ALA B 261 -1.73 -28.00 19.81
N PHE B 262 -2.55 -28.60 18.97
CA PHE B 262 -3.34 -29.76 19.34
C PHE B 262 -3.32 -30.77 18.21
N ALA B 263 -2.99 -32.00 18.54
CA ALA B 263 -3.07 -33.12 17.62
C ALA B 263 -4.34 -33.88 17.93
N LEU B 264 -5.23 -33.96 16.94
CA LEU B 264 -6.60 -34.37 17.19
C LEU B 264 -6.80 -35.85 16.92
N SER B 265 -7.57 -36.47 17.78
CA SER B 265 -8.01 -37.85 17.62
C SER B 265 -9.52 -37.82 17.45
N ARG B 266 -9.98 -38.06 16.23
CA ARG B 266 -11.40 -38.02 15.96
C ARG B 266 -12.11 -39.18 16.66
N GLY B 267 -13.39 -38.98 16.93
CA GLY B 267 -14.19 -39.99 17.58
C GLY B 267 -15.67 -39.80 17.38
N PHE B 268 -16.34 -40.86 16.96
CA PHE B 268 -17.78 -40.86 16.86
C PHE B 268 -18.42 -40.85 18.25
N GLY B 269 -19.69 -40.48 18.29
CA GLY B 269 -20.46 -40.54 19.51
C GLY B 269 -20.20 -39.39 20.44
N SER B 270 -18.97 -38.88 20.46
CA SER B 270 -18.67 -37.69 21.23
C SER B 270 -19.41 -36.50 20.63
N GLY B 271 -19.21 -35.35 21.24
CA GLY B 271 -19.96 -34.16 20.85
C GLY B 271 -19.93 -33.13 21.94
N ILE B 272 -20.60 -32.01 21.65
CA ILE B 272 -20.62 -30.85 22.53
C ILE B 272 -22.03 -30.65 23.03
N ILE B 273 -22.16 -30.46 24.33
CA ILE B 273 -23.44 -30.31 25.00
C ILE B 273 -23.41 -28.99 25.74
N ASN B 274 -24.41 -28.17 25.49
CA ASN B 274 -24.51 -26.85 26.12
C ASN B 274 -25.50 -26.96 27.26
N SER B 275 -25.04 -26.68 28.47
CA SER B 275 -25.87 -26.84 29.66
C SER B 275 -25.11 -26.35 30.87
N ASN B 276 -25.85 -26.20 31.96
CA ASN B 276 -25.31 -25.76 33.24
C ASN B 276 -25.65 -26.74 34.35
N ALA B 277 -26.06 -27.94 34.00
CA ALA B 277 -26.43 -28.92 35.00
C ALA B 277 -25.21 -29.36 35.79
N PRO B 278 -25.42 -29.81 37.01
CA PRO B 278 -24.32 -30.30 37.83
C PRO B 278 -23.88 -31.70 37.43
N MET B 279 -22.79 -32.13 38.03
CA MET B 279 -22.27 -33.47 37.87
C MET B 279 -22.09 -34.15 39.21
N ASP B 280 -22.31 -35.45 39.22
CA ASP B 280 -21.78 -36.36 40.22
C ASP B 280 -20.97 -37.41 39.49
N GLU B 281 -20.35 -38.31 40.25
CA GLU B 281 -19.65 -39.43 39.63
C GLU B 281 -20.61 -40.60 39.42
N CYS B 282 -21.74 -40.27 38.83
CA CYS B 282 -22.65 -41.24 38.27
C CYS B 282 -22.19 -41.63 36.88
N ASP B 283 -22.53 -42.84 36.49
CA ASP B 283 -22.21 -43.37 35.18
C ASP B 283 -23.51 -43.67 34.44
N ALA B 284 -23.51 -43.46 33.13
CA ALA B 284 -24.71 -43.60 32.35
C ALA B 284 -24.37 -44.12 30.97
N LYS B 285 -25.42 -44.52 30.25
CA LYS B 285 -25.30 -44.95 28.87
C LYS B 285 -25.56 -43.81 27.90
N CYS B 286 -26.52 -42.95 28.25
CA CYS B 286 -26.88 -41.82 27.43
C CYS B 286 -26.72 -40.54 28.25
N GLN B 287 -26.66 -39.43 27.54
CA GLN B 287 -26.53 -38.14 28.18
C GLN B 287 -27.24 -37.08 27.35
N THR B 288 -27.81 -36.11 28.04
CA THR B 288 -28.51 -34.99 27.43
C THR B 288 -28.28 -33.76 28.29
N PRO B 289 -28.42 -32.57 27.71
CA PRO B 289 -28.06 -31.36 28.44
C PRO B 289 -28.81 -31.19 29.75
N GLN B 290 -30.08 -31.57 29.81
CA GLN B 290 -30.81 -31.51 31.08
C GLN B 290 -30.40 -32.63 32.02
N GLY B 291 -30.00 -33.77 31.50
CA GLY B 291 -29.62 -34.86 32.37
C GLY B 291 -29.43 -36.12 31.59
N ALA B 292 -28.92 -37.11 32.29
CA ALA B 292 -28.64 -38.39 31.67
C ALA B 292 -29.90 -39.22 31.57
N ILE B 293 -29.77 -40.34 30.86
CA ILE B 293 -30.85 -41.29 30.68
C ILE B 293 -30.30 -42.67 30.97
N ASN B 294 -30.98 -43.39 31.85
CA ASN B 294 -30.57 -44.74 32.21
C ASN B 294 -31.86 -45.57 32.25
N SER B 295 -32.23 -46.10 31.09
CA SER B 295 -33.50 -46.80 30.95
C SER B 295 -33.50 -47.53 29.63
N SER B 296 -34.29 -48.60 29.58
CA SER B 296 -34.27 -49.52 28.45
C SER B 296 -35.12 -49.05 27.28
N LEU B 297 -35.87 -47.99 27.44
CA LEU B 297 -36.88 -47.66 26.46
C LEU B 297 -36.24 -47.22 25.14
N PRO B 298 -36.98 -47.33 24.05
CA PRO B 298 -36.44 -46.92 22.75
C PRO B 298 -36.56 -45.42 22.51
N PHE B 299 -37.58 -44.81 23.09
CA PHE B 299 -37.90 -43.41 22.85
C PHE B 299 -37.64 -42.57 24.09
N GLN B 300 -37.88 -41.27 23.94
CA GLN B 300 -37.81 -40.32 25.03
C GLN B 300 -38.22 -38.96 24.48
N ASN B 301 -38.32 -37.99 25.40
CA ASN B 301 -38.68 -36.64 25.00
C ASN B 301 -37.96 -35.55 25.77
N VAL B 302 -37.03 -35.90 26.66
CA VAL B 302 -36.40 -34.88 27.48
C VAL B 302 -35.66 -33.90 26.59
N HIS B 303 -34.92 -34.40 25.63
CA HIS B 303 -34.18 -33.54 24.73
C HIS B 303 -33.67 -34.29 23.51
N PRO B 304 -33.73 -33.68 22.33
CA PRO B 304 -33.25 -34.37 21.13
C PRO B 304 -31.75 -34.53 21.13
N VAL B 305 -31.02 -33.49 21.50
CA VAL B 305 -29.59 -33.62 21.64
C VAL B 305 -29.30 -34.75 22.61
N THR B 306 -28.42 -35.65 22.21
CA THR B 306 -28.08 -36.77 23.07
C THR B 306 -26.75 -37.33 22.65
N ILE B 307 -26.15 -38.05 23.59
CA ILE B 307 -24.87 -38.70 23.38
C ILE B 307 -24.94 -40.12 23.93
N GLY B 308 -24.38 -41.04 23.18
CA GLY B 308 -24.28 -42.42 23.62
C GLY B 308 -25.47 -43.26 23.22
N GLU B 309 -25.46 -44.49 23.70
CA GLU B 309 -26.55 -45.41 23.46
C GLU B 309 -27.77 -44.84 24.16
N CYS B 310 -28.66 -44.25 23.38
CA CYS B 310 -29.76 -43.47 23.93
C CYS B 310 -31.06 -43.83 23.26
N PRO B 311 -32.17 -43.63 23.93
CA PRO B 311 -33.47 -43.65 23.26
C PRO B 311 -33.59 -42.52 22.27
N LYS B 312 -34.45 -42.73 21.29
CA LYS B 312 -34.62 -41.79 20.20
C LYS B 312 -35.70 -40.78 20.53
N TYR B 313 -35.42 -39.51 20.22
CA TYR B 313 -36.26 -38.42 20.65
C TYR B 313 -37.58 -38.36 19.92
N VAL B 314 -38.59 -37.85 20.62
CA VAL B 314 -39.88 -37.49 20.03
C VAL B 314 -40.42 -36.32 20.82
N ARG B 315 -41.47 -35.70 20.28
CA ARG B 315 -42.16 -34.64 20.99
C ARG B 315 -43.32 -35.16 21.82
N SER B 316 -43.65 -36.44 21.71
CA SER B 316 -44.92 -36.93 22.20
C SER B 316 -44.86 -37.17 23.71
N ALA B 317 -45.98 -37.68 24.23
CA ALA B 317 -46.09 -37.94 25.66
C ALA B 317 -46.79 -39.25 26.01
N LYS B 318 -47.40 -39.95 25.08
CA LYS B 318 -48.38 -40.99 25.38
C LYS B 318 -48.15 -42.24 24.56
N LEU B 319 -46.92 -42.71 24.50
CA LEU B 319 -46.60 -43.89 23.70
C LEU B 319 -46.86 -45.14 24.53
N ARG B 320 -48.05 -45.71 24.35
CA ARG B 320 -48.44 -46.94 25.02
C ARG B 320 -48.86 -47.98 24.00
N MET B 321 -48.30 -49.17 24.13
CA MET B 321 -48.62 -50.31 23.28
C MET B 321 -49.41 -51.31 24.09
N VAL B 322 -50.61 -51.65 23.61
CA VAL B 322 -51.48 -52.54 24.34
C VAL B 322 -50.99 -53.98 24.23
N THR B 323 -51.21 -54.75 25.28
CA THR B 323 -50.91 -56.17 25.29
C THR B 323 -52.02 -56.93 26.01
N GLY B 324 -53.26 -56.61 25.66
CA GLY B 324 -54.41 -57.18 26.33
C GLY B 324 -55.74 -56.76 25.73
N LEU B 325 -56.68 -56.38 26.59
CA LEU B 325 -58.00 -55.94 26.14
C LEU B 325 -58.53 -54.91 27.11
N ARG B 326 -59.74 -54.44 26.84
CA ARG B 326 -60.39 -53.41 27.64
C ARG B 326 -61.27 -54.01 28.73
N PHE B 397 -27.71 -37.36 14.42
CA PHE B 397 -28.11 -36.04 14.89
C PHE B 397 -26.91 -35.23 15.34
N THR B 398 -27.10 -33.92 15.52
CA THR B 398 -26.05 -33.02 15.96
C THR B 398 -26.62 -32.08 17.02
N ALA B 399 -25.71 -31.53 17.81
CA ALA B 399 -26.07 -30.48 18.76
C ALA B 399 -26.48 -29.21 18.01
N VAL B 400 -26.97 -28.23 18.78
CA VAL B 400 -27.59 -27.04 18.23
C VAL B 400 -27.47 -25.91 19.24
N GLY B 401 -27.73 -24.69 18.76
CA GLY B 401 -27.87 -23.54 19.63
C GLY B 401 -26.88 -22.43 19.40
N LYS B 402 -25.62 -22.78 19.15
CA LYS B 402 -24.57 -21.79 18.94
C LYS B 402 -23.74 -22.14 17.73
N GLU B 403 -24.26 -23.00 16.87
CA GLU B 403 -23.53 -23.55 15.74
C GLU B 403 -23.39 -22.55 14.60
N PHE B 404 -24.01 -21.39 14.70
CA PHE B 404 -24.01 -20.42 13.62
C PHE B 404 -23.96 -19.01 14.19
N ASN B 405 -23.40 -18.10 13.41
CA ASN B 405 -23.18 -16.74 13.85
C ASN B 405 -24.26 -15.81 13.31
N LYS B 406 -24.02 -14.51 13.49
CA LYS B 406 -24.92 -13.48 13.01
C LYS B 406 -25.25 -13.67 11.54
N LEU B 407 -24.24 -13.61 10.70
CA LEU B 407 -24.37 -13.52 9.26
C LEU B 407 -24.85 -14.81 8.62
N GLU B 408 -25.20 -15.79 9.43
CA GLU B 408 -25.57 -17.10 8.94
C GLU B 408 -26.98 -17.48 9.36
N ARG B 409 -27.83 -16.50 9.66
CA ARG B 409 -29.12 -16.85 10.21
C ARG B 409 -29.96 -17.66 9.25
N ARG B 410 -29.63 -17.65 7.96
CA ARG B 410 -30.30 -18.54 7.04
C ARG B 410 -30.10 -19.99 7.46
N MET B 411 -28.82 -20.34 7.58
CA MET B 411 -28.35 -21.70 8.03
C MET B 411 -29.24 -22.13 9.23
N GLU B 412 -29.15 -21.35 10.32
CA GLU B 412 -29.86 -21.66 11.55
C GLU B 412 -31.32 -21.91 11.23
N ASN B 413 -31.93 -20.97 10.51
CA ASN B 413 -33.31 -21.15 10.11
C ASN B 413 -33.47 -22.46 9.36
N LEU B 414 -32.65 -22.63 8.33
CA LEU B 414 -32.64 -23.88 7.59
C LEU B 414 -32.47 -25.07 8.52
N ASN B 415 -31.46 -25.01 9.39
CA ASN B 415 -31.25 -26.13 10.29
C ASN B 415 -32.42 -26.25 11.25
N LYS B 416 -32.92 -25.14 11.74
CA LYS B 416 -34.12 -25.18 12.57
C LYS B 416 -35.26 -25.79 11.80
N LYS B 417 -35.35 -25.47 10.52
CA LYS B 417 -36.40 -26.03 9.68
C LYS B 417 -36.22 -27.53 9.52
N VAL B 418 -34.98 -27.99 9.54
CA VAL B 418 -34.70 -29.38 9.24
C VAL B 418 -34.87 -30.23 10.48
N ASP B 419 -34.04 -29.97 11.49
CA ASP B 419 -34.13 -30.71 12.73
C ASP B 419 -35.57 -30.78 13.20
N ASP B 420 -36.15 -29.62 13.47
CA ASP B 420 -37.52 -29.55 13.95
C ASP B 420 -38.45 -30.36 13.04
N GLY B 421 -38.23 -30.27 11.74
CA GLY B 421 -39.02 -31.05 10.81
C GLY B 421 -38.93 -32.52 11.14
N PHE B 422 -37.73 -33.08 11.08
CA PHE B 422 -37.57 -34.50 11.32
C PHE B 422 -38.15 -34.87 12.66
N ILE B 423 -37.88 -34.04 13.66
CA ILE B 423 -38.37 -34.33 15.00
C ILE B 423 -39.86 -34.54 14.97
N ASP B 424 -40.56 -33.63 14.29
CA ASP B 424 -41.99 -33.81 14.08
C ASP B 424 -42.27 -35.07 13.28
N ILE B 425 -41.62 -35.19 12.13
CA ILE B 425 -41.96 -36.25 11.19
C ILE B 425 -41.95 -37.59 11.88
N TRP B 426 -40.78 -38.00 12.34
CA TRP B 426 -40.65 -39.29 12.98
C TRP B 426 -41.66 -39.43 14.10
N THR B 427 -41.80 -38.38 14.90
CA THR B 427 -42.77 -38.42 15.99
C THR B 427 -44.11 -38.89 15.47
N TYR B 428 -44.65 -38.19 14.47
CA TYR B 428 -45.90 -38.60 13.87
C TYR B 428 -45.88 -40.08 13.55
N ASN B 429 -44.90 -40.50 12.75
CA ASN B 429 -44.81 -41.90 12.37
C ASN B 429 -44.88 -42.78 13.60
N ALA B 430 -44.06 -42.47 14.60
CA ALA B 430 -44.06 -43.27 15.81
C ALA B 430 -45.46 -43.36 16.38
N GLU B 431 -46.10 -42.22 16.59
CA GLU B 431 -47.47 -42.23 17.07
C GLU B 431 -48.32 -43.10 16.17
N LEU B 432 -48.24 -42.83 14.88
CA LEU B 432 -49.00 -43.62 13.92
C LEU B 432 -48.71 -45.09 14.10
N LEU B 433 -47.43 -45.44 14.22
CA LEU B 433 -47.07 -46.84 14.34
C LEU B 433 -47.78 -47.47 15.52
N VAL B 434 -47.79 -46.79 16.67
CA VAL B 434 -48.51 -47.35 17.80
C VAL B 434 -50.01 -47.25 17.57
N LEU B 435 -50.47 -46.14 17.00
CA LEU B 435 -51.89 -46.00 16.74
C LEU B 435 -52.37 -47.12 15.82
N LEU B 436 -51.55 -47.48 14.85
CA LEU B 436 -51.82 -48.66 14.05
C LEU B 436 -51.76 -49.92 14.91
N GLU B 437 -50.66 -50.08 15.63
CA GLU B 437 -50.40 -51.35 16.30
C GLU B 437 -51.47 -51.61 17.37
N ASN B 438 -51.83 -50.58 18.12
CA ASN B 438 -52.91 -50.74 19.09
C ASN B 438 -54.20 -51.10 18.39
N GLU B 439 -54.47 -50.48 17.24
CA GLU B 439 -55.65 -50.84 16.47
C GLU B 439 -55.61 -52.29 16.05
N ARG B 440 -54.41 -52.85 15.91
CA ARG B 440 -54.25 -54.26 15.53
C ARG B 440 -54.19 -55.13 16.78
N THR B 441 -53.22 -54.89 17.65
CA THR B 441 -53.00 -55.71 18.83
C THR B 441 -54.17 -55.66 19.82
N LEU B 442 -55.24 -54.95 19.50
CA LEU B 442 -56.45 -55.06 20.29
C LEU B 442 -57.27 -56.28 19.92
N ASP B 443 -56.98 -56.91 18.79
CA ASP B 443 -57.65 -58.14 18.39
C ASP B 443 -57.44 -59.25 19.41
N THR C 33 -67.26 -39.98 -4.76
CA THR C 33 -66.56 -41.26 -4.44
C THR C 33 -67.43 -42.12 -3.54
N VAL C 34 -68.22 -41.45 -2.68
CA VAL C 34 -69.13 -42.12 -1.78
C VAL C 34 -70.20 -41.11 -1.37
N THR C 35 -71.30 -41.60 -0.80
CA THR C 35 -72.47 -40.76 -0.57
C THR C 35 -72.13 -39.58 0.33
N HIS C 36 -71.47 -39.84 1.45
CA HIS C 36 -71.14 -38.82 2.44
C HIS C 36 -69.63 -38.65 2.49
N SER C 37 -69.18 -37.41 2.48
CA SER C 37 -67.76 -37.14 2.55
C SER C 37 -67.54 -35.67 2.87
N VAL C 38 -66.37 -35.39 3.43
CA VAL C 38 -65.95 -34.05 3.81
C VAL C 38 -64.63 -33.77 3.12
N ASN C 39 -64.51 -32.60 2.52
CA ASN C 39 -63.27 -32.18 1.92
C ASN C 39 -62.44 -31.45 2.95
N LEU C 40 -61.13 -31.68 2.91
CA LEU C 40 -60.20 -31.08 3.84
C LEU C 40 -59.27 -30.08 3.17
N LEU C 41 -59.29 -30.02 1.85
CA LEU C 41 -58.31 -29.25 1.09
C LEU C 41 -58.96 -28.01 0.51
N GLU C 42 -58.27 -26.88 0.61
CA GLU C 42 -58.74 -25.63 0.07
C GLU C 42 -57.86 -25.23 -1.11
N ASP C 43 -58.49 -25.02 -2.26
CA ASP C 43 -57.78 -24.75 -3.50
C ASP C 43 -58.15 -23.40 -4.11
N SER C 44 -58.80 -22.52 -3.35
CA SER C 44 -59.35 -21.28 -3.88
C SER C 44 -58.80 -20.10 -3.08
N HIS C 45 -57.95 -19.32 -3.73
CA HIS C 45 -57.43 -18.10 -3.16
C HIS C 45 -58.13 -16.90 -3.77
N ASN C 46 -58.46 -15.93 -2.92
CA ASN C 46 -59.17 -14.75 -3.35
C ASN C 46 -58.38 -13.88 -4.31
N GLY C 47 -57.18 -14.31 -4.70
CA GLY C 47 -56.42 -13.59 -5.69
C GLY C 47 -56.01 -12.20 -5.30
N LYS C 48 -55.96 -11.89 -4.01
CA LYS C 48 -55.65 -10.54 -3.58
C LYS C 48 -54.82 -10.56 -2.32
N LEU C 49 -54.11 -9.45 -2.10
CA LEU C 49 -53.23 -9.27 -0.94
C LEU C 49 -54.01 -8.48 0.09
N CYS C 50 -54.83 -9.19 0.87
CA CYS C 50 -55.71 -8.58 1.83
C CYS C 50 -54.93 -8.06 3.03
N LEU C 51 -55.66 -7.46 3.97
CA LEU C 51 -55.10 -7.22 5.28
C LEU C 51 -54.99 -8.55 6.03
N LEU C 52 -54.15 -8.55 7.05
CA LEU C 52 -54.01 -9.72 7.92
C LEU C 52 -54.37 -9.29 9.34
N LYS C 53 -55.39 -9.95 9.90
CA LYS C 53 -55.90 -9.62 11.23
C LYS C 53 -56.25 -8.15 11.35
N GLY C 54 -56.48 -7.50 10.22
CA GLY C 54 -56.80 -6.09 10.20
C GLY C 54 -55.61 -5.17 10.16
N ILE C 55 -54.41 -5.70 9.96
CA ILE C 55 -53.22 -4.89 9.78
C ILE C 55 -52.80 -4.96 8.32
N ALA C 56 -52.21 -3.95 7.88
CA ALA C 56 -51.95 -3.82 6.47
C ALA C 56 -50.49 -4.11 6.14
N PRO C 57 -50.23 -4.73 5.01
CA PRO C 57 -48.86 -4.99 4.61
C PRO C 57 -48.14 -3.76 4.13
N LEU C 58 -46.96 -3.99 3.62
CA LEU C 58 -46.11 -2.96 3.03
C LEU C 58 -45.92 -3.33 1.57
N GLN C 59 -46.46 -2.51 0.68
CA GLN C 59 -46.34 -2.75 -0.75
C GLN C 59 -45.20 -1.91 -1.29
N LEU C 60 -44.07 -2.56 -1.54
CA LEU C 60 -42.91 -1.89 -2.09
C LEU C 60 -43.17 -1.49 -3.53
N GLY C 61 -44.00 -2.22 -4.25
CA GLY C 61 -44.29 -1.86 -5.61
C GLY C 61 -43.09 -2.14 -6.49
N ASN C 62 -42.78 -1.19 -7.37
CA ASN C 62 -41.59 -1.36 -8.19
C ASN C 62 -40.36 -1.54 -7.33
N CYS C 63 -40.35 -0.93 -6.15
CA CYS C 63 -39.16 -0.92 -5.32
C CYS C 63 -38.92 -2.30 -4.72
N SER C 64 -37.64 -2.60 -4.53
CA SER C 64 -37.21 -3.80 -3.86
C SER C 64 -36.78 -3.49 -2.43
N VAL C 65 -36.41 -4.54 -1.72
CA VAL C 65 -36.01 -4.37 -0.33
C VAL C 65 -34.80 -3.46 -0.25
N ALA C 66 -33.88 -3.62 -1.19
CA ALA C 66 -32.66 -2.82 -1.17
C ALA C 66 -32.97 -1.35 -1.34
N GLY C 67 -33.84 -1.02 -2.29
CA GLY C 67 -34.22 0.36 -2.49
C GLY C 67 -34.98 0.90 -1.30
N TRP C 68 -35.85 0.08 -0.73
CA TRP C 68 -36.63 0.51 0.42
C TRP C 68 -35.73 0.88 1.57
N ILE C 69 -34.84 -0.02 1.94
CA ILE C 69 -33.94 0.26 3.05
C ILE C 69 -33.04 1.44 2.72
N LEU C 70 -32.38 1.37 1.58
CA LEU C 70 -31.51 2.45 1.16
C LEU C 70 -32.27 3.74 0.94
N GLY C 71 -33.56 3.65 0.67
CA GLY C 71 -34.32 4.85 0.41
C GLY C 71 -34.24 5.26 -1.02
N ASN C 72 -34.50 4.33 -1.92
CA ASN C 72 -34.53 4.68 -3.33
C ASN C 72 -35.66 5.68 -3.57
N PRO C 73 -35.38 6.81 -4.19
CA PRO C 73 -36.38 7.88 -4.25
C PRO C 73 -37.73 7.43 -4.74
N GLU C 74 -37.76 6.43 -5.63
CA GLU C 74 -39.01 6.04 -6.24
C GLU C 74 -39.91 5.27 -5.30
N CYS C 75 -39.57 5.18 -4.02
CA CYS C 75 -40.32 4.33 -3.11
C CYS C 75 -41.35 5.10 -2.31
N GLU C 76 -40.97 6.23 -1.72
CA GLU C 76 -41.92 7.11 -1.05
C GLU C 76 -42.58 6.48 0.16
N LEU C 77 -42.12 5.30 0.56
CA LEU C 77 -42.63 4.61 1.74
C LEU C 77 -42.00 5.10 3.03
N LEU C 78 -40.95 5.91 2.91
CA LEU C 78 -40.10 6.20 4.06
C LEU C 78 -40.88 6.94 5.13
N ILE C 79 -41.34 8.16 4.80
CA ILE C 79 -42.05 8.98 5.76
C ILE C 79 -43.31 8.31 6.27
N SER C 80 -43.86 7.37 5.52
CA SER C 80 -45.27 7.01 5.67
C SER C 80 -45.52 5.65 6.29
N ARG C 81 -44.57 4.72 6.20
CA ARG C 81 -44.78 3.37 6.69
C ARG C 81 -43.67 3.00 7.67
N GLU C 82 -44.07 2.45 8.80
CA GLU C 82 -43.13 1.90 9.76
C GLU C 82 -43.61 0.60 10.38
N SER C 83 -44.80 0.13 10.02
CA SER C 83 -45.35 -1.09 10.58
C SER C 83 -46.15 -1.81 9.52
N TRP C 84 -46.34 -3.10 9.73
CA TRP C 84 -47.09 -3.91 8.80
C TRP C 84 -47.38 -5.26 9.43
N SER C 85 -47.97 -6.14 8.63
CA SER C 85 -48.12 -7.54 8.94
C SER C 85 -47.19 -8.40 8.13
N TYR C 86 -46.97 -8.02 6.89
CA TYR C 86 -46.01 -8.69 6.02
C TYR C 86 -45.57 -7.72 4.94
N ILE C 87 -44.52 -8.10 4.25
CA ILE C 87 -43.94 -7.31 3.19
C ILE C 87 -44.27 -7.96 1.87
N VAL C 88 -44.48 -7.13 0.86
CA VAL C 88 -44.86 -7.57 -0.47
C VAL C 88 -43.85 -7.03 -1.46
N GLU C 89 -43.22 -7.92 -2.19
CA GLU C 89 -42.26 -7.55 -3.22
C GLU C 89 -42.66 -8.23 -4.51
N LYS C 90 -42.38 -7.56 -5.62
CA LYS C 90 -42.71 -8.13 -6.91
C LYS C 90 -41.58 -9.01 -7.41
N PRO C 91 -41.89 -9.94 -8.31
CA PRO C 91 -40.87 -10.92 -8.72
C PRO C 91 -39.57 -10.31 -9.20
N ASN C 92 -39.66 -9.33 -10.09
CA ASN C 92 -38.48 -8.68 -10.67
C ASN C 92 -38.67 -7.18 -10.52
N PRO C 93 -38.46 -6.66 -9.31
CA PRO C 93 -38.53 -5.22 -9.13
C PRO C 93 -37.30 -4.54 -9.70
N GLU C 94 -37.53 -3.43 -10.38
CA GLU C 94 -36.46 -2.73 -11.06
C GLU C 94 -35.91 -1.57 -10.25
N ASN C 95 -36.67 -1.07 -9.29
CA ASN C 95 -36.27 0.10 -8.51
C ASN C 95 -35.69 -0.36 -7.18
N GLY C 96 -34.45 -0.78 -7.24
CA GLY C 96 -33.72 -1.15 -6.05
C GLY C 96 -32.49 -0.29 -5.91
N THR C 97 -31.33 -0.91 -6.07
CA THR C 97 -30.07 -0.21 -6.04
C THR C 97 -29.95 0.67 -7.27
N CYS C 98 -30.08 1.99 -7.06
CA CYS C 98 -30.05 2.91 -8.18
C CYS C 98 -28.63 3.14 -8.68
N TYR C 99 -27.69 3.31 -7.76
CA TYR C 99 -26.31 3.48 -8.12
C TYR C 99 -25.66 2.11 -8.07
N PRO C 100 -25.12 1.62 -9.18
CA PRO C 100 -24.74 0.22 -9.24
C PRO C 100 -23.75 -0.16 -8.16
N GLY C 101 -23.91 -1.36 -7.65
CA GLY C 101 -22.94 -1.90 -6.74
C GLY C 101 -23.46 -3.11 -6.02
N HIS C 102 -22.57 -3.69 -5.25
CA HIS C 102 -22.87 -4.92 -4.54
C HIS C 102 -23.41 -4.61 -3.16
N PHE C 103 -24.59 -5.11 -2.88
CA PHE C 103 -25.21 -4.97 -1.58
C PHE C 103 -24.83 -6.20 -0.78
N ALA C 104 -23.85 -6.04 0.10
CA ALA C 104 -23.32 -7.17 0.85
C ALA C 104 -24.41 -7.82 1.67
N ASP C 105 -24.37 -9.15 1.73
CA ASP C 105 -25.28 -9.92 2.55
C ASP C 105 -26.72 -9.47 2.32
N TYR C 106 -27.04 -9.20 1.06
CA TYR C 106 -28.38 -8.76 0.72
C TYR C 106 -29.41 -9.77 1.19
N GLU C 107 -29.15 -11.05 0.94
CA GLU C 107 -30.11 -12.07 1.28
C GLU C 107 -30.19 -12.28 2.78
N GLU C 108 -29.08 -12.15 3.47
CA GLU C 108 -29.11 -12.20 4.92
C GLU C 108 -29.93 -11.05 5.47
N LEU C 109 -29.83 -9.89 4.84
CA LEU C 109 -30.66 -8.76 5.24
C LEU C 109 -32.13 -9.04 5.00
N ARG C 110 -32.45 -9.64 3.86
CA ARG C 110 -33.83 -10.03 3.62
C ARG C 110 -34.34 -10.93 4.71
N GLU C 111 -33.52 -11.89 5.13
CA GLU C 111 -33.95 -12.80 6.18
C GLU C 111 -34.08 -12.08 7.51
N GLN C 112 -33.23 -11.09 7.75
CA GLN C 112 -33.39 -10.26 8.93
C GLN C 112 -34.75 -9.57 8.91
N LEU C 113 -35.09 -8.98 7.78
CA LEU C 113 -36.25 -8.13 7.69
C LEU C 113 -37.53 -8.93 7.63
N SER C 114 -37.45 -10.21 7.28
CA SER C 114 -38.63 -11.05 7.29
C SER C 114 -39.28 -11.03 8.66
N SER C 115 -38.47 -11.00 9.71
CA SER C 115 -38.96 -11.07 11.09
C SER C 115 -39.20 -9.70 11.69
N VAL C 116 -39.04 -8.64 10.92
CA VAL C 116 -39.32 -7.29 11.38
C VAL C 116 -40.81 -7.02 11.22
N SER C 117 -41.49 -6.83 12.34
CA SER C 117 -42.88 -6.42 12.32
C SER C 117 -43.05 -4.93 12.15
N SER C 118 -42.05 -4.16 12.54
CA SER C 118 -42.10 -2.71 12.45
C SER C 118 -40.71 -2.18 12.74
N PHE C 119 -40.55 -0.87 12.62
CA PHE C 119 -39.33 -0.23 13.02
C PHE C 119 -39.53 1.27 13.14
N GLU C 120 -38.43 1.95 13.43
CA GLU C 120 -38.39 3.40 13.61
C GLU C 120 -37.23 3.93 12.77
N ARG C 121 -37.55 4.71 11.76
CA ARG C 121 -36.55 5.27 10.86
C ARG C 121 -36.13 6.62 11.41
N PHE C 122 -34.95 6.66 12.01
CA PHE C 122 -34.46 7.83 12.69
C PHE C 122 -33.15 8.31 12.09
N GLU C 123 -32.88 9.59 12.27
CA GLU C 123 -31.73 10.24 11.64
C GLU C 123 -30.53 10.10 12.55
N ILE C 124 -29.95 8.91 12.53
CA ILE C 124 -28.76 8.59 13.32
C ILE C 124 -27.73 9.71 13.20
N PHE C 125 -27.43 10.11 11.97
CA PHE C 125 -26.46 11.18 11.71
C PHE C 125 -27.18 12.31 10.99
N PRO C 126 -27.69 13.29 11.73
CA PRO C 126 -28.39 14.40 11.08
C PRO C 126 -27.53 15.07 10.03
N LYS C 127 -28.13 15.28 8.86
CA LYS C 127 -27.41 15.86 7.74
C LYS C 127 -26.90 17.24 8.09
N GLU C 128 -27.63 17.97 8.93
CA GLU C 128 -27.35 19.38 9.11
C GLU C 128 -26.19 19.61 10.08
N SER C 129 -26.15 18.83 11.16
CA SER C 129 -25.19 19.07 12.23
C SER C 129 -24.12 18.00 12.31
N SER C 130 -24.34 16.83 11.73
CA SER C 130 -23.35 15.76 11.81
C SER C 130 -22.17 16.00 10.89
N TRP C 131 -22.39 16.66 9.76
CA TRP C 131 -21.37 16.85 8.73
C TRP C 131 -21.27 18.33 8.40
N PRO C 132 -20.81 19.12 9.34
CA PRO C 132 -20.72 20.56 9.12
C PRO C 132 -19.74 20.93 8.03
N ASN C 133 -18.61 20.23 7.96
CA ASN C 133 -17.50 20.60 7.11
C ASN C 133 -17.28 19.60 5.99
N HIS C 134 -18.34 18.93 5.58
CA HIS C 134 -18.31 18.00 4.46
C HIS C 134 -19.48 18.27 3.55
N THR C 135 -19.22 18.30 2.25
CA THR C 135 -20.25 18.64 1.30
C THR C 135 -21.23 17.50 1.11
N THR C 136 -22.27 17.51 1.94
CA THR C 136 -23.47 16.78 1.65
C THR C 136 -24.06 17.29 0.32
N THR C 137 -25.11 16.63 -0.15
CA THR C 137 -25.77 17.00 -1.39
C THR C 137 -24.97 16.48 -2.57
N GLY C 138 -24.26 15.39 -2.37
CA GLY C 138 -23.73 14.66 -3.50
C GLY C 138 -24.84 13.87 -4.16
N VAL C 139 -24.90 13.98 -5.49
CA VAL C 139 -26.05 13.50 -6.23
C VAL C 139 -25.59 12.91 -7.55
N SER C 140 -26.34 11.93 -8.02
CA SER C 140 -26.07 11.27 -9.29
C SER C 140 -27.34 11.14 -10.10
N ALA C 141 -27.17 11.05 -11.40
CA ALA C 141 -28.31 10.87 -12.29
C ALA C 141 -28.87 9.46 -12.21
N SER C 142 -28.05 8.50 -11.81
CA SER C 142 -28.49 7.12 -11.76
C SER C 142 -29.61 6.92 -10.76
N CYS C 143 -29.82 7.89 -9.89
CA CYS C 143 -30.83 7.82 -8.85
C CYS C 143 -31.85 8.93 -9.00
N SER C 144 -32.05 9.38 -10.24
CA SER C 144 -32.86 10.55 -10.50
C SER C 144 -34.30 10.33 -10.07
N HIS C 145 -34.92 11.41 -9.64
CA HIS C 145 -36.30 11.43 -9.21
C HIS C 145 -37.00 12.58 -9.90
N ASN C 146 -38.18 12.32 -10.44
CA ASN C 146 -38.93 13.33 -11.16
C ASN C 146 -38.03 14.10 -12.10
N GLY C 147 -37.09 13.40 -12.74
CA GLY C 147 -36.27 13.99 -13.76
C GLY C 147 -35.00 14.62 -13.22
N GLU C 148 -35.05 15.08 -11.97
CA GLU C 148 -33.89 15.69 -11.36
C GLU C 148 -32.99 14.63 -10.78
N SER C 149 -31.69 14.80 -10.98
CA SER C 149 -30.73 13.91 -10.35
C SER C 149 -30.86 14.04 -8.85
N SER C 150 -30.87 12.90 -8.17
CA SER C 150 -31.01 12.86 -6.73
C SER C 150 -30.22 11.67 -6.22
N PHE C 151 -30.50 11.26 -4.99
CA PHE C 151 -29.75 10.20 -4.35
C PHE C 151 -30.64 9.52 -3.35
N TYR C 152 -30.14 8.41 -2.81
CA TYR C 152 -30.85 7.70 -1.77
C TYR C 152 -31.21 8.66 -0.67
N LYS C 153 -32.24 8.34 0.09
CA LYS C 153 -32.71 9.21 1.14
C LYS C 153 -32.24 8.76 2.51
N ASN C 154 -32.06 7.47 2.70
CA ASN C 154 -31.55 6.92 3.94
C ASN C 154 -30.04 6.87 3.97
N LEU C 155 -29.37 7.41 2.95
CA LEU C 155 -27.93 7.48 2.91
C LEU C 155 -27.50 8.89 2.58
N LEU C 156 -26.20 9.09 2.64
CA LEU C 156 -25.59 10.38 2.44
C LEU C 156 -24.30 10.20 1.68
N TRP C 157 -24.14 10.95 0.61
CA TRP C 157 -22.95 10.89 -0.22
C TRP C 157 -22.08 12.07 0.16
N LEU C 158 -21.24 11.86 1.16
CA LEU C 158 -20.29 12.88 1.57
C LEU C 158 -19.30 13.18 0.46
N THR C 159 -18.84 14.41 0.47
CA THR C 159 -17.86 14.89 -0.46
C THR C 159 -17.12 16.04 0.21
N GLY C 160 -15.92 16.30 -0.26
CA GLY C 160 -15.12 17.33 0.34
C GLY C 160 -15.70 18.70 0.14
N LYS C 161 -15.17 19.64 0.91
CA LYS C 161 -15.62 21.02 0.89
C LYS C 161 -14.41 21.93 0.94
N ASN C 162 -14.51 23.04 0.23
CA ASN C 162 -13.46 24.06 0.23
C ASN C 162 -12.09 23.44 -0.03
N GLY C 163 -12.08 22.33 -0.77
CA GLY C 163 -10.85 21.68 -1.12
C GLY C 163 -10.34 20.71 -0.10
N LEU C 164 -11.11 20.43 0.95
CA LEU C 164 -10.72 19.51 1.99
C LEU C 164 -11.78 18.43 2.14
N TYR C 165 -11.33 17.24 2.53
CA TYR C 165 -12.18 16.17 3.01
C TYR C 165 -11.57 15.75 4.34
N PRO C 166 -11.75 16.56 5.37
CA PRO C 166 -11.08 16.29 6.63
C PRO C 166 -11.53 14.96 7.20
N ASN C 167 -10.60 14.25 7.80
CA ASN C 167 -10.93 12.97 8.40
C ASN C 167 -12.08 13.14 9.35
N LEU C 168 -13.04 12.23 9.24
CA LEU C 168 -14.22 12.23 10.08
C LEU C 168 -14.18 11.01 11.00
N SER C 169 -14.82 11.16 12.15
CA SER C 169 -14.75 10.15 13.19
C SER C 169 -16.09 9.99 13.89
N LYS C 170 -17.17 10.21 13.18
CA LYS C 170 -18.47 10.22 13.81
C LYS C 170 -18.80 8.87 14.41
N SER C 171 -19.58 8.90 15.48
CA SER C 171 -19.90 7.73 16.25
C SER C 171 -21.38 7.77 16.64
N TYR C 172 -21.92 6.59 16.90
CA TYR C 172 -23.28 6.46 17.39
C TYR C 172 -23.35 5.35 18.41
N ALA C 173 -24.00 5.62 19.52
CA ALA C 173 -24.19 4.64 20.58
C ALA C 173 -25.65 4.23 20.62
N ASN C 174 -25.90 2.96 20.39
CA ASN C 174 -27.27 2.46 20.37
C ASN C 174 -27.81 2.49 21.78
N ASN C 175 -28.60 3.50 22.08
CA ASN C 175 -29.28 3.65 23.36
C ASN C 175 -30.78 3.53 23.22
N LYS C 176 -31.24 2.96 22.11
CA LYS C 176 -32.67 2.85 21.83
C LYS C 176 -33.27 1.56 22.36
N GLU C 177 -32.46 0.69 22.94
CA GLU C 177 -32.93 -0.56 23.53
C GLU C 177 -33.52 -1.51 22.50
N LYS C 178 -33.22 -1.25 21.24
CA LYS C 178 -33.56 -2.17 20.17
C LYS C 178 -32.39 -2.22 19.21
N GLU C 179 -32.16 -3.39 18.64
CA GLU C 179 -31.09 -3.51 17.66
C GLU C 179 -31.32 -2.56 16.51
N VAL C 180 -30.26 -1.91 16.09
CA VAL C 180 -30.31 -0.81 15.14
C VAL C 180 -29.65 -1.25 13.85
N LEU C 181 -30.40 -1.19 12.77
CA LEU C 181 -29.89 -1.54 11.46
C LEU C 181 -29.22 -0.33 10.85
N VAL C 182 -27.93 -0.43 10.65
CA VAL C 182 -27.14 0.65 10.10
C VAL C 182 -26.71 0.26 8.70
N LEU C 183 -26.77 1.25 7.81
CA LEU C 183 -26.44 1.09 6.42
C LEU C 183 -25.30 2.04 6.11
N TRP C 184 -24.47 1.68 5.14
CA TRP C 184 -23.49 2.62 4.64
C TRP C 184 -22.96 2.09 3.33
N GLY C 185 -22.04 2.83 2.77
CA GLY C 185 -21.56 2.52 1.44
C GLY C 185 -20.20 3.10 1.18
N VAL C 186 -19.52 2.47 0.22
CA VAL C 186 -18.20 2.88 -0.19
C VAL C 186 -18.22 3.08 -1.69
N HIS C 187 -17.77 4.26 -2.12
CA HIS C 187 -17.76 4.60 -3.53
C HIS C 187 -16.48 4.11 -4.16
N HIS C 188 -16.62 3.21 -5.11
CA HIS C 188 -15.51 2.79 -5.94
C HIS C 188 -15.61 3.54 -7.25
N PRO C 189 -14.94 4.68 -7.37
CA PRO C 189 -15.12 5.51 -8.52
C PRO C 189 -14.47 4.89 -9.75
N PRO C 190 -14.82 5.38 -10.93
CA PRO C 190 -14.32 4.77 -12.14
C PRO C 190 -12.88 5.13 -12.44
N ASN C 191 -12.38 6.23 -11.90
CA ASN C 191 -11.03 6.66 -12.21
C ASN C 191 -10.48 7.47 -11.06
N ILE C 192 -9.16 7.64 -11.07
CA ILE C 192 -8.48 8.28 -9.96
C ILE C 192 -8.81 9.75 -9.90
N GLY C 193 -9.05 10.37 -11.05
CA GLY C 193 -9.40 11.78 -11.04
C GLY C 193 -10.75 12.02 -10.40
N ASP C 194 -11.69 11.13 -10.63
CA ASP C 194 -12.99 11.25 -9.98
C ASP C 194 -12.85 11.19 -8.47
N GLN C 195 -12.05 10.26 -7.97
CA GLN C 195 -11.84 10.18 -6.54
C GLN C 195 -11.13 11.41 -6.03
N ARG C 196 -10.13 11.86 -6.75
CA ARG C 196 -9.41 13.04 -6.33
C ARG C 196 -10.33 14.24 -6.27
N ALA C 197 -11.34 14.27 -7.13
CA ALA C 197 -12.30 15.35 -7.16
C ALA C 197 -13.28 15.30 -6.01
N LEU C 198 -13.84 14.12 -5.78
CA LEU C 198 -14.82 13.97 -4.73
C LEU C 198 -14.21 14.05 -3.34
N TYR C 199 -12.99 13.58 -3.17
CA TYR C 199 -12.42 13.35 -1.86
C TYR C 199 -11.01 13.85 -1.70
N HIS C 200 -10.36 14.26 -2.78
CA HIS C 200 -9.04 14.90 -2.72
C HIS C 200 -8.02 14.01 -2.03
N THR C 201 -8.07 12.73 -2.36
CA THR C 201 -7.05 11.78 -1.94
C THR C 201 -7.08 10.59 -2.89
N GLU C 202 -5.90 10.05 -3.17
CA GLU C 202 -5.77 8.92 -4.07
C GLU C 202 -5.87 7.58 -3.37
N ASN C 203 -5.67 7.55 -2.06
CA ASN C 203 -5.43 6.33 -1.30
C ASN C 203 -6.30 6.31 -0.06
N ALA C 204 -7.58 6.53 -0.28
CA ALA C 204 -8.52 6.67 0.81
C ALA C 204 -8.86 5.32 1.43
N TYR C 205 -9.57 5.39 2.54
CA TYR C 205 -9.99 4.20 3.26
C TYR C 205 -11.24 4.51 4.04
N VAL C 206 -11.93 3.45 4.43
CA VAL C 206 -13.15 3.55 5.23
C VAL C 206 -13.07 2.50 6.31
N SER C 207 -13.13 2.93 7.56
CA SER C 207 -13.05 2.01 8.68
C SER C 207 -14.35 2.07 9.44
N VAL C 208 -14.95 0.92 9.67
CA VAL C 208 -16.19 0.83 10.39
C VAL C 208 -16.01 -0.17 11.51
N VAL C 209 -16.30 0.26 12.73
CA VAL C 209 -15.96 -0.53 13.90
C VAL C 209 -17.11 -0.52 14.88
N SER C 210 -17.18 -1.59 15.66
CA SER C 210 -18.10 -1.70 16.78
C SER C 210 -17.46 -2.58 17.83
N SER C 211 -18.28 -3.09 18.74
CA SER C 211 -17.73 -3.95 19.79
C SER C 211 -17.24 -5.27 19.21
N HIS C 212 -17.93 -5.80 18.20
CA HIS C 212 -17.42 -6.96 17.51
C HIS C 212 -17.02 -6.56 16.11
N TYR C 213 -17.94 -5.90 15.41
CA TYR C 213 -17.75 -5.58 14.01
C TYR C 213 -16.55 -4.67 13.83
N SER C 214 -15.61 -5.11 13.01
CA SER C 214 -14.47 -4.32 12.63
C SER C 214 -14.20 -4.62 11.18
N ARG C 215 -14.03 -3.58 10.38
CA ARG C 215 -13.80 -3.78 8.97
C ARG C 215 -13.18 -2.54 8.38
N LYS C 216 -12.48 -2.76 7.27
CA LYS C 216 -11.81 -1.70 6.56
C LYS C 216 -11.99 -1.94 5.08
N PHE C 217 -12.30 -0.87 4.37
CA PHE C 217 -12.59 -0.92 2.95
C PHE C 217 -11.65 0.03 2.23
N THR C 218 -10.97 -0.48 1.23
CA THR C 218 -10.27 0.42 0.36
C THR C 218 -11.00 0.50 -0.97
N PRO C 219 -11.15 1.70 -1.50
CA PRO C 219 -11.78 1.82 -2.82
C PRO C 219 -10.94 1.18 -3.90
N GLU C 220 -11.63 0.53 -4.83
CA GLU C 220 -11.03 -0.07 -6.00
C GLU C 220 -11.41 0.76 -7.20
N ILE C 221 -10.43 1.35 -7.84
CA ILE C 221 -10.64 2.27 -8.95
C ILE C 221 -10.43 1.51 -10.24
N ALA C 222 -11.41 1.58 -11.13
CA ALA C 222 -11.35 0.87 -12.39
C ALA C 222 -12.51 1.29 -13.25
N LYS C 223 -12.25 1.39 -14.56
CA LYS C 223 -13.34 1.53 -15.51
C LYS C 223 -14.12 0.24 -15.56
N ARG C 224 -15.41 0.37 -15.76
CA ARG C 224 -16.31 -0.76 -15.69
C ARG C 224 -17.42 -0.59 -16.71
N PRO C 225 -18.18 -1.64 -16.97
CA PRO C 225 -19.36 -1.50 -17.80
C PRO C 225 -20.31 -0.47 -17.23
N LYS C 226 -20.94 0.28 -18.14
CA LYS C 226 -21.63 1.50 -17.78
C LYS C 226 -23.10 1.19 -17.46
N VAL C 227 -23.27 0.57 -16.29
CA VAL C 227 -24.60 0.31 -15.77
C VAL C 227 -25.26 1.62 -15.37
N ARG C 228 -26.55 1.72 -15.65
CA ARG C 228 -27.33 2.93 -15.40
C ARG C 228 -26.48 4.16 -15.68
N ASP C 229 -25.80 4.11 -16.82
CA ASP C 229 -25.01 5.21 -17.33
C ASP C 229 -23.92 5.62 -16.35
N GLN C 230 -23.63 4.75 -15.40
CA GLN C 230 -22.62 5.01 -14.40
C GLN C 230 -21.52 3.97 -14.49
N GLU C 231 -20.27 4.43 -14.45
CA GLU C 231 -19.11 3.60 -14.61
C GLU C 231 -18.46 3.24 -13.30
N GLY C 232 -18.86 3.87 -12.21
CA GLY C 232 -18.38 3.54 -10.89
C GLY C 232 -19.31 2.58 -10.19
N ARG C 233 -19.04 2.37 -8.92
CA ARG C 233 -19.85 1.47 -8.11
C ARG C 233 -19.96 2.02 -6.71
N ILE C 234 -20.93 1.49 -5.99
CA ILE C 234 -21.02 1.69 -4.55
C ILE C 234 -21.27 0.34 -3.90
N ASN C 235 -20.40 -0.04 -3.01
CA ASN C 235 -20.56 -1.26 -2.24
C ASN C 235 -21.36 -0.90 -1.01
N TYR C 236 -22.48 -1.59 -0.81
CA TYR C 236 -23.39 -1.30 0.27
C TYR C 236 -23.19 -2.32 1.37
N TYR C 237 -23.09 -1.82 2.59
CA TYR C 237 -22.78 -2.64 3.73
C TYR C 237 -23.77 -2.28 4.83
N TRP C 238 -23.92 -3.21 5.77
CA TRP C 238 -24.87 -3.03 6.84
C TRP C 238 -24.43 -3.80 8.05
N THR C 239 -25.05 -3.48 9.18
CA THR C 239 -24.85 -4.26 10.38
C THR C 239 -25.90 -3.92 11.41
N LEU C 240 -26.14 -4.85 12.31
CA LEU C 240 -27.11 -4.70 13.38
C LEU C 240 -26.35 -4.35 14.64
N LEU C 241 -26.25 -3.07 14.89
CA LEU C 241 -25.65 -2.57 16.11
C LEU C 241 -26.57 -2.84 17.28
N GLU C 242 -26.14 -3.70 18.18
CA GLU C 242 -26.98 -4.11 19.30
C GLU C 242 -27.02 -3.03 20.36
N PRO C 243 -28.00 -3.10 21.26
CA PRO C 243 -28.13 -2.06 22.27
C PRO C 243 -26.87 -1.91 23.09
N GLY C 244 -26.54 -0.67 23.41
CA GLY C 244 -25.35 -0.36 24.16
C GLY C 244 -24.09 -0.33 23.34
N ASP C 245 -24.08 -1.00 22.19
CA ASP C 245 -22.91 -1.01 21.35
C ASP C 245 -22.74 0.31 20.64
N THR C 246 -21.48 0.64 20.36
CA THR C 246 -21.10 1.88 19.75
C THR C 246 -20.46 1.58 18.41
N ILE C 247 -20.94 2.23 17.37
CA ILE C 247 -20.39 2.10 16.04
C ILE C 247 -19.66 3.38 15.67
N ILE C 248 -18.48 3.22 15.11
CA ILE C 248 -17.63 4.33 14.73
C ILE C 248 -17.32 4.22 13.26
N PHE C 249 -17.46 5.33 12.57
CA PHE C 249 -17.04 5.48 11.19
C PHE C 249 -15.83 6.37 11.15
N GLU C 250 -14.81 5.93 10.45
CA GLU C 250 -13.65 6.75 10.16
C GLU C 250 -13.43 6.72 8.67
N ALA C 251 -12.95 7.83 8.13
CA ALA C 251 -12.79 7.89 6.70
C ALA C 251 -12.04 9.13 6.30
N ASN C 252 -11.18 8.98 5.31
CA ASN C 252 -10.58 10.08 4.59
C ASN C 252 -11.14 10.17 3.19
N GLY C 253 -12.21 9.46 2.93
CA GLY C 253 -12.90 9.57 1.66
C GLY C 253 -13.73 8.36 1.37
N ASN C 254 -14.46 8.45 0.26
CA ASN C 254 -15.18 7.36 -0.37
C ASN C 254 -16.27 6.80 0.51
N LEU C 255 -16.79 7.56 1.46
CA LEU C 255 -17.85 7.10 2.32
C LEU C 255 -19.19 7.60 1.83
N ILE C 256 -20.14 6.69 1.70
CA ILE C 256 -21.54 7.03 1.58
C ILE C 256 -22.12 6.75 2.95
N ALA C 257 -22.16 7.79 3.75
CA ALA C 257 -22.54 7.66 5.11
C ALA C 257 -24.05 7.49 5.25
N PRO C 258 -24.48 7.01 6.41
CA PRO C 258 -25.90 6.94 6.69
C PRO C 258 -26.45 8.26 7.17
N ARG C 259 -27.67 8.55 6.73
CA ARG C 259 -28.46 9.65 7.22
C ARG C 259 -29.58 9.17 8.12
N TYR C 260 -30.14 8.02 7.80
CA TYR C 260 -31.15 7.38 8.61
C TYR C 260 -30.78 5.93 8.83
N ALA C 261 -31.19 5.42 9.97
CA ALA C 261 -31.08 4.02 10.30
C ALA C 261 -32.42 3.52 10.76
N PHE C 262 -32.44 2.30 11.24
CA PHE C 262 -33.68 1.62 11.57
C PHE C 262 -33.51 0.88 12.88
N ALA C 263 -34.44 1.09 13.80
CA ALA C 263 -34.50 0.34 15.04
C ALA C 263 -35.58 -0.71 14.89
N LEU C 264 -35.19 -1.97 15.01
CA LEU C 264 -36.03 -3.07 14.58
C LEU C 264 -36.83 -3.64 15.73
N SER C 265 -38.08 -3.96 15.43
CA SER C 265 -38.96 -4.67 16.35
C SER C 265 -39.27 -6.02 15.72
N ARG C 266 -38.70 -7.08 16.28
CA ARG C 266 -38.89 -8.40 15.73
C ARG C 266 -40.34 -8.85 15.94
N GLY C 267 -40.76 -9.75 15.08
CA GLY C 267 -42.12 -10.28 15.17
C GLY C 267 -42.29 -11.59 14.45
N PHE C 268 -42.86 -12.56 15.15
CA PHE C 268 -43.22 -13.83 14.54
C PHE C 268 -44.39 -13.65 13.58
N GLY C 269 -44.56 -14.63 12.70
CA GLY C 269 -45.70 -14.67 11.81
C GLY C 269 -45.55 -13.76 10.61
N SER C 270 -44.88 -12.63 10.79
CA SER C 270 -44.59 -11.77 9.65
C SER C 270 -43.62 -12.47 8.71
N GLY C 271 -43.27 -11.78 7.64
CA GLY C 271 -42.47 -12.39 6.60
C GLY C 271 -42.57 -11.62 5.31
N ILE C 272 -41.87 -12.12 4.31
CA ILE C 272 -41.75 -11.48 3.02
C ILE C 272 -42.40 -12.39 1.98
N ILE C 273 -43.25 -11.79 1.16
CA ILE C 273 -44.00 -12.49 0.14
C ILE C 273 -43.69 -11.85 -1.20
N ASN C 274 -43.28 -12.66 -2.15
CA ASN C 274 -42.94 -12.19 -3.47
C ASN C 274 -44.11 -12.46 -4.39
N SER C 275 -44.65 -11.41 -4.97
CA SER C 275 -45.85 -11.53 -5.79
C SER C 275 -46.18 -10.18 -6.40
N ASN C 276 -47.09 -10.22 -7.38
CA ASN C 276 -47.56 -9.04 -8.08
C ASN C 276 -49.08 -8.93 -8.02
N ALA C 277 -49.71 -9.67 -7.14
CA ALA C 277 -51.15 -9.66 -7.06
C ALA C 277 -51.64 -8.30 -6.55
N PRO C 278 -52.86 -7.94 -6.89
CA PRO C 278 -53.43 -6.68 -6.41
C PRO C 278 -53.90 -6.78 -4.97
N MET C 279 -54.29 -5.63 -4.44
CA MET C 279 -54.86 -5.53 -3.12
C MET C 279 -56.19 -4.82 -3.17
N ASP C 280 -57.09 -5.24 -2.29
CA ASP C 280 -58.22 -4.45 -1.86
C ASP C 280 -58.13 -4.32 -0.35
N GLU C 281 -59.07 -3.59 0.24
CA GLU C 281 -59.13 -3.52 1.70
C GLU C 281 -60.00 -4.64 2.25
N CYS C 282 -59.71 -5.83 1.76
CA CYS C 282 -60.19 -7.06 2.34
C CYS C 282 -59.30 -7.46 3.52
N ASP C 283 -59.91 -8.16 4.46
CA ASP C 283 -59.21 -8.67 5.62
C ASP C 283 -59.26 -10.19 5.63
N ALA C 284 -58.18 -10.81 6.10
CA ALA C 284 -58.07 -12.25 6.02
C ALA C 284 -57.31 -12.77 7.23
N LYS C 285 -57.35 -14.08 7.39
CA LYS C 285 -56.61 -14.76 8.44
C LYS C 285 -55.28 -15.27 7.92
N CYS C 286 -55.26 -15.74 6.68
CA CYS C 286 -54.05 -16.25 6.05
C CYS C 286 -53.79 -15.47 4.78
N GLN C 287 -52.56 -15.57 4.32
CA GLN C 287 -52.16 -14.90 3.09
C GLN C 287 -51.11 -15.73 2.37
N THR C 288 -51.16 -15.68 1.06
CA THR C 288 -50.22 -16.37 0.18
C THR C 288 -49.98 -15.51 -1.05
N PRO C 289 -48.85 -15.71 -1.72
CA PRO C 289 -48.50 -14.82 -2.83
C PRO C 289 -49.54 -14.74 -3.92
N GLN C 290 -50.21 -15.86 -4.23
CA GLN C 290 -51.28 -15.81 -5.21
C GLN C 290 -52.55 -15.18 -4.65
N GLY C 291 -52.78 -15.31 -3.36
CA GLY C 291 -53.99 -14.77 -2.79
C GLY C 291 -54.18 -15.23 -1.38
N ALA C 292 -55.15 -14.63 -0.74
CA ALA C 292 -55.44 -14.94 0.64
C ALA C 292 -56.26 -16.21 0.75
N ILE C 293 -56.43 -16.67 1.98
CA ILE C 293 -57.22 -17.83 2.29
C ILE C 293 -58.14 -17.49 3.44
N ASN C 294 -59.43 -17.73 3.26
CA ASN C 294 -60.43 -17.46 4.28
C ASN C 294 -61.35 -18.67 4.30
N SER C 295 -60.97 -19.67 5.08
CA SER C 295 -61.68 -20.93 5.10
C SER C 295 -61.21 -21.75 6.29
N SER C 296 -62.09 -22.63 6.75
CA SER C 296 -61.86 -23.35 7.99
C SER C 296 -60.98 -24.58 7.82
N LEU C 297 -60.63 -24.94 6.60
CA LEU C 297 -60.02 -26.23 6.37
C LEU C 297 -58.62 -26.28 6.95
N PRO C 298 -58.13 -27.47 7.22
CA PRO C 298 -56.78 -27.61 7.78
C PRO C 298 -55.69 -27.56 6.73
N PHE C 299 -56.02 -28.01 5.52
CA PHE C 299 -55.06 -28.15 4.43
C PHE C 299 -55.33 -27.15 3.33
N GLN C 300 -54.47 -27.19 2.32
CA GLN C 300 -54.63 -26.39 1.11
C GLN C 300 -53.49 -26.76 0.17
N ASN C 301 -53.55 -26.21 -1.04
CA ASN C 301 -52.53 -26.47 -2.03
C ASN C 301 -52.17 -25.27 -2.89
N VAL C 302 -52.76 -24.10 -2.64
CA VAL C 302 -52.50 -22.96 -3.50
C VAL C 302 -51.04 -22.60 -3.48
N HIS C 303 -50.44 -22.58 -2.31
CA HIS C 303 -49.03 -22.25 -2.19
C HIS C 303 -48.49 -22.58 -0.81
N PRO C 304 -47.28 -23.12 -0.74
CA PRO C 304 -46.73 -23.45 0.58
C PRO C 304 -46.37 -22.23 1.39
N VAL C 305 -45.76 -21.23 0.76
CA VAL C 305 -45.52 -19.98 1.44
C VAL C 305 -46.85 -19.46 1.95
N THR C 306 -46.88 -19.08 3.23
CA THR C 306 -48.11 -18.56 3.80
C THR C 306 -47.77 -17.76 5.03
N ILE C 307 -48.71 -16.92 5.40
CA ILE C 307 -48.59 -16.05 6.56
C ILE C 307 -49.91 -16.10 7.33
N GLY C 308 -49.79 -16.18 8.65
CA GLY C 308 -50.95 -16.13 9.52
C GLY C 308 -51.55 -17.48 9.79
N GLU C 309 -52.67 -17.45 10.50
CA GLU C 309 -53.41 -18.66 10.81
C GLU C 309 -53.91 -19.22 9.49
N CYS C 310 -53.24 -20.27 9.01
CA CYS C 310 -53.45 -20.75 7.66
C CYS C 310 -53.59 -22.26 7.66
N PRO C 311 -54.28 -22.82 6.68
CA PRO C 311 -54.19 -24.26 6.44
C PRO C 311 -52.80 -24.65 6.01
N LYS C 312 -52.49 -25.92 6.24
CA LYS C 312 -51.16 -26.44 5.98
C LYS C 312 -51.08 -27.00 4.57
N TYR C 313 -49.97 -26.69 3.90
CA TYR C 313 -49.83 -26.97 2.49
C TYR C 313 -49.67 -28.45 2.20
N VAL C 314 -50.14 -28.84 1.01
CA VAL C 314 -49.87 -30.15 0.45
C VAL C 314 -49.85 -30.00 -1.06
N ARG C 315 -49.38 -31.04 -1.75
CA ARG C 315 -49.42 -31.06 -3.19
C ARG C 315 -50.69 -31.71 -3.73
N SER C 316 -51.51 -32.29 -2.86
CA SER C 316 -52.55 -33.19 -3.32
C SER C 316 -53.76 -32.42 -3.83
N ALA C 317 -54.80 -33.17 -4.19
CA ALA C 317 -56.01 -32.59 -4.73
C ALA C 317 -57.30 -33.24 -4.26
N LYS C 318 -57.25 -34.36 -3.55
CA LYS C 318 -58.42 -35.21 -3.36
C LYS C 318 -58.56 -35.67 -1.92
N LEU C 319 -58.45 -34.75 -0.98
CA LEU C 319 -58.54 -35.12 0.44
C LEU C 319 -60.00 -35.15 0.86
N ARG C 320 -60.59 -36.34 0.83
CA ARG C 320 -61.96 -36.54 1.25
C ARG C 320 -62.01 -37.60 2.33
N MET C 321 -62.69 -37.28 3.43
CA MET C 321 -62.90 -38.20 4.54
C MET C 321 -64.35 -38.63 4.54
N VAL C 322 -64.57 -39.94 4.49
CA VAL C 322 -65.93 -40.46 4.41
C VAL C 322 -66.60 -40.37 5.76
N THR C 323 -67.91 -40.17 5.74
CA THR C 323 -68.74 -40.17 6.94
C THR C 323 -70.06 -40.88 6.66
N GLY C 324 -69.97 -42.04 6.02
CA GLY C 324 -71.15 -42.77 5.60
C GLY C 324 -70.85 -44.12 4.98
N LEU C 325 -71.49 -44.39 3.85
CA LEU C 325 -71.28 -45.65 3.15
C LEU C 325 -71.49 -45.42 1.66
N ARG C 326 -71.35 -46.48 0.89
CA ARG C 326 -71.46 -46.43 -0.56
C ARG C 326 -72.88 -46.72 -1.03
N PHE C 397 -42.18 -22.77 8.56
CA PHE C 397 -41.80 -22.63 7.16
C PHE C 397 -41.25 -21.24 6.89
N THR C 398 -40.61 -21.08 5.73
CA THR C 398 -40.05 -19.80 5.31
C THR C 398 -40.36 -19.56 3.84
N ALA C 399 -40.32 -18.29 3.46
CA ALA C 399 -40.44 -17.93 2.07
C ALA C 399 -39.23 -18.41 1.28
N VAL C 400 -39.30 -18.25 -0.04
CA VAL C 400 -38.33 -18.84 -0.96
C VAL C 400 -38.29 -18.02 -2.23
N GLY C 401 -37.25 -18.25 -3.04
CA GLY C 401 -37.19 -17.71 -4.39
C GLY C 401 -36.02 -16.80 -4.67
N LYS C 402 -35.69 -15.93 -3.71
CA LYS C 402 -34.61 -14.97 -3.88
C LYS C 402 -33.72 -14.96 -2.65
N GLU C 403 -33.81 -15.99 -1.82
CA GLU C 403 -33.13 -16.05 -0.55
C GLU C 403 -31.64 -16.33 -0.68
N PHE C 404 -31.16 -16.59 -1.89
CA PHE C 404 -29.77 -16.97 -2.10
C PHE C 404 -29.28 -16.37 -3.40
N ASN C 405 -27.98 -16.14 -3.47
CA ASN C 405 -27.36 -15.48 -4.59
C ASN C 405 -26.70 -16.48 -5.53
N LYS C 406 -25.93 -15.94 -6.48
CA LYS C 406 -25.19 -16.77 -7.43
C LYS C 406 -24.38 -17.83 -6.73
N LEU C 407 -23.43 -17.41 -5.92
CA LEU C 407 -22.38 -18.23 -5.36
C LEU C 407 -22.89 -19.19 -4.30
N GLU C 408 -24.19 -19.26 -4.11
CA GLU C 408 -24.78 -20.05 -3.05
C GLU C 408 -25.75 -21.09 -3.62
N ARG C 409 -25.57 -21.48 -4.88
CA ARG C 409 -26.58 -22.35 -5.47
C ARG C 409 -26.66 -23.69 -4.78
N ARG C 410 -25.63 -24.06 -4.02
CA ARG C 410 -25.73 -25.26 -3.22
C ARG C 410 -26.90 -25.14 -2.24
N MET C 411 -26.83 -24.07 -1.45
CA MET C 411 -27.87 -23.71 -0.43
C MET C 411 -29.26 -23.91 -1.09
N GLU C 412 -29.53 -23.14 -2.15
CA GLU C 412 -30.81 -23.17 -2.83
C GLU C 412 -31.16 -24.60 -3.16
N ASN C 413 -30.24 -25.31 -3.80
CA ASN C 413 -30.48 -26.71 -4.10
C ASN C 413 -30.82 -27.46 -2.82
N LEU C 414 -29.95 -27.33 -1.83
CA LEU C 414 -30.21 -27.93 -0.53
C LEU C 414 -31.58 -27.52 -0.02
N ASN C 415 -31.86 -26.23 0.00
CA ASN C 415 -33.16 -25.80 0.50
C ASN C 415 -34.27 -26.32 -0.40
N LYS C 416 -34.05 -26.28 -1.72
CA LYS C 416 -35.03 -26.86 -2.61
C LYS C 416 -35.20 -28.34 -2.30
N LYS C 417 -34.10 -29.01 -1.97
CA LYS C 417 -34.17 -30.42 -1.63
C LYS C 417 -34.96 -30.63 -0.34
N VAL C 418 -34.89 -29.65 0.55
CA VAL C 418 -35.48 -29.82 1.88
C VAL C 418 -36.96 -29.49 1.85
N ASP C 419 -37.28 -28.24 1.53
CA ASP C 419 -38.66 -27.81 1.46
C ASP C 419 -39.46 -28.79 0.63
N ASP C 420 -39.09 -28.94 -0.64
CA ASP C 420 -39.79 -29.83 -1.54
C ASP C 420 -39.93 -31.21 -0.93
N GLY C 421 -38.88 -31.69 -0.26
CA GLY C 421 -38.95 -32.96 0.41
C GLY C 421 -40.09 -32.99 1.40
N PHE C 422 -40.03 -32.11 2.40
CA PHE C 422 -41.07 -32.12 3.42
C PHE C 422 -42.43 -31.98 2.79
N ILE C 423 -42.55 -31.10 1.81
CA ILE C 423 -43.83 -30.88 1.16
C ILE C 423 -44.37 -32.19 0.65
N ASP C 424 -43.52 -32.96 -0.02
CA ASP C 424 -43.91 -34.29 -0.43
C ASP C 424 -44.21 -35.16 0.77
N ILE C 425 -43.27 -35.22 1.71
CA ILE C 425 -43.37 -36.18 2.79
C ILE C 425 -44.72 -36.07 3.47
N TRP C 426 -44.96 -34.92 4.10
CA TRP C 426 -46.20 -34.73 4.83
C TRP C 426 -47.39 -35.04 3.94
N THR C 427 -47.34 -34.55 2.70
CA THR C 427 -48.41 -34.82 1.76
C THR C 427 -48.75 -36.30 1.76
N TYR C 428 -47.74 -37.12 1.47
CA TYR C 428 -47.96 -38.56 1.49
C TYR C 428 -48.65 -38.98 2.76
N ASN C 429 -48.06 -38.64 3.91
CA ASN C 429 -48.65 -39.02 5.18
C ASN C 429 -50.11 -38.61 5.22
N ALA C 430 -50.39 -37.36 4.88
CA ALA C 430 -51.76 -36.88 4.90
C ALA C 430 -52.63 -37.79 4.06
N GLU C 431 -52.24 -38.01 2.81
CA GLU C 431 -53.00 -38.91 1.96
C GLU C 431 -53.16 -40.24 2.68
N LEU C 432 -52.04 -40.80 3.13
CA LEU C 432 -52.08 -42.06 3.83
C LEU C 432 -53.06 -41.99 4.97
N LEU C 433 -52.99 -40.92 5.76
CA LEU C 433 -53.86 -40.82 6.92
C LEU C 433 -55.31 -40.92 6.51
N VAL C 434 -55.71 -40.23 5.44
CA VAL C 434 -57.08 -40.36 4.99
C VAL C 434 -57.29 -41.72 4.35
N LEU C 435 -56.32 -42.19 3.58
CA LEU C 435 -56.47 -43.49 2.95
C LEU C 435 -56.66 -44.57 4.01
N LEU C 436 -55.95 -44.44 5.13
CA LEU C 436 -56.21 -45.29 6.26
C LEU C 436 -57.59 -45.03 6.82
N GLU C 437 -57.89 -43.77 7.10
CA GLU C 437 -59.10 -43.45 7.85
C GLU C 437 -60.34 -43.85 7.06
N ASN C 438 -60.34 -43.57 5.76
CA ASN C 438 -61.45 -44.03 4.92
C ASN C 438 -61.55 -45.54 4.94
N GLU C 439 -60.42 -46.23 4.90
CA GLU C 439 -60.45 -47.68 5.01
C GLU C 439 -61.06 -48.13 6.32
N ARG C 440 -60.97 -47.29 7.35
CA ARG C 440 -61.53 -47.60 8.65
C ARG C 440 -62.96 -47.08 8.75
N THR C 441 -63.14 -45.77 8.58
CA THR C 441 -64.44 -45.15 8.73
C THR C 441 -65.46 -45.61 7.70
N LEU C 442 -65.09 -46.54 6.82
CA LEU C 442 -66.09 -47.17 5.98
C LEU C 442 -66.84 -48.27 6.71
N ASP C 443 -66.35 -48.72 7.86
CA ASP C 443 -67.04 -49.72 8.66
C ASP C 443 -68.41 -49.23 9.10
N GLN D 1 29.35 11.94 -16.63
CA GLN D 1 29.62 10.48 -16.60
C GLN D 1 28.81 9.80 -15.52
N VAL D 2 28.18 8.69 -15.90
CA VAL D 2 27.52 7.85 -14.91
C VAL D 2 28.55 7.11 -14.09
N GLN D 3 28.28 6.96 -12.81
CA GLN D 3 29.25 6.29 -11.96
C GLN D 3 28.69 6.14 -10.56
N LEU D 4 29.26 5.20 -9.83
CA LEU D 4 29.10 5.06 -8.40
C LEU D 4 30.46 5.08 -7.75
N VAL D 5 30.58 5.80 -6.66
CA VAL D 5 31.83 5.94 -5.94
C VAL D 5 31.58 5.60 -4.48
N GLN D 6 32.48 4.83 -3.89
CA GLN D 6 32.22 4.24 -2.60
C GLN D 6 33.22 4.72 -1.56
N SER D 7 32.78 4.67 -0.31
CA SER D 7 33.61 5.12 0.80
C SER D 7 34.85 4.26 0.90
N GLY D 8 35.93 4.88 1.35
CA GLY D 8 37.23 4.24 1.33
C GLY D 8 37.27 3.01 2.21
N ALA D 9 38.34 2.25 2.00
CA ALA D 9 38.51 1.01 2.73
C ALA D 9 38.65 1.29 4.22
N GLU D 10 38.38 0.27 5.01
CA GLU D 10 38.41 0.46 6.45
C GLU D 10 38.47 -0.88 7.16
N VAL D 11 38.83 -0.80 8.44
CA VAL D 11 38.91 -1.95 9.31
C VAL D 11 37.85 -1.81 10.37
N LYS D 12 37.53 -2.95 11.00
CA LYS D 12 36.58 -2.96 12.09
C LYS D 12 36.88 -4.15 12.98
N LYS D 13 36.63 -3.97 14.26
CA LYS D 13 36.80 -5.03 15.21
C LYS D 13 35.65 -6.04 15.10
N PRO D 14 35.92 -7.31 15.36
CA PRO D 14 34.83 -8.29 15.40
C PRO D 14 33.80 -7.91 16.45
N GLY D 15 32.54 -8.09 16.09
CA GLY D 15 31.43 -7.64 16.91
C GLY D 15 31.03 -6.20 16.68
N ALA D 16 31.78 -5.45 15.90
CA ALA D 16 31.46 -4.06 15.61
C ALA D 16 30.58 -3.98 14.36
N SER D 17 30.40 -2.77 13.85
CA SER D 17 29.56 -2.55 12.69
C SER D 17 30.23 -1.56 11.75
N VAL D 18 29.85 -1.67 10.49
CA VAL D 18 30.48 -0.93 9.40
C VAL D 18 29.39 -0.33 8.52
N LYS D 19 29.62 0.89 8.06
CA LYS D 19 28.73 1.56 7.13
C LYS D 19 29.50 1.90 5.88
N VAL D 20 29.07 1.34 4.77
CA VAL D 20 29.64 1.60 3.46
C VAL D 20 28.71 2.51 2.70
N SER D 21 29.27 3.38 1.89
CA SER D 21 28.51 4.37 1.15
C SER D 21 28.75 4.22 -0.34
N CYS D 22 27.70 4.50 -1.10
CA CYS D 22 27.73 4.45 -2.57
C CYS D 22 27.05 5.72 -3.06
N LYS D 23 27.84 6.68 -3.51
CA LYS D 23 27.31 7.92 -4.03
C LYS D 23 27.23 7.82 -5.54
N ALA D 24 26.05 8.05 -6.07
CA ALA D 24 25.81 7.94 -7.49
C ALA D 24 26.02 9.28 -8.17
N SER D 25 26.19 9.23 -9.48
CA SER D 25 26.42 10.41 -10.26
C SER D 25 26.06 10.12 -11.70
N GLY D 26 25.51 11.11 -12.36
CA GLY D 26 25.27 11.05 -13.78
C GLY D 26 23.95 10.43 -14.18
N TYR D 27 23.09 10.07 -13.23
CA TYR D 27 21.83 9.47 -13.59
C TYR D 27 20.82 9.71 -12.49
N THR D 28 19.56 9.54 -12.83
CA THR D 28 18.48 9.72 -11.87
C THR D 28 18.54 8.61 -10.83
N PHE D 29 18.99 8.97 -9.63
CA PHE D 29 19.33 7.98 -8.63
C PHE D 29 18.15 7.10 -8.27
N THR D 30 16.94 7.64 -8.34
CA THR D 30 15.78 6.95 -7.84
C THR D 30 15.26 5.90 -8.80
N GLY D 31 15.63 5.99 -10.08
CA GLY D 31 14.97 5.17 -11.07
C GLY D 31 15.53 3.76 -11.19
N TYR D 32 16.76 3.55 -10.76
CA TYR D 32 17.44 2.28 -10.91
C TYR D 32 17.72 1.71 -9.54
N TYR D 33 17.31 0.46 -9.33
CA TYR D 33 17.60 -0.21 -8.08
C TYR D 33 19.09 -0.17 -7.81
N ILE D 34 19.47 -0.47 -6.58
CA ILE D 34 20.88 -0.58 -6.23
C ILE D 34 21.08 -1.82 -5.41
N HIS D 35 21.98 -2.68 -5.85
CA HIS D 35 22.33 -3.88 -5.15
C HIS D 35 23.68 -3.72 -4.48
N TRP D 36 23.90 -4.52 -3.46
CA TRP D 36 25.17 -4.59 -2.78
C TRP D 36 25.71 -5.99 -2.92
N VAL D 37 26.98 -6.09 -3.29
CA VAL D 37 27.63 -7.36 -3.53
C VAL D 37 28.90 -7.40 -2.72
N ARG D 38 29.37 -8.60 -2.43
CA ARG D 38 30.62 -8.73 -1.73
C ARG D 38 31.43 -9.88 -2.31
N GLN D 39 32.73 -9.76 -2.14
CA GLN D 39 33.70 -10.71 -2.69
C GLN D 39 34.77 -10.91 -1.64
N ALA D 40 34.78 -12.09 -1.02
CA ALA D 40 35.83 -12.40 -0.07
C ALA D 40 37.16 -12.49 -0.80
N PRO D 41 38.27 -12.18 -0.11
CA PRO D 41 39.55 -12.07 -0.80
C PRO D 41 39.94 -13.37 -1.49
N GLY D 42 40.22 -13.27 -2.78
CA GLY D 42 40.55 -14.44 -3.56
C GLY D 42 39.42 -15.41 -3.75
N GLN D 43 38.21 -15.04 -3.38
CA GLN D 43 37.04 -15.87 -3.51
C GLN D 43 36.09 -15.27 -4.55
N GLY D 44 34.92 -15.87 -4.67
CA GLY D 44 33.93 -15.45 -5.63
C GLY D 44 32.91 -14.50 -5.03
N LEU D 45 32.09 -13.95 -5.93
CA LEU D 45 31.10 -12.98 -5.52
C LEU D 45 29.93 -13.65 -4.82
N GLU D 46 29.27 -12.88 -3.96
CA GLU D 46 28.03 -13.29 -3.32
C GLU D 46 27.20 -12.03 -3.11
N TRP D 47 25.90 -12.20 -3.25
CA TRP D 47 24.97 -11.09 -3.38
C TRP D 47 24.24 -10.87 -2.08
N MET D 48 24.21 -9.62 -1.64
CA MET D 48 23.65 -9.25 -0.34
C MET D 48 22.17 -8.92 -0.47
N GLY D 49 21.86 -7.93 -1.28
CA GLY D 49 20.48 -7.53 -1.47
C GLY D 49 20.40 -6.29 -2.33
N TRP D 50 19.20 -5.74 -2.41
CA TRP D 50 19.02 -4.48 -3.10
C TRP D 50 18.12 -3.56 -2.30
N ILE D 51 18.22 -2.29 -2.67
CA ILE D 51 17.37 -1.23 -2.17
C ILE D 51 16.83 -0.46 -3.34
N ASN D 52 15.55 -0.14 -3.28
CA ASN D 52 14.89 0.71 -4.24
C ASN D 52 14.94 2.14 -3.72
N PRO D 53 15.88 2.94 -4.21
CA PRO D 53 16.09 4.27 -3.63
C PRO D 53 14.90 5.17 -3.78
N ASN D 54 14.01 4.88 -4.72
CA ASN D 54 12.78 5.66 -4.84
C ASN D 54 11.94 5.51 -3.57
N THR D 55 11.73 4.28 -3.13
CA THR D 55 10.88 3.99 -1.98
C THR D 55 11.65 3.70 -0.72
N GLY D 56 12.93 3.37 -0.83
CA GLY D 56 13.67 2.91 0.31
C GLY D 56 13.41 1.47 0.65
N GLY D 57 12.62 0.77 -0.15
CA GLY D 57 12.36 -0.62 0.11
C GLY D 57 13.58 -1.47 -0.19
N THR D 58 13.59 -2.65 0.41
CA THR D 58 14.78 -3.47 0.42
C THR D 58 14.44 -4.94 0.37
N VAL D 59 15.39 -5.68 -0.17
CA VAL D 59 15.41 -7.13 -0.12
C VAL D 59 16.84 -7.51 0.24
N TYR D 60 16.99 -8.52 1.08
CA TYR D 60 18.31 -9.00 1.44
C TYR D 60 18.32 -10.50 1.33
N ALA D 61 19.51 -11.03 1.12
CA ALA D 61 19.67 -12.48 1.14
C ALA D 61 19.57 -13.01 2.56
N GLN D 62 19.21 -14.30 2.66
CA GLN D 62 18.94 -14.89 3.97
C GLN D 62 20.19 -14.88 4.84
N THR D 63 21.33 -15.21 4.28
CA THR D 63 22.57 -15.20 5.04
C THR D 63 23.04 -13.80 5.38
N PHE D 64 22.21 -12.83 5.04
CA PHE D 64 22.46 -11.44 5.38
C PHE D 64 21.22 -10.75 5.90
N GLN D 65 20.11 -11.47 6.08
CA GLN D 65 18.87 -10.83 6.48
C GLN D 65 19.00 -10.19 7.85
N ALA D 66 19.67 -10.87 8.77
CA ALA D 66 19.65 -10.49 10.16
C ALA D 66 20.58 -9.33 10.47
N ARG D 67 21.50 -9.01 9.58
CA ARG D 67 22.61 -8.15 9.91
C ARG D 67 22.81 -6.98 8.99
N VAL D 68 22.14 -6.93 7.86
CA VAL D 68 22.37 -5.89 6.87
C VAL D 68 21.23 -4.89 6.92
N THR D 69 21.55 -3.65 6.64
CA THR D 69 20.58 -2.57 6.65
C THR D 69 20.95 -1.62 5.53
N MET D 70 20.19 -1.63 4.46
CA MET D 70 20.40 -0.74 3.33
C MET D 70 19.51 0.48 3.47
N THR D 71 20.06 1.63 3.13
CA THR D 71 19.30 2.88 3.19
C THR D 71 19.76 3.79 2.06
N ARG D 72 19.06 4.90 1.90
CA ARG D 72 19.47 5.88 0.92
C ARG D 72 19.03 7.26 1.33
N ASP D 73 19.92 8.22 1.14
CA ASP D 73 19.61 9.64 1.15
C ASP D 73 19.45 10.08 -0.30
N THR D 74 18.22 10.41 -0.68
CA THR D 74 17.95 10.81 -2.05
C THR D 74 18.34 12.25 -2.33
N SER D 75 18.54 13.06 -1.30
CA SER D 75 18.96 14.43 -1.54
C SER D 75 20.32 14.47 -2.21
N ILE D 76 21.20 13.56 -1.84
CA ILE D 76 22.55 13.49 -2.38
C ILE D 76 22.76 12.18 -3.13
N SER D 77 21.68 11.48 -3.46
CA SER D 77 21.73 10.30 -4.30
C SER D 77 22.80 9.34 -3.80
N THR D 78 22.58 8.85 -2.58
CA THR D 78 23.58 8.09 -1.87
C THR D 78 22.93 6.91 -1.18
N ALA D 79 23.57 5.77 -1.24
CA ALA D 79 23.10 4.57 -0.57
C ALA D 79 24.10 4.13 0.47
N TYR D 80 23.61 3.39 1.46
CA TYR D 80 24.41 2.97 2.59
C TYR D 80 24.10 1.50 2.86
N MET D 81 25.13 0.72 3.18
CA MET D 81 24.93 -0.62 3.68
C MET D 81 25.55 -0.61 5.07
N GLU D 82 24.78 -1.03 6.06
CA GLU D 82 25.27 -1.17 7.42
C GLU D 82 25.27 -2.65 7.76
N LEU D 83 26.45 -3.15 8.11
CA LEU D 83 26.59 -4.54 8.54
C LEU D 83 27.03 -4.55 9.99
N ILE D 84 26.27 -5.25 10.82
CA ILE D 84 26.49 -5.25 12.25
C ILE D 84 26.99 -6.62 12.69
N ARG D 85 27.47 -6.69 13.92
CA ARG D 85 27.91 -7.94 14.52
C ARG D 85 28.87 -8.66 13.59
N LEU D 86 29.83 -7.88 13.09
CA LEU D 86 30.79 -8.41 12.14
C LEU D 86 31.51 -9.61 12.69
N ARG D 87 31.67 -10.60 11.84
CA ARG D 87 32.58 -11.71 12.06
C ARG D 87 33.79 -11.57 11.15
N SER D 88 34.81 -12.38 11.40
CA SER D 88 36.03 -12.29 10.61
C SER D 88 35.78 -12.66 9.16
N ASP D 89 34.96 -13.69 8.92
CA ASP D 89 34.69 -14.12 7.56
C ASP D 89 33.93 -13.10 6.75
N ASP D 90 33.58 -11.96 7.34
CA ASP D 90 32.94 -10.89 6.61
C ASP D 90 33.94 -9.89 6.04
N THR D 91 35.23 -10.16 6.18
CA THR D 91 36.23 -9.36 5.51
C THR D 91 36.11 -9.58 4.02
N ALA D 92 36.04 -8.49 3.26
CA ALA D 92 35.75 -8.66 1.85
C ALA D 92 35.77 -7.30 1.16
N VAL D 93 35.61 -7.34 -0.15
CA VAL D 93 35.37 -6.15 -0.94
C VAL D 93 33.88 -6.04 -1.14
N TYR D 94 33.30 -4.93 -0.68
CA TYR D 94 31.89 -4.66 -0.84
C TYR D 94 31.72 -3.64 -1.96
N TYR D 95 30.89 -4.00 -2.93
CA TYR D 95 30.62 -3.17 -4.09
C TYR D 95 29.16 -2.76 -4.11
N CYS D 96 28.91 -1.58 -4.64
CA CYS D 96 27.56 -1.13 -4.94
C CYS D 96 27.37 -1.20 -6.44
N ALA D 97 26.29 -1.85 -6.86
CA ALA D 97 26.00 -2.07 -8.26
C ALA D 97 24.66 -1.46 -8.60
N ARG D 98 24.55 -0.95 -9.81
CA ARG D 98 23.30 -0.43 -10.33
C ARG D 98 22.82 -1.27 -11.48
N GLU D 99 21.52 -1.46 -11.53
CA GLU D 99 20.93 -2.25 -12.60
C GLU D 99 21.07 -1.52 -13.93
N ARG D 100 21.14 -2.31 -15.00
CA ARG D 100 21.27 -1.74 -16.32
C ARG D 100 19.98 -1.09 -16.78
N GLY D 101 18.86 -1.45 -16.16
CA GLY D 101 17.59 -0.91 -16.58
C GLY D 101 16.56 -1.01 -15.49
N THR D 102 15.47 -0.29 -15.69
CA THR D 102 14.41 -0.23 -14.71
C THR D 102 13.45 -1.40 -14.85
N GLY D 103 12.80 -1.73 -13.75
CA GLY D 103 11.65 -2.60 -13.79
C GLY D 103 12.00 -4.05 -14.03
N ALA D 104 12.66 -4.33 -15.12
CA ALA D 104 13.00 -5.71 -15.39
C ALA D 104 14.29 -6.09 -14.68
N PRO D 105 14.38 -7.33 -14.20
CA PRO D 105 15.57 -7.73 -13.47
C PRO D 105 16.78 -7.81 -14.36
N ASP D 106 17.15 -6.68 -14.95
CA ASP D 106 18.29 -6.68 -15.83
C ASP D 106 19.57 -6.78 -15.01
N ALA D 107 20.70 -6.68 -15.67
CA ALA D 107 21.98 -6.95 -15.05
C ALA D 107 22.56 -5.71 -14.40
N PHE D 108 23.71 -5.90 -13.79
CA PHE D 108 24.47 -4.83 -13.17
C PHE D 108 25.53 -4.33 -14.14
N ASN D 109 25.45 -3.07 -14.50
CA ASN D 109 26.38 -2.49 -15.44
C ASN D 109 27.27 -1.42 -14.85
N ILE D 110 26.78 -0.67 -13.88
CA ILE D 110 27.58 0.29 -13.16
C ILE D 110 27.98 -0.32 -11.83
N TRP D 111 29.26 -0.24 -11.52
CA TRP D 111 29.78 -0.77 -10.27
C TRP D 111 30.61 0.28 -9.58
N GLY D 112 30.86 0.02 -8.32
CA GLY D 112 31.70 0.90 -7.54
C GLY D 112 33.12 0.46 -7.53
N GLN D 113 33.99 1.37 -7.10
CA GLN D 113 35.40 1.05 -7.01
C GLN D 113 35.64 -0.12 -6.09
N GLY D 114 34.71 -0.38 -5.18
CA GLY D 114 34.88 -1.42 -4.20
C GLY D 114 35.52 -0.90 -2.93
N THR D 115 34.90 -1.23 -1.80
CA THR D 115 35.35 -0.81 -0.50
C THR D 115 35.83 -2.04 0.26
N LEU D 116 37.08 -2.03 0.70
CA LEU D 116 37.68 -3.18 1.34
C LEU D 116 37.47 -3.06 2.84
N VAL D 117 36.67 -3.96 3.39
CA VAL D 117 36.35 -3.99 4.81
C VAL D 117 37.08 -5.17 5.41
N THR D 118 38.01 -4.88 6.32
CA THR D 118 38.82 -5.90 6.96
C THR D 118 38.43 -6.02 8.42
N VAL D 119 38.27 -7.26 8.86
CA VAL D 119 37.73 -7.58 10.17
C VAL D 119 38.70 -8.50 10.89
N SER D 120 39.37 -7.98 11.91
CA SER D 120 40.26 -8.81 12.71
C SER D 120 40.68 -8.01 13.93
N GLY D 121 41.15 -8.75 14.93
CA GLY D 121 41.57 -8.19 16.19
C GLY D 121 43.01 -7.71 16.21
N ALA D 122 43.28 -6.56 15.62
CA ALA D 122 44.61 -6.00 15.64
C ALA D 122 44.53 -4.48 15.71
N SER D 123 45.70 -3.86 15.83
CA SER D 123 45.77 -2.42 16.09
C SER D 123 46.66 -1.72 15.08
N THR D 124 46.43 -1.98 13.79
CA THR D 124 47.15 -1.34 12.70
C THR D 124 48.65 -1.31 12.97
N LYS D 125 49.14 -2.38 13.59
CA LYS D 125 50.56 -2.56 13.80
C LYS D 125 51.32 -2.39 12.48
N GLY D 126 52.39 -1.60 12.54
CA GLY D 126 53.15 -1.27 11.36
C GLY D 126 54.13 -2.34 10.94
N PRO D 127 54.50 -2.35 9.66
CA PRO D 127 55.34 -3.41 9.13
C PRO D 127 56.80 -3.31 9.56
N SER D 128 57.43 -4.48 9.67
CA SER D 128 58.87 -4.60 9.76
C SER D 128 59.37 -5.27 8.49
N VAL D 129 60.36 -4.66 7.84
CA VAL D 129 60.72 -5.04 6.47
C VAL D 129 62.22 -5.28 6.41
N PHE D 130 62.60 -6.42 5.87
CA PHE D 130 63.95 -6.96 6.00
C PHE D 130 64.44 -7.49 4.66
N PRO D 131 65.74 -7.42 4.40
CA PRO D 131 66.25 -7.84 3.09
C PRO D 131 66.14 -9.34 2.87
N LEU D 132 66.20 -9.73 1.60
CA LEU D 132 66.38 -11.12 1.17
C LEU D 132 67.57 -11.06 0.24
N ALA D 133 68.76 -11.12 0.84
CA ALA D 133 70.01 -10.86 0.16
C ALA D 133 70.43 -12.07 -0.66
N PRO D 134 70.90 -11.86 -1.88
CA PRO D 134 71.49 -12.95 -2.66
C PRO D 134 72.91 -13.26 -2.21
N SER D 135 73.47 -14.30 -2.84
CA SER D 135 74.85 -14.69 -2.57
C SER D 135 75.60 -15.09 -3.84
N GLY D 136 74.99 -14.97 -5.01
CA GLY D 136 75.61 -15.41 -6.24
C GLY D 136 74.79 -15.00 -7.45
N THR D 137 74.76 -15.86 -8.48
CA THR D 137 73.99 -15.57 -9.70
C THR D 137 72.53 -15.94 -9.44
N ALA D 138 71.74 -14.93 -9.09
CA ALA D 138 70.33 -15.13 -8.74
C ALA D 138 69.67 -13.75 -8.68
N ALA D 139 68.40 -13.75 -8.26
CA ALA D 139 67.62 -12.53 -8.11
C ALA D 139 67.85 -11.97 -6.70
N LEU D 140 67.05 -10.99 -6.29
CA LEU D 140 67.14 -10.44 -4.94
C LEU D 140 65.74 -10.19 -4.42
N GLY D 141 65.62 -9.91 -3.13
CA GLY D 141 64.30 -9.66 -2.61
C GLY D 141 64.26 -8.85 -1.32
N CYS D 142 63.04 -8.72 -0.82
CA CYS D 142 62.68 -7.90 0.32
C CYS D 142 61.42 -8.49 0.91
N LEU D 143 61.34 -8.51 2.23
CA LEU D 143 60.22 -9.13 2.91
C LEU D 143 59.54 -8.11 3.79
N VAL D 144 58.22 -8.20 3.84
CA VAL D 144 57.38 -7.42 4.73
C VAL D 144 56.74 -8.39 5.69
N LYS D 145 56.88 -8.14 6.99
CA LYS D 145 56.56 -9.13 8.01
C LYS D 145 55.53 -8.57 8.98
N ASP D 146 54.48 -9.35 9.22
CA ASP D 146 53.57 -9.15 10.33
C ASP D 146 53.15 -7.69 10.45
N TYR D 147 52.42 -7.25 9.44
CA TYR D 147 51.90 -5.89 9.35
C TYR D 147 50.39 -5.93 9.20
N PHE D 148 49.77 -4.81 9.54
CA PHE D 148 48.32 -4.73 9.50
C PHE D 148 47.92 -3.28 9.62
N PRO D 149 46.85 -2.84 8.95
CA PRO D 149 46.09 -3.64 7.99
C PRO D 149 46.56 -3.39 6.59
N GLU D 150 46.07 -4.22 5.66
CA GLU D 150 46.29 -3.95 4.27
C GLU D 150 45.59 -2.64 3.91
N PRO D 151 46.02 -1.98 2.82
CA PRO D 151 47.09 -2.37 1.91
C PRO D 151 48.41 -1.70 2.18
N VAL D 152 49.47 -2.49 2.17
CA VAL D 152 50.83 -1.94 2.11
C VAL D 152 51.19 -1.85 0.64
N THR D 153 52.22 -1.08 0.33
CA THR D 153 52.75 -1.02 -1.02
C THR D 153 54.27 -1.06 -0.94
N VAL D 154 54.88 -1.60 -1.98
CA VAL D 154 56.33 -1.77 -2.01
C VAL D 154 56.85 -1.43 -3.39
N SER D 155 58.06 -0.88 -3.41
CA SER D 155 58.76 -0.55 -4.64
C SER D 155 60.24 -0.73 -4.40
N TRP D 156 61.04 -0.40 -5.41
CA TRP D 156 62.48 -0.62 -5.34
C TRP D 156 63.20 0.60 -5.87
N ASN D 157 64.29 0.95 -5.20
CA ASN D 157 65.15 2.05 -5.63
C ASN D 157 64.32 3.30 -5.90
N SER D 158 63.32 3.55 -5.05
CA SER D 158 62.61 4.81 -5.04
C SER D 158 61.88 5.05 -6.36
N GLY D 159 61.38 3.98 -6.95
CA GLY D 159 60.54 4.07 -8.12
C GLY D 159 61.26 4.04 -9.44
N ALA D 160 62.50 3.58 -9.48
CA ALA D 160 63.25 3.43 -10.72
C ALA D 160 63.32 1.99 -11.19
N LEU D 161 63.30 1.04 -10.28
CA LEU D 161 63.58 -0.36 -10.60
C LEU D 161 62.27 -1.11 -10.86
N THR D 162 61.70 -0.84 -12.02
CA THR D 162 60.50 -1.53 -12.48
C THR D 162 60.82 -2.78 -13.30
N SER D 163 62.09 -3.00 -13.63
CA SER D 163 62.45 -4.15 -14.46
C SER D 163 62.45 -5.43 -13.64
N GLY D 164 61.81 -6.47 -14.17
CA GLY D 164 61.84 -7.77 -13.52
C GLY D 164 61.33 -7.74 -12.10
N VAL D 165 60.48 -6.79 -11.77
CA VAL D 165 60.00 -6.60 -10.41
C VAL D 165 58.73 -7.41 -10.21
N HIS D 166 58.66 -8.11 -9.07
CA HIS D 166 57.58 -9.03 -8.76
C HIS D 166 57.11 -8.72 -7.34
N THR D 167 55.94 -8.10 -7.21
CA THR D 167 55.36 -7.82 -5.90
C THR D 167 54.34 -8.92 -5.60
N PHE D 168 54.79 -9.95 -4.89
CA PHE D 168 53.87 -10.99 -4.49
C PHE D 168 52.79 -10.40 -3.60
N PRO D 169 51.56 -10.86 -3.74
CA PRO D 169 50.52 -10.48 -2.79
C PRO D 169 50.74 -11.13 -1.44
N ALA D 170 50.14 -10.51 -0.43
CA ALA D 170 50.34 -10.92 0.94
C ALA D 170 49.47 -12.10 1.30
N VAL D 171 49.81 -12.72 2.43
CA VAL D 171 49.05 -13.82 3.01
C VAL D 171 48.67 -13.44 4.42
N LEU D 172 47.57 -14.00 4.90
CA LEU D 172 47.11 -13.76 6.25
C LEU D 172 47.64 -14.87 7.15
N GLN D 173 48.43 -14.48 8.14
CA GLN D 173 49.01 -15.43 9.08
C GLN D 173 48.06 -15.72 10.23
N SER D 174 48.23 -16.90 10.82
CA SER D 174 47.47 -17.23 12.03
C SER D 174 47.73 -16.22 13.13
N SER D 175 48.85 -15.52 13.07
CA SER D 175 49.18 -14.46 14.00
C SER D 175 48.22 -13.27 13.88
N GLY D 176 47.34 -13.27 12.89
CA GLY D 176 46.44 -12.15 12.67
C GLY D 176 47.05 -11.01 11.90
N LEU D 177 48.23 -11.21 11.32
CA LEU D 177 48.94 -10.19 10.58
C LEU D 177 49.13 -10.64 9.13
N TYR D 178 49.64 -9.74 8.32
CA TYR D 178 49.99 -10.03 6.94
C TYR D 178 51.50 -10.10 6.79
N SER D 179 51.92 -10.62 5.64
CA SER D 179 53.32 -10.60 5.24
C SER D 179 53.39 -10.90 3.76
N LEU D 180 54.40 -10.34 3.11
CA LEU D 180 54.58 -10.56 1.69
C LEU D 180 56.05 -10.43 1.34
N SER D 181 56.34 -10.57 0.06
CA SER D 181 57.70 -10.47 -0.46
C SER D 181 57.68 -9.74 -1.79
N SER D 182 58.61 -8.82 -1.94
CA SER D 182 58.92 -8.19 -3.20
C SER D 182 60.23 -8.77 -3.71
N VAL D 183 60.34 -8.97 -5.01
CA VAL D 183 61.51 -9.60 -5.61
C VAL D 183 61.87 -8.87 -6.89
N VAL D 184 63.14 -8.99 -7.27
CA VAL D 184 63.58 -8.46 -8.55
C VAL D 184 64.51 -9.48 -9.20
N THR D 185 64.15 -9.88 -10.42
CA THR D 185 65.02 -10.66 -11.27
C THR D 185 66.05 -9.73 -11.89
N VAL D 186 67.32 -10.13 -11.86
CA VAL D 186 68.39 -9.25 -12.30
C VAL D 186 69.51 -10.07 -12.90
N PRO D 187 70.35 -9.44 -13.72
CA PRO D 187 71.64 -10.03 -14.04
C PRO D 187 72.55 -9.96 -12.83
N SER D 188 73.41 -10.96 -12.70
CA SER D 188 74.27 -11.04 -11.52
C SER D 188 75.48 -10.12 -11.60
N SER D 189 75.93 -9.78 -12.80
CA SER D 189 77.13 -8.98 -12.94
C SER D 189 76.97 -7.61 -12.32
N SER D 190 75.85 -6.93 -12.59
CA SER D 190 75.65 -5.61 -12.01
C SER D 190 75.48 -5.68 -10.50
N LEU D 191 74.97 -6.79 -9.99
CA LEU D 191 74.79 -6.95 -8.55
C LEU D 191 76.13 -6.93 -7.85
N GLY D 192 76.19 -6.23 -6.72
CA GLY D 192 77.41 -6.01 -5.98
C GLY D 192 78.07 -4.69 -6.32
N THR D 193 78.04 -4.31 -7.60
CA THR D 193 78.44 -2.97 -8.02
C THR D 193 77.29 -1.99 -7.85
N GLN D 194 76.12 -2.36 -8.37
CA GLN D 194 74.94 -1.54 -8.20
C GLN D 194 74.45 -1.63 -6.76
N THR D 195 73.74 -0.59 -6.32
CA THR D 195 73.17 -0.53 -4.99
C THR D 195 71.64 -0.51 -5.10
N TYR D 196 71.00 -1.49 -4.48
CA TYR D 196 69.56 -1.65 -4.55
C TYR D 196 68.95 -1.45 -3.18
N ILE D 197 67.80 -0.76 -3.15
CA ILE D 197 67.12 -0.46 -1.90
C ILE D 197 65.64 -0.72 -2.08
N CYS D 198 65.12 -1.67 -1.29
CA CYS D 198 63.68 -1.86 -1.17
C CYS D 198 63.06 -0.72 -0.39
N ASN D 199 61.83 -0.37 -0.73
CA ASN D 199 61.10 0.66 0.01
C ASN D 199 59.65 0.27 0.09
N VAL D 200 58.98 0.77 1.13
CA VAL D 200 57.63 0.33 1.45
C VAL D 200 56.88 1.47 2.11
N ASN D 201 55.56 1.49 1.90
CA ASN D 201 54.69 2.49 2.47
C ASN D 201 53.42 1.82 2.98
N HIS D 202 53.02 2.21 4.19
CA HIS D 202 51.83 1.70 4.87
C HIS D 202 51.09 2.93 5.38
N LYS D 203 50.18 3.44 4.56
CA LYS D 203 49.48 4.67 4.91
C LYS D 203 48.70 4.56 6.20
N PRO D 204 47.96 3.47 6.46
CA PRO D 204 47.18 3.41 7.70
C PRO D 204 48.02 3.66 8.95
N SER D 205 49.25 3.17 8.97
CA SER D 205 50.19 3.49 10.04
C SER D 205 51.03 4.71 9.72
N ASN D 206 50.78 5.35 8.57
CA ASN D 206 51.52 6.54 8.16
C ASN D 206 53.02 6.26 8.20
N THR D 207 53.41 5.08 7.76
CA THR D 207 54.75 4.54 8.02
C THR D 207 55.42 4.15 6.71
N LYS D 208 56.56 4.76 6.42
CA LYS D 208 57.37 4.40 5.27
C LYS D 208 58.74 3.95 5.72
N VAL D 209 59.31 3.01 4.98
CA VAL D 209 60.57 2.38 5.35
C VAL D 209 61.40 2.16 4.09
N ASP D 210 62.71 2.34 4.25
CA ASP D 210 63.68 1.97 3.24
C ASP D 210 64.62 0.92 3.83
N LYS D 211 65.13 0.06 2.96
CA LYS D 211 65.98 -1.04 3.41
C LYS D 211 66.88 -1.46 2.26
N LYS D 212 68.17 -1.18 2.40
CA LYS D 212 69.12 -1.58 1.38
C LYS D 212 69.28 -3.10 1.36
N VAL D 213 69.60 -3.63 0.18
CA VAL D 213 69.83 -5.05 0.01
C VAL D 213 71.09 -5.24 -0.82
N GLU D 214 71.96 -6.13 -0.36
CA GLU D 214 73.25 -6.35 -0.99
C GLU D 214 73.67 -7.78 -0.73
N PRO D 215 74.66 -8.29 -1.49
CA PRO D 215 75.15 -9.66 -1.28
C PRO D 215 75.67 -9.89 0.14
N GLN E 1 28.14 18.35 12.33
CA GLN E 1 27.27 18.32 13.54
C GLN E 1 25.83 18.07 13.17
N VAL E 2 25.21 17.15 13.89
CA VAL E 2 23.78 16.94 13.75
C VAL E 2 23.03 18.09 14.39
N GLN E 3 21.94 18.50 13.76
CA GLN E 3 21.19 19.62 14.30
C GLN E 3 19.94 19.83 13.48
N LEU E 4 18.98 20.52 14.10
CA LEU E 4 17.83 21.08 13.44
C LEU E 4 17.78 22.56 13.74
N VAL E 5 17.49 23.35 12.72
CA VAL E 5 17.43 24.80 12.85
C VAL E 5 16.10 25.26 12.29
N GLN E 6 15.45 26.19 12.99
CA GLN E 6 14.08 26.52 12.70
C GLN E 6 13.94 27.98 12.29
N SER E 7 12.88 28.23 11.53
CA SER E 7 12.63 29.58 11.05
C SER E 7 12.37 30.52 12.20
N GLY E 8 12.76 31.77 12.01
CA GLY E 8 12.76 32.73 13.08
C GLY E 8 11.37 32.99 13.61
N ALA E 9 11.34 33.65 14.77
CA ALA E 9 10.09 33.93 15.43
C ALA E 9 9.24 34.86 14.57
N GLU E 10 7.95 34.85 14.83
CA GLU E 10 7.05 35.65 14.01
C GLU E 10 5.71 35.82 14.72
N VAL E 11 4.96 36.78 14.19
CA VAL E 11 3.63 37.08 14.68
C VAL E 11 2.64 36.75 13.59
N LYS E 12 1.39 36.60 14.00
CA LYS E 12 0.32 36.36 13.05
C LYS E 12 -0.99 36.85 13.65
N LYS E 13 -1.85 37.32 12.79
CA LYS E 13 -3.17 37.76 13.21
C LYS E 13 -4.06 36.56 13.50
N PRO E 14 -4.98 36.68 14.45
CA PRO E 14 -5.95 35.61 14.67
C PRO E 14 -6.76 35.34 13.41
N GLY E 15 -6.99 34.07 13.14
CA GLY E 15 -7.62 33.64 11.92
C GLY E 15 -6.67 33.44 10.77
N ALA E 16 -5.40 33.81 10.92
CA ALA E 16 -4.41 33.64 9.87
C ALA E 16 -3.73 32.30 10.01
N SER E 17 -2.65 32.09 9.26
CA SER E 17 -1.93 30.84 9.26
C SER E 17 -0.44 31.10 9.29
N VAL E 18 0.29 30.12 9.79
CA VAL E 18 1.72 30.23 10.05
C VAL E 18 2.40 28.98 9.52
N LYS E 19 3.58 29.16 8.93
CA LYS E 19 4.40 28.05 8.46
C LYS E 19 5.75 28.12 9.16
N VAL E 20 6.05 27.10 9.91
CA VAL E 20 7.32 26.96 10.61
C VAL E 20 8.16 25.95 9.87
N SER E 21 9.47 26.17 9.86
CA SER E 21 10.38 25.33 9.12
C SER E 21 11.43 24.75 10.05
N CYS E 22 11.85 23.53 9.73
CA CYS E 22 12.87 22.80 10.49
C CYS E 22 13.82 22.21 9.47
N LYS E 23 14.98 22.82 9.31
CA LYS E 23 15.99 22.34 8.39
C LYS E 23 16.98 21.48 9.16
N ALA E 24 17.16 20.26 8.70
CA ALA E 24 18.03 19.31 9.35
C ALA E 24 19.42 19.38 8.77
N SER E 25 20.38 18.85 9.52
CA SER E 25 21.76 18.86 9.10
C SER E 25 22.49 17.77 9.85
N GLY E 26 23.44 17.15 9.17
CA GLY E 26 24.33 16.22 9.78
C GLY E 26 23.84 14.79 9.85
N TYR E 27 22.69 14.48 9.27
CA TYR E 27 22.17 13.13 9.33
C TYR E 27 21.24 12.89 8.15
N THR E 28 21.01 11.62 7.87
CA THR E 28 20.12 11.24 6.78
C THR E 28 18.69 11.62 7.15
N PHE E 29 18.20 12.67 6.51
CA PHE E 29 16.95 13.29 6.93
C PHE E 29 15.79 12.31 6.88
N THR E 30 15.83 11.37 5.95
CA THR E 30 14.68 10.52 5.71
C THR E 30 14.55 9.40 6.73
N GLY E 31 15.63 9.07 7.44
CA GLY E 31 15.62 7.87 8.23
C GLY E 31 14.98 8.01 9.59
N TYR E 32 14.90 9.23 10.10
CA TYR E 32 14.41 9.50 11.44
C TYR E 32 13.15 10.32 11.34
N TYR E 33 12.09 9.86 11.99
CA TYR E 33 10.85 10.62 12.02
C TYR E 33 11.12 12.02 12.54
N ILE E 34 10.17 12.92 12.35
CA ILE E 34 10.27 14.25 12.90
C ILE E 34 8.95 14.62 13.55
N HIS E 35 8.99 14.99 14.80
CA HIS E 35 7.83 15.42 15.54
C HIS E 35 7.85 16.92 15.70
N TRP E 36 6.68 17.48 15.92
CA TRP E 36 6.53 18.88 16.22
C TRP E 36 5.89 19.02 17.58
N VAL E 37 6.48 19.86 18.41
CA VAL E 37 6.03 20.06 19.78
C VAL E 37 5.80 21.54 19.99
N ARG E 38 4.98 21.86 20.97
CA ARG E 38 4.76 23.25 21.30
C ARG E 38 4.69 23.42 22.80
N GLN E 39 5.02 24.62 23.23
CA GLN E 39 5.10 24.98 24.64
C GLN E 39 4.54 26.38 24.78
N ALA E 40 3.36 26.49 25.36
CA ALA E 40 2.78 27.79 25.63
C ALA E 40 3.65 28.54 26.65
N PRO E 41 3.67 29.86 26.59
CA PRO E 41 4.62 30.61 27.42
C PRO E 41 4.41 30.35 28.90
N GLY E 42 5.46 29.95 29.57
CA GLY E 42 5.39 29.61 30.98
C GLY E 42 4.57 28.39 31.29
N GLN E 43 4.18 27.63 30.27
CA GLN E 43 3.40 26.41 30.43
C GLN E 43 4.24 25.22 30.05
N GLY E 44 3.60 24.05 30.02
CA GLY E 44 4.27 22.81 29.72
C GLY E 44 4.14 22.42 28.26
N LEU E 45 4.89 21.38 27.89
CA LEU E 45 4.92 20.93 26.52
C LEU E 45 3.64 20.19 26.15
N GLU E 46 3.32 20.21 24.87
CA GLU E 46 2.25 19.42 24.31
C GLU E 46 2.64 19.07 22.89
N TRP E 47 2.25 17.87 22.48
CA TRP E 47 2.78 17.23 21.30
C TRP E 47 1.77 17.31 20.17
N MET E 48 2.24 17.74 19.01
CA MET E 48 1.38 17.99 17.86
C MET E 48 1.23 16.74 17.00
N GLY E 49 2.36 16.25 16.50
CA GLY E 49 2.34 15.08 15.66
C GLY E 49 3.71 14.80 15.11
N TRP E 50 3.77 13.85 14.19
CA TRP E 50 5.01 13.57 13.49
C TRP E 50 4.76 13.39 12.01
N ILE E 51 5.85 13.52 11.28
CA ILE E 51 5.91 13.26 9.86
C ILE E 51 7.08 12.34 9.60
N ASN E 52 6.86 11.36 8.74
CA ASN E 52 7.90 10.47 8.26
C ASN E 52 8.45 11.03 6.97
N PRO E 53 9.58 11.72 7.03
CA PRO E 53 10.06 12.43 5.86
C PRO E 53 10.39 11.53 4.70
N ASN E 54 10.62 10.24 4.96
CA ASN E 54 10.83 9.30 3.88
C ASN E 54 9.59 9.21 3.00
N THR E 55 8.43 9.03 3.62
CA THR E 55 7.18 8.85 2.90
C THR E 55 6.32 10.09 2.86
N GLY E 56 6.56 11.04 3.74
CA GLY E 56 5.67 12.17 3.88
C GLY E 56 4.43 11.86 4.68
N GLY E 57 4.34 10.66 5.23
CA GLY E 57 3.20 10.32 6.04
C GLY E 57 3.23 11.04 7.36
N THR E 58 2.05 11.12 7.97
CA THR E 58 1.88 11.99 9.12
C THR E 58 0.88 11.41 10.10
N VAL E 59 1.09 11.80 11.34
CA VAL E 59 0.13 11.58 12.42
C VAL E 59 0.06 12.89 13.18
N TYR E 60 -1.14 13.26 13.60
CA TYR E 60 -1.31 14.46 14.38
C TYR E 60 -2.18 14.14 15.58
N ALA E 61 -2.03 14.94 16.62
CA ALA E 61 -2.90 14.82 17.77
C ALA E 61 -4.29 15.37 17.45
N GLN E 62 -5.28 14.88 18.19
CA GLN E 62 -6.67 15.21 17.89
C GLN E 62 -6.92 16.71 18.03
N THR E 63 -6.39 17.32 19.07
CA THR E 63 -6.55 18.76 19.26
C THR E 63 -5.78 19.57 18.27
N PHE E 64 -5.16 18.88 17.32
CA PHE E 64 -4.44 19.52 16.23
C PHE E 64 -4.75 18.87 14.89
N GLN E 65 -5.66 17.90 14.85
CA GLN E 65 -5.92 17.18 13.61
C GLN E 65 -6.44 18.10 12.53
N ALA E 66 -7.33 19.01 12.90
CA ALA E 66 -8.09 19.78 11.94
C ALA E 66 -7.30 20.92 11.34
N ARG E 67 -6.19 21.30 11.96
CA ARG E 67 -5.56 22.56 11.65
C ARG E 67 -4.09 22.48 11.31
N VAL E 68 -3.45 21.34 11.50
CA VAL E 68 -2.02 21.22 11.30
C VAL E 68 -1.77 20.47 10.01
N THR E 69 -0.67 20.83 9.35
CA THR E 69 -0.28 20.20 8.10
C THR E 69 1.23 20.12 8.09
N MET E 70 1.76 18.93 8.27
CA MET E 70 3.19 18.70 8.24
C MET E 70 3.61 18.24 6.85
N THR E 71 4.74 18.75 6.38
CA THR E 71 5.26 18.37 5.08
C THR E 71 6.78 18.34 5.15
N ARG E 72 7.40 17.87 4.07
CA ARG E 72 8.84 17.90 3.99
C ARG E 72 9.30 17.98 2.56
N ASP E 73 10.30 18.82 2.33
CA ASP E 73 11.10 18.81 1.12
C ASP E 73 12.37 18.02 1.41
N THR E 74 12.48 16.85 0.78
CA THR E 74 13.64 16.00 1.01
C THR E 74 14.86 16.44 0.25
N SER E 75 14.71 17.29 -0.76
CA SER E 75 15.87 17.78 -1.48
C SER E 75 16.77 18.58 -0.58
N ILE E 76 16.20 19.34 0.33
CA ILE E 76 16.94 20.19 1.26
C ILE E 76 16.70 19.75 2.69
N SER E 77 16.18 18.54 2.89
CA SER E 77 16.04 17.95 4.20
C SER E 77 15.39 18.92 5.17
N THR E 78 14.15 19.27 4.85
CA THR E 78 13.45 20.33 5.54
C THR E 78 12.02 19.91 5.79
N ALA E 79 11.53 20.22 6.97
CA ALA E 79 10.15 19.95 7.34
C ALA E 79 9.41 21.24 7.62
N TYR E 80 8.10 21.20 7.48
CA TYR E 80 7.25 22.36 7.62
C TYR E 80 6.05 21.98 8.45
N MET E 81 5.63 22.86 9.35
CA MET E 81 4.36 22.71 10.03
C MET E 81 3.54 23.93 9.65
N GLU E 82 2.35 23.72 9.13
CA GLU E 82 1.44 24.80 8.81
C GLU E 82 0.26 24.71 9.75
N LEU E 83 0.04 25.78 10.50
CA LEU E 83 -1.10 25.86 11.40
C LEU E 83 -2.02 26.97 10.91
N ILE E 84 -3.27 26.63 10.69
CA ILE E 84 -4.24 27.54 10.11
C ILE E 84 -5.28 27.93 11.16
N ARG E 85 -6.06 28.95 10.84
CA ARG E 85 -7.15 29.40 11.68
C ARG E 85 -6.65 29.60 13.11
N LEU E 86 -5.52 30.30 13.20
CA LEU E 86 -4.89 30.52 14.49
C LEU E 86 -5.84 31.20 15.46
N ARG E 87 -5.81 30.71 16.69
CA ARG E 87 -6.40 31.40 17.82
C ARG E 87 -5.29 31.96 18.70
N SER E 88 -5.70 32.79 19.65
CA SER E 88 -4.72 33.43 20.51
C SER E 88 -3.99 32.42 21.38
N ASP E 89 -4.71 31.42 21.89
CA ASP E 89 -4.09 30.42 22.75
C ASP E 89 -3.09 29.56 22.02
N ASP E 90 -2.89 29.76 20.73
CA ASP E 90 -1.87 29.05 19.98
C ASP E 90 -0.55 29.78 19.96
N THR E 91 -0.44 30.90 20.67
CA THR E 91 0.85 31.54 20.86
C THR E 91 1.74 30.64 21.68
N ALA E 92 2.94 30.38 21.19
CA ALA E 92 3.77 29.39 21.85
C ALA E 92 5.13 29.31 21.18
N VAL E 93 5.99 28.50 21.76
CA VAL E 93 7.24 28.12 21.15
C VAL E 93 7.01 26.78 20.48
N TYR E 94 7.22 26.72 19.17
CA TYR E 94 7.09 25.51 18.39
C TYR E 94 8.49 24.98 18.09
N TYR E 95 8.71 23.71 18.44
CA TYR E 95 9.98 23.05 18.25
C TYR E 95 9.81 21.90 17.29
N CYS E 96 10.87 21.63 16.55
CA CYS E 96 10.97 20.41 15.75
C CYS E 96 11.94 19.48 16.42
N ALA E 97 11.51 18.25 16.62
CA ALA E 97 12.28 17.24 17.33
C ALA E 97 12.52 16.06 16.42
N ARG E 98 13.68 15.44 16.57
CA ARG E 98 14.00 14.23 15.86
C ARG E 98 14.15 13.08 16.83
N GLU E 99 13.68 11.92 16.41
CA GLU E 99 13.78 10.74 17.24
C GLU E 99 15.23 10.31 17.39
N ARG E 100 15.51 9.67 18.52
CA ARG E 100 16.86 9.22 18.79
C ARG E 100 17.20 8.02 17.94
N GLY E 101 16.21 7.32 17.41
CA GLY E 101 16.47 6.15 16.62
C GLY E 101 15.32 5.82 15.70
N THR E 102 15.61 4.93 14.76
CA THR E 102 14.64 4.55 13.76
C THR E 102 13.71 3.46 14.29
N GLY E 103 12.52 3.41 13.70
CA GLY E 103 11.65 2.27 13.86
C GLY E 103 11.01 2.17 15.22
N ALA E 104 11.80 2.13 16.26
CA ALA E 104 11.23 2.02 17.57
C ALA E 104 10.85 3.39 18.10
N PRO E 105 9.75 3.49 18.84
CA PRO E 105 9.33 4.79 19.33
C PRO E 105 10.28 5.34 20.37
N ASP E 106 11.52 5.55 19.99
CA ASP E 106 12.49 6.07 20.92
C ASP E 106 12.21 7.54 21.17
N ALA E 107 13.08 8.17 21.94
CA ALA E 107 12.85 9.51 22.42
C ALA E 107 13.35 10.55 21.44
N PHE E 108 13.13 11.80 21.81
CA PHE E 108 13.58 12.96 21.06
C PHE E 108 14.91 13.43 21.63
N ASN E 109 15.94 13.42 20.82
CA ASN E 109 17.26 13.83 21.26
C ASN E 109 17.78 15.07 20.57
N ILE E 110 17.41 15.29 19.32
CA ILE E 110 17.75 16.50 18.61
C ILE E 110 16.53 17.41 18.63
N TRP E 111 16.74 18.66 18.99
CA TRP E 111 15.66 19.63 19.04
C TRP E 111 16.08 20.88 18.29
N GLY E 112 15.09 21.68 17.99
CA GLY E 112 15.34 22.94 17.34
C GLY E 112 15.47 24.07 18.32
N GLN E 113 15.99 25.18 17.82
CA GLN E 113 16.15 26.35 18.65
C GLN E 113 14.82 26.81 19.20
N GLY E 114 13.73 26.45 18.55
CA GLY E 114 12.43 26.90 18.93
C GLY E 114 12.03 28.17 18.22
N THR E 115 10.84 28.17 17.64
CA THR E 115 10.30 29.30 16.91
C THR E 115 9.13 29.86 17.69
N LEU E 116 9.20 31.14 18.04
CA LEU E 116 8.18 31.76 18.87
C LEU E 116 7.12 32.37 17.96
N VAL E 117 5.92 31.81 18.01
CA VAL E 117 4.79 32.26 17.21
C VAL E 117 3.83 32.97 18.13
N THR E 118 3.64 34.26 17.91
CA THR E 118 2.78 35.08 18.73
C THR E 118 1.54 35.49 17.96
N VAL E 119 0.39 35.35 18.60
CA VAL E 119 -0.90 35.50 17.96
C VAL E 119 -1.72 36.51 18.75
N SER E 120 -1.91 37.70 18.18
CA SER E 120 -2.75 38.70 18.81
C SER E 120 -2.99 39.83 17.82
N GLY E 121 -4.04 40.59 18.11
CA GLY E 121 -4.46 41.69 17.27
C GLY E 121 -3.74 42.99 17.57
N ALA E 122 -2.51 43.13 17.10
CA ALA E 122 -1.77 44.36 17.28
C ALA E 122 -0.88 44.60 16.07
N SER E 123 -0.22 45.76 16.07
CA SER E 123 0.51 46.23 14.91
C SER E 123 1.95 46.58 15.27
N THR E 124 2.63 45.68 15.98
CA THR E 124 4.04 45.85 16.34
C THR E 124 4.30 47.26 16.87
N LYS E 125 3.32 47.78 17.60
CA LYS E 125 3.49 49.05 18.29
C LYS E 125 4.75 49.05 19.13
N GLY E 126 5.53 50.13 19.00
CA GLY E 126 6.81 50.22 19.65
C GLY E 126 6.72 50.64 21.11
N PRO E 127 7.73 50.29 21.89
CA PRO E 127 7.69 50.53 23.33
C PRO E 127 7.88 51.99 23.70
N SER E 128 7.26 52.36 24.82
CA SER E 128 7.54 53.60 25.52
C SER E 128 8.16 53.26 26.87
N VAL E 129 9.31 53.86 27.16
CA VAL E 129 10.14 53.41 28.27
C VAL E 129 10.49 54.59 29.15
N PHE E 130 10.26 54.42 30.44
CA PHE E 130 10.21 55.52 31.41
C PHE E 130 10.98 55.16 32.67
N PRO E 131 11.61 56.13 33.34
CA PRO E 131 12.42 55.81 34.51
C PRO E 131 11.59 55.33 35.69
N LEU E 132 12.27 54.66 36.62
CA LEU E 132 11.75 54.34 37.94
C LEU E 132 12.81 54.88 38.88
N ALA E 133 12.69 56.17 39.18
CA ALA E 133 13.71 56.92 39.88
C ALA E 133 13.65 56.64 41.38
N PRO E 134 14.80 56.45 42.01
CA PRO E 134 14.82 56.34 43.48
C PRO E 134 14.73 57.70 44.14
N SER E 135 14.70 57.67 45.47
CA SER E 135 14.66 58.89 46.27
C SER E 135 15.53 58.80 47.51
N GLY E 136 16.26 57.71 47.71
CA GLY E 136 17.06 57.52 48.91
C GLY E 136 17.93 56.30 48.82
N THR E 137 18.11 55.59 49.94
CA THR E 137 18.93 54.38 49.96
C THR E 137 18.09 53.22 49.45
N ALA E 138 18.24 52.90 48.16
CA ALA E 138 17.45 51.87 47.50
C ALA E 138 18.09 51.59 46.13
N ALA E 139 17.41 50.75 45.36
CA ALA E 139 17.85 50.40 44.01
C ALA E 139 17.26 51.40 43.03
N LEU E 140 17.36 51.12 41.73
CA LEU E 140 16.77 51.98 40.71
C LEU E 140 16.13 51.11 39.64
N GLY E 141 15.36 51.73 38.76
CA GLY E 141 14.76 50.93 37.71
C GLY E 141 14.34 51.69 36.48
N CYS E 142 13.71 50.95 35.58
CA CYS E 142 13.31 51.39 34.26
C CYS E 142 12.13 50.52 33.85
N LEU E 143 11.15 51.12 33.19
CA LEU E 143 9.95 50.42 32.82
C LEU E 143 9.77 50.48 31.32
N VAL E 144 9.28 49.38 30.77
CA VAL E 144 8.89 49.27 29.38
C VAL E 144 7.40 49.05 29.35
N LYS E 145 6.67 49.88 28.60
CA LYS E 145 5.22 49.93 28.72
C LYS E 145 4.58 49.68 27.37
N ASP E 146 3.61 48.77 27.36
CA ASP E 146 2.67 48.60 26.26
C ASP E 146 3.38 48.58 24.91
N TYR E 147 4.18 47.53 24.74
CA TYR E 147 4.93 47.30 23.52
C TYR E 147 4.58 45.95 22.94
N PHE E 148 4.85 45.80 21.65
CA PHE E 148 4.51 44.58 20.95
C PHE E 148 5.23 44.57 19.62
N PRO E 149 5.67 43.40 19.13
CA PRO E 149 5.62 42.14 19.84
C PRO E 149 6.93 41.86 20.55
N GLU E 150 6.91 40.83 21.39
CA GLU E 150 8.15 40.34 21.95
C GLU E 150 9.03 39.81 20.83
N PRO E 151 10.35 39.75 21.04
CA PRO E 151 11.06 40.10 22.26
C PRO E 151 11.69 41.47 22.22
N VAL E 152 11.51 42.23 23.31
CA VAL E 152 12.30 43.42 23.54
C VAL E 152 13.52 43.00 24.34
N THR E 153 14.54 43.84 24.38
CA THR E 153 15.69 43.62 25.22
C THR E 153 16.05 44.92 25.91
N VAL E 154 16.64 44.81 27.08
CA VAL E 154 16.98 45.98 27.89
C VAL E 154 18.34 45.77 28.53
N SER E 155 19.06 46.88 28.67
CA SER E 155 20.35 46.90 29.33
C SER E 155 20.50 48.24 30.02
N TRP E 156 21.67 48.45 30.62
CA TRP E 156 21.91 49.65 31.41
C TRP E 156 23.28 50.22 31.07
N ASN E 157 23.34 51.54 30.99
CA ASN E 157 24.60 52.24 30.75
C ASN E 157 25.34 51.63 29.57
N SER E 158 24.59 51.28 28.52
CA SER E 158 25.18 50.91 27.24
C SER E 158 26.06 49.67 27.37
N GLY E 159 25.65 48.75 28.24
CA GLY E 159 26.29 47.47 28.33
C GLY E 159 27.43 47.39 29.32
N ALA E 160 27.54 48.33 30.25
CA ALA E 160 28.55 48.30 31.29
C ALA E 160 27.99 47.86 32.63
N LEU E 161 26.73 48.13 32.90
CA LEU E 161 26.16 47.94 34.23
C LEU E 161 25.48 46.58 34.33
N THR E 162 26.32 45.55 34.42
CA THR E 162 25.84 44.19 34.62
C THR E 162 25.74 43.80 36.10
N SER E 163 26.20 44.67 37.00
CA SER E 163 26.18 44.33 38.41
C SER E 163 24.78 44.52 38.98
N GLY E 164 24.30 43.52 39.72
CA GLY E 164 23.03 43.64 40.41
C GLY E 164 21.88 43.94 39.47
N VAL E 165 21.99 43.57 38.21
CA VAL E 165 21.00 43.90 37.20
C VAL E 165 19.96 42.79 37.13
N HIS E 166 18.69 43.18 37.09
CA HIS E 166 17.57 42.26 37.13
C HIS E 166 16.62 42.64 36.01
N THR E 167 16.57 41.84 34.95
CA THR E 167 15.63 42.06 33.85
C THR E 167 14.42 41.17 34.08
N PHE E 168 13.39 41.72 34.72
CA PHE E 168 12.18 40.96 34.88
C PHE E 168 11.59 40.62 33.52
N PRO E 169 11.04 39.42 33.37
CA PRO E 169 10.30 39.10 32.16
C PRO E 169 8.99 39.86 32.10
N ALA E 170 8.48 39.99 30.88
CA ALA E 170 7.30 40.78 30.62
C ALA E 170 6.02 40.02 30.94
N VAL E 171 4.94 40.76 31.02
CA VAL E 171 3.60 40.22 31.23
C VAL E 171 2.72 40.69 30.08
N LEU E 172 1.70 39.91 29.78
CA LEU E 172 0.75 40.26 28.74
C LEU E 172 -0.44 40.96 29.39
N GLN E 173 -0.68 42.20 28.98
CA GLN E 173 -1.76 42.99 29.51
C GLN E 173 -3.05 42.72 28.74
N SER E 174 -4.18 42.96 29.41
CA SER E 174 -5.47 42.87 28.75
C SER E 174 -5.55 43.84 27.58
N SER E 175 -4.71 44.87 27.60
CA SER E 175 -4.62 45.81 26.49
C SER E 175 -4.06 45.18 25.23
N GLY E 176 -3.62 43.93 25.30
CA GLY E 176 -3.01 43.26 24.16
C GLY E 176 -1.56 43.59 23.95
N LEU E 177 -0.92 44.25 24.91
CA LEU E 177 0.46 44.65 24.83
C LEU E 177 1.26 43.99 25.93
N TYR E 178 2.57 44.17 25.87
CA TYR E 178 3.47 43.71 26.92
C TYR E 178 3.97 44.89 27.74
N SER E 179 4.60 44.55 28.86
CA SER E 179 5.30 45.53 29.68
C SER E 179 6.20 44.78 30.63
N LEU E 180 7.32 45.41 30.99
CA LEU E 180 8.23 44.79 31.93
C LEU E 180 9.01 45.87 32.65
N SER E 181 9.92 45.44 33.50
CA SER E 181 10.75 46.33 34.29
C SER E 181 12.16 45.77 34.37
N SER E 182 13.14 46.64 34.19
CA SER E 182 14.53 46.37 34.46
C SER E 182 14.90 47.11 35.73
N VAL E 183 15.75 46.50 36.55
CA VAL E 183 16.11 47.07 37.84
C VAL E 183 17.59 46.86 38.07
N VAL E 184 18.17 47.70 38.91
CA VAL E 184 19.55 47.51 39.34
C VAL E 184 19.64 47.77 40.83
N THR E 185 20.14 46.78 41.56
CA THR E 185 20.53 46.93 42.95
C THR E 185 21.87 47.64 43.01
N VAL E 186 21.96 48.66 43.87
CA VAL E 186 23.15 49.50 43.91
C VAL E 186 23.39 49.99 45.32
N PRO E 187 24.62 50.38 45.63
CA PRO E 187 24.86 51.20 46.81
C PRO E 187 24.31 52.59 46.58
N SER E 188 23.84 53.20 47.66
CA SER E 188 23.19 54.50 47.55
C SER E 188 24.19 55.65 47.45
N SER E 189 25.41 55.47 47.97
CA SER E 189 26.37 56.56 47.99
C SER E 189 26.74 57.00 46.58
N SER E 190 27.03 56.04 45.69
CA SER E 190 27.40 56.41 44.33
C SER E 190 26.23 57.03 43.59
N LEU E 191 25.00 56.65 43.94
CA LEU E 191 23.82 57.21 43.30
C LEU E 191 23.73 58.70 43.55
N GLY E 192 23.38 59.46 42.51
CA GLY E 192 23.36 60.89 42.55
C GLY E 192 24.64 61.51 42.02
N THR E 193 25.78 60.90 42.33
CA THR E 193 27.04 61.28 41.71
C THR E 193 27.20 60.57 40.37
N GLN E 194 27.00 59.26 40.35
CA GLN E 194 27.05 58.50 39.12
C GLN E 194 25.81 58.80 38.28
N THR E 195 25.95 58.62 36.98
CA THR E 195 24.87 58.83 36.03
C THR E 195 24.52 57.51 35.38
N TYR E 196 23.26 57.11 35.52
CA TYR E 196 22.78 55.82 35.02
C TYR E 196 21.75 56.04 33.93
N ILE E 197 21.82 55.22 32.88
CA ILE E 197 20.93 55.34 31.75
C ILE E 197 20.44 53.95 31.35
N CYS E 198 19.13 53.75 31.46
CA CYS E 198 18.50 52.57 30.89
C CYS E 198 18.49 52.65 29.38
N ASN E 199 18.57 51.51 28.71
CA ASN E 199 18.49 51.46 27.26
C ASN E 199 17.76 50.21 26.85
N VAL E 200 17.13 50.27 25.67
CA VAL E 200 16.22 49.23 25.24
C VAL E 200 16.24 49.13 23.72
N ASN E 201 16.03 47.92 23.21
CA ASN E 201 15.99 47.66 21.79
C ASN E 201 14.83 46.74 21.47
N HIS E 202 14.10 47.09 20.42
CA HIS E 202 12.94 46.34 19.94
C HIS E 202 13.14 46.20 18.44
N LYS E 203 13.78 45.12 18.04
CA LYS E 203 14.11 44.93 16.63
C LYS E 203 12.88 44.91 15.73
N PRO E 204 11.78 44.23 16.09
CA PRO E 204 10.62 44.20 15.19
C PRO E 204 10.14 45.58 14.78
N SER E 205 10.18 46.54 15.69
CA SER E 205 9.90 47.93 15.37
C SER E 205 11.15 48.69 14.99
N ASN E 206 12.29 48.02 14.95
CA ASN E 206 13.56 48.64 14.59
C ASN E 206 13.81 49.87 15.45
N THR E 207 13.49 49.76 16.74
CA THR E 207 13.36 50.92 17.62
C THR E 207 14.24 50.74 18.84
N LYS E 208 15.17 51.67 19.04
CA LYS E 208 16.00 51.69 20.24
C LYS E 208 15.80 53.00 20.98
N VAL E 209 15.90 52.92 22.29
CA VAL E 209 15.61 54.04 23.17
C VAL E 209 16.61 54.08 24.31
N ASP E 210 17.01 55.28 24.70
CA ASP E 210 17.78 55.52 25.90
C ASP E 210 16.97 56.42 26.83
N LYS E 211 17.19 56.25 28.12
CA LYS E 211 16.43 56.99 29.13
C LYS E 211 17.25 57.08 30.40
N LYS E 212 17.71 58.28 30.71
CA LYS E 212 18.46 58.50 31.93
C LYS E 212 17.57 58.33 33.15
N VAL E 213 18.17 57.91 34.26
CA VAL E 213 17.44 57.75 35.51
C VAL E 213 18.29 58.35 36.63
N GLU E 214 17.66 59.16 37.47
CA GLU E 214 18.36 59.88 38.52
C GLU E 214 17.38 60.11 39.66
N PRO E 215 17.89 60.46 40.85
CA PRO E 215 17.02 60.73 42.01
C PRO E 215 16.02 61.85 41.74
N GLN F 1 11.14 33.31 -6.91
CA GLN F 1 10.01 33.19 -7.85
C GLN F 1 9.69 31.74 -8.15
N VAL F 2 8.39 31.42 -8.08
CA VAL F 2 7.93 30.11 -8.50
C VAL F 2 8.00 30.01 -10.01
N GLN F 3 8.37 28.85 -10.51
CA GLN F 3 8.49 28.70 -11.95
C GLN F 3 8.84 27.27 -12.30
N LEU F 4 8.54 26.91 -13.54
CA LEU F 4 9.03 25.71 -14.16
C LEU F 4 9.75 26.09 -15.45
N VAL F 5 10.89 25.47 -15.69
CA VAL F 5 11.70 25.75 -16.86
C VAL F 5 12.00 24.44 -17.55
N GLN F 6 11.89 24.42 -18.87
CA GLN F 6 11.91 23.18 -19.60
C GLN F 6 13.08 23.12 -20.56
N SER F 7 13.47 21.90 -20.87
CA SER F 7 14.60 21.67 -21.76
C SER F 7 14.30 22.22 -23.15
N GLY F 8 15.34 22.68 -23.81
CA GLY F 8 15.18 23.40 -25.05
C GLY F 8 14.56 22.54 -26.13
N ALA F 9 14.14 23.24 -27.19
CA ALA F 9 13.48 22.58 -28.30
C ALA F 9 14.43 21.60 -28.96
N GLU F 10 13.86 20.63 -29.67
CA GLU F 10 14.68 19.61 -30.28
C GLU F 10 13.90 18.88 -31.35
N VAL F 11 14.65 18.15 -32.17
CA VAL F 11 14.10 17.35 -33.23
C VAL F 11 14.38 15.89 -32.91
N LYS F 12 13.63 15.02 -33.56
CA LYS F 12 13.84 13.59 -33.42
C LYS F 12 13.33 12.89 -34.66
N LYS F 13 13.99 11.81 -35.00
CA LYS F 13 13.57 11.00 -36.12
C LYS F 13 12.35 10.17 -35.77
N PRO F 14 11.47 9.91 -36.73
CA PRO F 14 10.35 9.01 -36.47
C PRO F 14 10.84 7.65 -36.04
N GLY F 15 10.15 7.08 -35.06
CA GLY F 15 10.58 5.84 -34.44
C GLY F 15 11.54 6.02 -33.30
N ALA F 16 12.05 7.24 -33.08
CA ALA F 16 13.00 7.50 -32.00
C ALA F 16 12.23 7.89 -30.74
N SER F 17 12.97 8.39 -29.75
CA SER F 17 12.38 8.76 -28.47
C SER F 17 12.97 10.07 -28.01
N VAL F 18 12.19 10.77 -27.18
CA VAL F 18 12.51 12.11 -26.73
C VAL F 18 12.30 12.19 -25.23
N LYS F 19 13.18 12.91 -24.55
CA LYS F 19 13.05 13.16 -23.12
C LYS F 19 12.99 14.66 -22.89
N VAL F 20 11.89 15.11 -22.34
CA VAL F 20 11.69 16.51 -22.01
C VAL F 20 11.82 16.65 -20.51
N SER F 21 12.35 17.78 -20.07
CA SER F 21 12.63 18.03 -18.67
C SER F 21 11.89 19.27 -18.20
N CYS F 22 11.47 19.24 -16.95
CA CYS F 22 10.77 20.35 -16.30
C CYS F 22 11.40 20.52 -14.93
N LYS F 23 12.24 21.53 -14.79
CA LYS F 23 12.89 21.82 -13.52
C LYS F 23 12.10 22.88 -12.80
N ALA F 24 11.70 22.57 -11.59
CA ALA F 24 10.89 23.46 -10.79
C ALA F 24 11.77 24.35 -9.93
N SER F 25 11.17 25.43 -9.46
CA SER F 25 11.89 26.39 -8.64
C SER F 25 10.88 27.19 -7.84
N GLY F 26 11.25 27.52 -6.62
CA GLY F 26 10.47 28.42 -5.81
C GLY F 26 9.39 27.78 -4.99
N TYR F 27 9.27 26.45 -5.01
CA TYR F 27 8.22 25.80 -4.25
C TYR F 27 8.63 24.38 -3.93
N THR F 28 7.95 23.80 -2.95
CA THR F 28 8.23 22.43 -2.55
C THR F 28 7.78 21.49 -3.65
N PHE F 29 8.75 20.94 -4.36
CA PHE F 29 8.48 20.23 -5.60
C PHE F 29 7.56 19.04 -5.37
N THR F 30 7.63 18.43 -4.20
CA THR F 30 6.93 17.18 -3.97
C THR F 30 5.45 17.38 -3.67
N GLY F 31 5.06 18.59 -3.27
CA GLY F 31 3.72 18.77 -2.75
C GLY F 31 2.65 18.95 -3.80
N TYR F 32 3.04 19.37 -5.00
CA TYR F 32 2.11 19.69 -6.06
C TYR F 32 2.32 18.73 -7.21
N TYR F 33 1.26 18.09 -7.66
CA TYR F 33 1.35 17.21 -8.81
C TYR F 33 1.95 17.94 -9.98
N ILE F 34 2.37 17.22 -11.00
CA ILE F 34 2.85 17.83 -12.22
C ILE F 34 2.24 17.11 -13.40
N HIS F 35 1.59 17.86 -14.27
CA HIS F 35 1.00 17.34 -15.47
C HIS F 35 1.84 17.71 -16.66
N TRP F 36 1.69 16.95 -17.72
CA TRP F 36 2.32 17.23 -18.99
C TRP F 36 1.24 17.41 -20.02
N VAL F 37 1.36 18.48 -20.79
CA VAL F 37 0.37 18.84 -21.80
C VAL F 37 1.10 19.02 -23.11
N ARG F 38 0.35 18.89 -24.20
CA ARG F 38 0.93 19.13 -25.50
C ARG F 38 -0.06 19.87 -26.38
N GLN F 39 0.51 20.59 -27.33
CA GLN F 39 -0.25 21.43 -28.25
C GLN F 39 0.37 21.29 -29.61
N ALA F 40 -0.33 20.62 -30.52
CA ALA F 40 0.15 20.52 -31.88
C ALA F 40 0.14 21.89 -32.53
N PRO F 41 1.03 22.13 -33.49
CA PRO F 41 1.20 23.48 -34.03
C PRO F 41 -0.09 24.00 -34.64
N GLY F 42 -0.52 25.17 -34.17
CA GLY F 42 -1.76 25.76 -34.63
C GLY F 42 -2.99 25.00 -34.23
N GLN F 43 -2.86 24.02 -33.36
CA GLN F 43 -3.98 23.22 -32.87
C GLN F 43 -4.22 23.52 -31.40
N GLY F 44 -5.13 22.75 -30.80
CA GLY F 44 -5.50 22.93 -29.43
C GLY F 44 -4.74 22.01 -28.49
N LEU F 45 -4.92 22.26 -27.20
CA LEU F 45 -4.21 21.50 -26.19
C LEU F 45 -4.81 20.11 -26.03
N GLU F 46 -3.97 19.19 -25.59
CA GLU F 46 -4.38 17.85 -25.20
C GLU F 46 -3.48 17.39 -24.08
N TRP F 47 -4.06 16.64 -23.17
CA TRP F 47 -3.48 16.36 -21.88
C TRP F 47 -2.91 14.96 -21.86
N MET F 48 -1.67 14.84 -21.41
CA MET F 48 -0.95 13.58 -21.44
C MET F 48 -1.16 12.79 -20.16
N GLY F 49 -0.79 13.38 -19.04
CA GLY F 49 -0.94 12.72 -17.76
C GLY F 49 -0.32 13.55 -16.66
N TRP F 50 -0.23 12.95 -15.48
CA TRP F 50 0.45 13.58 -14.38
C TRP F 50 1.32 12.58 -13.65
N ILE F 51 2.25 13.15 -12.90
CA ILE F 51 3.12 12.43 -11.99
C ILE F 51 3.06 13.12 -10.65
N ASN F 52 2.98 12.31 -9.61
CA ASN F 52 3.07 12.77 -8.24
C ASN F 52 4.51 12.69 -7.78
N PRO F 53 5.24 13.79 -7.82
CA PRO F 53 6.68 13.73 -7.57
C PRO F 53 7.02 13.25 -6.19
N ASN F 54 6.09 13.34 -5.24
CA ASN F 54 6.32 12.79 -3.92
C ASN F 54 6.53 11.28 -4.00
N THR F 55 5.63 10.59 -4.68
CA THR F 55 5.66 9.14 -4.77
C THR F 55 6.23 8.63 -6.07
N GLY F 56 6.28 9.45 -7.11
CA GLY F 56 6.62 8.98 -8.41
C GLY F 56 5.49 8.29 -9.13
N GLY F 57 4.31 8.27 -8.54
CA GLY F 57 3.17 7.66 -9.19
C GLY F 57 2.69 8.50 -10.35
N THR F 58 1.97 7.84 -11.24
CA THR F 58 1.65 8.44 -12.52
C THR F 58 0.28 7.99 -13.01
N VAL F 59 -0.30 8.86 -13.80
CA VAL F 59 -1.48 8.58 -14.59
C VAL F 59 -1.22 9.14 -15.97
N TYR F 60 -1.65 8.42 -16.98
CA TYR F 60 -1.49 8.89 -18.34
C TYR F 60 -2.81 8.71 -19.07
N ALA F 61 -3.00 9.52 -20.10
CA ALA F 61 -4.15 9.34 -20.96
C ALA F 61 -3.98 8.12 -21.84
N GLN F 62 -5.11 7.58 -22.28
CA GLN F 62 -5.10 6.33 -23.02
C GLN F 62 -4.33 6.45 -24.33
N THR F 63 -4.53 7.53 -25.05
CA THR F 63 -3.80 7.76 -26.29
C THR F 63 -2.34 8.06 -26.07
N PHE F 64 -1.92 7.97 -24.81
CA PHE F 64 -0.53 8.12 -24.45
C PHE F 64 -0.07 7.06 -23.46
N GLN F 65 -0.93 6.10 -23.13
CA GLN F 65 -0.58 5.12 -22.10
C GLN F 65 0.63 4.29 -22.52
N ALA F 66 0.67 3.91 -23.79
CA ALA F 66 1.63 2.92 -24.25
C ALA F 66 3.02 3.49 -24.46
N ARG F 67 3.14 4.81 -24.54
CA ARG F 67 4.35 5.42 -25.06
C ARG F 67 4.98 6.45 -24.15
N VAL F 68 4.29 6.89 -23.11
CA VAL F 68 4.79 7.96 -22.26
C VAL F 68 5.31 7.38 -20.96
N THR F 69 6.33 8.02 -20.43
CA THR F 69 6.94 7.61 -19.18
C THR F 69 7.35 8.85 -18.43
N MET F 70 6.62 9.17 -17.37
CA MET F 70 6.92 10.31 -16.54
C MET F 70 7.75 9.87 -15.34
N THR F 71 8.73 10.68 -14.98
CA THR F 71 9.57 10.39 -13.83
C THR F 71 9.95 11.69 -13.16
N ARG F 72 10.62 11.57 -12.01
CA ARG F 72 11.11 12.76 -11.33
C ARG F 72 12.33 12.42 -10.50
N ASP F 73 13.31 13.30 -10.56
CA ASP F 73 14.41 13.35 -9.62
C ASP F 73 14.08 14.42 -8.59
N THR F 74 13.82 13.99 -7.36
CA THR F 74 13.45 14.91 -6.31
C THR F 74 14.64 15.65 -5.71
N SER F 75 15.85 15.14 -5.94
CA SER F 75 17.02 15.84 -5.43
C SER F 75 17.16 17.21 -6.05
N ILE F 76 16.82 17.34 -7.33
CA ILE F 76 16.91 18.58 -8.07
C ILE F 76 15.54 19.04 -8.54
N SER F 77 14.48 18.47 -7.96
CA SER F 77 13.11 18.92 -8.20
C SER F 77 12.85 19.04 -9.69
N THR F 78 12.93 17.90 -10.36
CA THR F 78 12.91 17.86 -11.81
C THR F 78 12.05 16.71 -12.27
N ALA F 79 11.24 16.96 -13.29
CA ALA F 79 10.41 15.93 -13.88
C ALA F 79 10.81 15.70 -15.33
N TYR F 80 10.50 14.52 -15.82
CA TYR F 80 10.88 14.09 -17.15
C TYR F 80 9.69 13.42 -17.81
N MET F 81 9.49 13.70 -19.08
CA MET F 81 8.52 12.94 -19.88
C MET F 81 9.34 12.29 -20.98
N GLU F 82 9.22 10.99 -21.11
CA GLU F 82 9.87 10.25 -22.19
C GLU F 82 8.78 9.73 -23.11
N LEU F 83 8.86 10.11 -24.37
CA LEU F 83 7.93 9.64 -25.39
C LEU F 83 8.72 8.82 -26.39
N ILE F 84 8.28 7.58 -26.61
CA ILE F 84 8.99 6.64 -27.46
C ILE F 84 8.18 6.39 -28.72
N ARG F 85 8.83 5.75 -29.69
CA ARG F 85 8.19 5.35 -30.93
C ARG F 85 7.45 6.53 -31.53
N LEU F 86 8.15 7.66 -31.59
CA LEU F 86 7.57 8.88 -32.08
C LEU F 86 7.02 8.71 -33.49
N ARG F 87 5.85 9.26 -33.70
CA ARG F 87 5.29 9.46 -35.02
C ARG F 87 5.34 10.94 -35.37
N SER F 88 5.08 11.25 -36.63
CA SER F 88 5.16 12.64 -37.08
C SER F 88 4.11 13.50 -36.41
N ASP F 89 2.91 12.98 -36.22
CA ASP F 89 1.83 13.74 -35.61
C ASP F 89 2.10 14.05 -34.14
N ASP F 90 3.22 13.60 -33.60
CA ASP F 90 3.61 13.94 -32.24
C ASP F 90 4.47 15.18 -32.18
N THR F 91 4.70 15.84 -33.30
CA THR F 91 5.36 17.14 -33.29
C THR F 91 4.46 18.15 -32.60
N ALA F 92 5.00 18.86 -31.63
CA ALA F 92 4.14 19.71 -30.84
C ALA F 92 4.98 20.48 -29.83
N VAL F 93 4.29 21.36 -29.10
CA VAL F 93 4.87 22.02 -27.96
C VAL F 93 4.43 21.25 -26.73
N TYR F 94 5.40 20.75 -25.97
CA TYR F 94 5.14 20.02 -24.74
C TYR F 94 5.42 20.94 -23.56
N TYR F 95 4.44 21.07 -22.68
CA TYR F 95 4.53 21.93 -21.53
C TYR F 95 4.43 21.08 -20.27
N CYS F 96 5.11 21.54 -19.23
CA CYS F 96 4.94 20.99 -17.89
C CYS F 96 4.15 21.99 -17.06
N ALA F 97 3.10 21.50 -16.43
CA ALA F 97 2.19 22.32 -15.67
C ALA F 97 2.14 21.84 -14.24
N ARG F 98 1.99 22.78 -13.32
CA ARG F 98 1.83 22.47 -11.92
C ARG F 98 0.44 22.88 -11.45
N GLU F 99 -0.12 22.05 -10.58
CA GLU F 99 -1.43 22.34 -10.07
C GLU F 99 -1.39 23.56 -9.15
N ARG F 100 -2.52 24.26 -9.09
CA ARG F 100 -2.60 25.44 -8.27
C ARG F 100 -2.64 25.09 -6.80
N GLY F 101 -3.00 23.85 -6.47
CA GLY F 101 -3.11 23.45 -5.10
C GLY F 101 -3.01 21.96 -4.94
N THR F 102 -2.81 21.56 -3.68
CA THR F 102 -2.63 20.17 -3.36
C THR F 102 -3.96 19.45 -3.21
N GLY F 103 -3.93 18.15 -3.44
CA GLY F 103 -5.02 17.29 -3.05
C GLY F 103 -6.25 17.42 -3.92
N ALA F 104 -6.77 18.61 -4.02
CA ALA F 104 -7.96 18.77 -4.83
C ALA F 104 -7.58 18.98 -6.29
N PRO F 105 -8.37 18.45 -7.21
CA PRO F 105 -8.01 18.59 -8.62
C PRO F 105 -8.13 20.01 -9.10
N ASP F 106 -7.36 20.90 -8.51
CA ASP F 106 -7.40 22.28 -8.89
C ASP F 106 -6.75 22.45 -10.26
N ALA F 107 -6.63 23.68 -10.70
CA ALA F 107 -6.19 23.98 -12.05
C ALA F 107 -4.68 24.09 -12.13
N PHE F 108 -4.22 24.33 -13.36
CA PHE F 108 -2.82 24.54 -13.64
C PHE F 108 -2.54 26.03 -13.67
N ASN F 109 -1.65 26.48 -12.81
CA ASN F 109 -1.32 27.88 -12.72
C ASN F 109 0.11 28.20 -13.08
N ILE F 110 1.03 27.29 -12.82
CA ILE F 110 2.42 27.44 -13.25
C ILE F 110 2.61 26.59 -14.48
N TRP F 111 3.21 27.17 -15.50
CA TRP F 111 3.47 26.47 -16.74
C TRP F 111 4.92 26.67 -17.13
N GLY F 112 5.35 25.84 -18.04
CA GLY F 112 6.69 25.95 -18.57
C GLY F 112 6.75 26.76 -19.82
N GLN F 113 7.97 27.15 -20.17
CA GLN F 113 8.15 27.92 -21.39
C GLN F 113 7.67 27.17 -22.61
N GLY F 114 7.58 25.85 -22.50
CA GLY F 114 7.21 25.03 -23.62
C GLY F 114 8.41 24.57 -24.42
N THR F 115 8.46 23.28 -24.69
CA THR F 115 9.54 22.65 -25.43
C THR F 115 9.00 22.17 -26.75
N LEU F 116 9.57 22.64 -27.85
CA LEU F 116 9.08 22.31 -29.18
C LEU F 116 9.80 21.08 -29.69
N VAL F 117 9.06 20.00 -29.83
CA VAL F 117 9.58 18.72 -30.30
C VAL F 117 9.09 18.51 -31.71
N THR F 118 10.02 18.47 -32.65
CA THR F 118 9.70 18.33 -34.06
C THR F 118 10.13 16.96 -34.55
N VAL F 119 9.25 16.29 -35.27
CA VAL F 119 9.42 14.90 -35.68
C VAL F 119 9.26 14.81 -37.18
N SER F 120 10.36 14.57 -37.88
CA SER F 120 10.29 14.37 -39.33
C SER F 120 11.64 13.88 -39.81
N GLY F 121 11.61 13.29 -41.00
CA GLY F 121 12.79 12.71 -41.61
C GLY F 121 13.61 13.70 -42.40
N ALA F 122 14.41 14.52 -41.72
CA ALA F 122 15.28 15.46 -42.40
C ALA F 122 16.55 15.63 -41.60
N SER F 123 17.48 16.40 -42.17
CA SER F 123 18.82 16.51 -41.62
C SER F 123 19.21 17.97 -41.42
N THR F 124 18.33 18.73 -40.77
CA THR F 124 18.60 20.14 -40.43
C THR F 124 19.19 20.88 -41.61
N LYS F 125 18.71 20.53 -42.80
CA LYS F 125 19.08 21.25 -44.01
C LYS F 125 18.85 22.74 -43.84
N GLY F 126 19.84 23.53 -44.23
CA GLY F 126 19.83 24.96 -44.04
C GLY F 126 19.02 25.70 -45.09
N PRO F 127 18.55 26.88 -44.74
CA PRO F 127 17.66 27.63 -45.63
C PRO F 127 18.37 28.25 -46.83
N SER F 128 17.62 28.35 -47.91
CA SER F 128 17.99 29.17 -49.06
C SER F 128 17.00 30.33 -49.16
N VAL F 129 17.51 31.56 -49.23
CA VAL F 129 16.68 32.74 -49.03
C VAL F 129 16.89 33.70 -50.20
N PHE F 130 15.79 34.12 -50.80
CA PHE F 130 15.80 34.78 -52.10
C PHE F 130 14.89 36.00 -52.08
N PRO F 131 15.21 37.04 -52.86
CA PRO F 131 14.42 38.27 -52.80
C PRO F 131 13.03 38.08 -53.39
N LEU F 132 12.14 39.00 -53.02
CA LEU F 132 10.83 39.19 -53.64
C LEU F 132 10.81 40.66 -54.01
N ALA F 133 11.38 40.95 -55.18
CA ALA F 133 11.67 42.30 -55.62
C ALA F 133 10.40 42.96 -56.16
N PRO F 134 10.16 44.21 -55.80
CA PRO F 134 9.06 44.96 -56.40
C PRO F 134 9.42 45.47 -57.79
N SER F 135 8.43 46.12 -58.42
CA SER F 135 8.63 46.71 -59.74
C SER F 135 7.95 48.07 -59.86
N GLY F 136 7.33 48.58 -58.80
CA GLY F 136 6.59 49.82 -58.88
C GLY F 136 6.12 50.29 -57.51
N THR F 137 4.93 50.88 -57.44
CA THR F 137 4.39 51.36 -56.16
C THR F 137 3.77 50.17 -55.44
N ALA F 138 4.54 49.59 -54.52
CA ALA F 138 4.12 48.41 -53.77
C ALA F 138 5.11 48.18 -52.64
N ALA F 139 4.92 47.08 -51.92
CA ALA F 139 5.79 46.69 -50.82
C ALA F 139 6.96 45.87 -51.37
N LEU F 140 7.73 45.24 -50.49
CA LEU F 140 8.84 44.39 -50.92
C LEU F 140 8.86 43.15 -50.04
N GLY F 141 9.66 42.16 -50.44
CA GLY F 141 9.73 40.98 -49.61
C GLY F 141 10.96 40.13 -49.78
N CYS F 142 10.95 39.01 -49.07
CA CYS F 142 12.05 38.07 -48.95
C CYS F 142 11.45 36.72 -48.65
N LEU F 143 12.01 35.67 -49.22
CA LEU F 143 11.47 34.34 -49.07
C LEU F 143 12.53 33.44 -48.48
N VAL F 144 12.08 32.54 -47.61
CA VAL F 144 12.91 31.49 -47.03
C VAL F 144 12.33 30.17 -47.53
N LYS F 145 13.17 29.34 -48.12
CA LYS F 145 12.71 28.19 -48.89
C LYS F 145 13.32 26.92 -48.33
N ASP F 146 12.46 25.93 -48.09
CA ASP F 146 12.86 24.55 -47.87
C ASP F 146 14.02 24.46 -46.88
N TYR F 147 13.70 24.84 -45.65
CA TYR F 147 14.66 24.82 -44.56
C TYR F 147 14.12 23.97 -43.42
N PHE F 148 15.02 23.52 -42.56
CA PHE F 148 14.64 22.65 -41.47
C PHE F 148 15.80 22.58 -40.50
N PRO F 149 15.54 22.48 -39.18
CA PRO F 149 14.21 22.57 -38.59
C PRO F 149 13.91 23.97 -38.13
N GLU F 150 12.67 24.21 -37.77
CA GLU F 150 12.31 25.45 -37.11
C GLU F 150 13.04 25.50 -35.77
N PRO F 151 13.23 26.71 -35.23
CA PRO F 151 12.80 28.00 -35.75
C PRO F 151 13.89 28.76 -36.48
N VAL F 152 13.54 29.29 -37.64
CA VAL F 152 14.36 30.30 -38.30
C VAL F 152 13.87 31.66 -37.81
N THR F 153 14.69 32.69 -38.00
CA THR F 153 14.28 34.05 -37.71
C THR F 153 14.73 34.94 -38.85
N VAL F 154 13.98 36.02 -39.06
CA VAL F 154 14.25 36.92 -40.18
C VAL F 154 14.07 38.35 -39.71
N SER F 155 14.88 39.24 -40.29
CA SER F 155 14.80 40.67 -40.02
C SER F 155 15.20 41.39 -41.30
N TRP F 156 15.25 42.72 -41.21
CA TRP F 156 15.53 43.53 -42.37
C TRP F 156 16.53 44.61 -42.02
N ASN F 157 17.45 44.87 -42.94
CA ASN F 157 18.43 45.93 -42.78
C ASN F 157 19.11 45.83 -41.43
N SER F 158 19.41 44.62 -41.00
CA SER F 158 20.27 44.39 -39.84
C SER F 158 19.65 44.97 -38.58
N GLY F 159 18.33 44.89 -38.49
CA GLY F 159 17.63 45.25 -37.27
C GLY F 159 17.21 46.70 -37.17
N ALA F 160 17.18 47.43 -38.28
CA ALA F 160 16.71 48.80 -38.28
C ALA F 160 15.31 48.95 -38.85
N LEU F 161 14.92 48.07 -39.76
CA LEU F 161 13.68 48.23 -40.51
C LEU F 161 12.55 47.46 -39.85
N THR F 162 12.07 48.02 -38.75
CA THR F 162 10.93 47.48 -38.02
C THR F 162 9.61 48.07 -38.50
N SER F 163 9.63 49.08 -39.36
CA SER F 163 8.40 49.72 -39.80
C SER F 163 7.70 48.87 -40.86
N GLY F 164 6.41 48.67 -40.67
CA GLY F 164 5.61 47.96 -41.66
C GLY F 164 6.13 46.57 -41.97
N VAL F 165 6.84 45.96 -41.03
CA VAL F 165 7.47 44.67 -41.24
C VAL F 165 6.50 43.57 -40.85
N HIS F 166 6.41 42.54 -41.69
CA HIS F 166 5.47 41.45 -41.53
C HIS F 166 6.23 40.15 -41.73
N THR F 167 6.47 39.42 -40.64
CA THR F 167 7.12 38.12 -40.70
C THR F 167 6.03 37.05 -40.70
N PHE F 168 5.63 36.61 -41.87
CA PHE F 168 4.66 35.54 -41.94
C PHE F 168 5.24 34.28 -41.30
N PRO F 169 4.43 33.52 -40.57
CA PRO F 169 4.87 32.23 -40.09
C PRO F 169 5.01 31.23 -41.23
N ALA F 170 5.81 30.21 -40.97
CA ALA F 170 6.15 29.23 -41.98
C ALA F 170 5.06 28.18 -42.14
N VAL F 171 5.15 27.45 -43.22
CA VAL F 171 4.27 26.33 -43.52
C VAL F 171 5.12 25.09 -43.74
N LEU F 172 4.54 23.93 -43.46
CA LEU F 172 5.22 22.67 -43.67
C LEU F 172 4.86 22.14 -45.03
N GLN F 173 5.87 21.95 -45.88
CA GLN F 173 5.67 21.44 -47.23
C GLN F 173 5.66 19.92 -47.24
N SER F 174 5.00 19.37 -48.26
CA SER F 174 5.04 17.93 -48.45
C SER F 174 6.46 17.44 -48.65
N SER F 175 7.36 18.34 -49.06
CA SER F 175 8.77 18.03 -49.20
C SER F 175 9.43 17.74 -47.85
N GLY F 176 8.71 17.91 -46.75
CA GLY F 176 9.29 17.73 -45.43
C GLY F 176 10.09 18.90 -44.92
N LEU F 177 10.00 20.05 -45.58
CA LEU F 177 10.73 21.24 -45.21
C LEU F 177 9.75 22.35 -44.89
N TYR F 178 10.29 23.46 -44.40
CA TYR F 178 9.51 24.66 -44.15
C TYR F 178 9.83 25.73 -45.20
N SER F 179 9.00 26.75 -45.19
CA SER F 179 9.25 27.95 -46.01
C SER F 179 8.35 29.04 -45.49
N LEU F 180 8.82 30.29 -45.62
CA LEU F 180 8.04 31.42 -45.19
C LEU F 180 8.43 32.64 -46.00
N SER F 181 7.81 33.76 -45.66
CA SER F 181 8.06 35.02 -46.33
C SER F 181 8.06 36.15 -45.31
N SER F 182 9.04 37.02 -45.43
CA SER F 182 9.09 38.29 -44.73
C SER F 182 8.76 39.38 -45.73
N VAL F 183 8.04 40.40 -45.27
CA VAL F 183 7.58 41.47 -46.15
C VAL F 183 7.71 42.79 -45.43
N VAL F 184 7.82 43.86 -46.20
CA VAL F 184 7.80 45.21 -45.64
C VAL F 184 6.93 46.09 -46.51
N THR F 185 5.93 46.70 -45.89
CA THR F 185 5.15 47.77 -46.49
C THR F 185 5.95 49.05 -46.45
N VAL F 186 6.01 49.75 -47.58
CA VAL F 186 6.87 50.92 -47.69
C VAL F 186 6.24 51.94 -48.63
N PRO F 187 6.63 53.20 -48.51
CA PRO F 187 6.38 54.16 -49.58
C PRO F 187 7.25 53.83 -50.77
N SER F 188 6.73 54.09 -51.96
CA SER F 188 7.45 53.74 -53.18
C SER F 188 8.55 54.73 -53.53
N SER F 189 8.41 55.99 -53.10
CA SER F 189 9.38 57.00 -53.48
C SER F 189 10.78 56.69 -52.96
N SER F 190 10.89 56.30 -51.69
CA SER F 190 12.20 55.98 -51.15
C SER F 190 12.78 54.72 -51.79
N LEU F 191 11.92 53.82 -52.23
CA LEU F 191 12.39 52.59 -52.88
C LEU F 191 13.13 52.92 -54.16
N GLY F 192 14.24 52.23 -54.39
CA GLY F 192 15.13 52.50 -55.50
C GLY F 192 16.28 53.42 -55.12
N THR F 193 16.01 54.42 -54.30
CA THR F 193 17.05 55.24 -53.71
C THR F 193 17.61 54.56 -52.46
N GLN F 194 16.74 54.14 -51.57
CA GLN F 194 17.14 53.41 -50.39
C GLN F 194 17.57 52.00 -50.77
N THR F 195 18.42 51.42 -49.94
CA THR F 195 18.93 50.07 -50.14
C THR F 195 18.45 49.19 -49.00
N TYR F 196 17.71 48.13 -49.33
CA TYR F 196 17.12 47.24 -48.35
C TYR F 196 17.73 45.86 -48.46
N ILE F 197 17.97 45.24 -47.30
CA ILE F 197 18.60 43.93 -47.26
C ILE F 197 17.86 43.06 -46.25
N CYS F 198 17.28 41.97 -46.73
CA CYS F 198 16.74 40.94 -45.88
C CYS F 198 17.87 40.17 -45.22
N ASN F 199 17.64 39.70 -44.00
CA ASN F 199 18.63 38.88 -43.31
C ASN F 199 17.92 37.82 -42.50
N VAL F 200 18.61 36.71 -42.26
CA VAL F 200 17.98 35.53 -41.69
C VAL F 200 19.02 34.77 -40.88
N ASN F 201 18.54 34.10 -39.84
CA ASN F 201 19.39 33.29 -38.96
C ASN F 201 18.69 31.98 -38.64
N HIS F 202 19.44 30.90 -38.74
CA HIS F 202 18.97 29.53 -38.48
C HIS F 202 20.02 28.91 -37.57
N LYS F 203 19.81 29.05 -36.26
CA LYS F 203 20.79 28.58 -35.29
C LYS F 203 21.05 27.08 -35.41
N PRO F 204 20.05 26.22 -35.56
CA PRO F 204 20.32 24.78 -35.65
C PRO F 204 21.35 24.42 -36.70
N SER F 205 21.32 25.09 -37.85
CA SER F 205 22.34 24.94 -38.86
C SER F 205 23.47 25.94 -38.67
N ASN F 206 23.41 26.76 -37.63
CA ASN F 206 24.43 27.76 -37.36
C ASN F 206 24.67 28.63 -38.58
N THR F 207 23.59 29.00 -39.26
CA THR F 207 23.66 29.55 -40.61
C THR F 207 22.93 30.89 -40.67
N LYS F 208 23.66 31.94 -41.03
CA LYS F 208 23.06 33.24 -41.24
C LYS F 208 23.30 33.70 -42.67
N VAL F 209 22.34 34.44 -43.20
CA VAL F 209 22.34 34.85 -44.60
C VAL F 209 21.84 36.27 -44.71
N ASP F 210 22.44 37.02 -45.63
CA ASP F 210 21.97 38.33 -46.02
C ASP F 210 21.63 38.29 -47.50
N LYS F 211 20.67 39.11 -47.91
CA LYS F 211 20.19 39.10 -49.28
C LYS F 211 19.59 40.46 -49.59
N LYS F 212 20.27 41.23 -50.43
CA LYS F 212 19.75 42.53 -50.83
C LYS F 212 18.51 42.36 -51.70
N VAL F 213 17.63 43.35 -51.64
CA VAL F 213 16.41 43.36 -52.46
C VAL F 213 16.25 44.75 -53.06
N GLU F 214 15.97 44.79 -54.35
CA GLU F 214 15.88 46.05 -55.08
C GLU F 214 14.92 45.86 -56.24
N PRO F 215 14.45 46.95 -56.85
CA PRO F 215 13.53 46.86 -57.99
C PRO F 215 14.14 46.08 -59.16
N ASP G 1 15.79 -21.55 -4.62
CA ASP G 1 17.17 -21.00 -4.75
C ASP G 1 17.84 -21.63 -5.95
N ILE G 2 18.18 -20.78 -6.89
CA ILE G 2 18.73 -21.21 -8.16
C ILE G 2 20.25 -21.13 -8.09
N VAL G 3 20.90 -22.25 -8.35
CA VAL G 3 22.34 -22.39 -8.19
C VAL G 3 22.96 -22.39 -9.57
N MET G 4 23.92 -21.49 -9.76
CA MET G 4 24.61 -21.37 -11.03
C MET G 4 25.93 -22.11 -10.89
N THR G 5 25.93 -23.36 -11.30
CA THR G 5 27.18 -24.06 -11.49
C THR G 5 27.87 -23.48 -12.71
N GLN G 6 29.19 -23.47 -12.67
CA GLN G 6 29.96 -22.84 -13.72
C GLN G 6 31.21 -23.65 -13.95
N SER G 7 31.62 -23.76 -15.20
CA SER G 7 32.72 -24.63 -15.55
C SER G 7 33.33 -24.14 -16.85
N PRO G 8 34.59 -24.51 -17.14
CA PRO G 8 35.46 -25.12 -16.14
C PRO G 8 36.08 -24.06 -15.26
N ALA G 9 36.55 -24.46 -14.07
CA ALA G 9 37.04 -23.49 -13.11
C ALA G 9 38.20 -22.68 -13.66
N SER G 10 38.93 -23.21 -14.63
CA SER G 10 40.03 -22.48 -15.22
C SER G 10 40.20 -22.92 -16.65
N LEU G 11 40.66 -21.99 -17.49
CA LEU G 11 40.93 -22.26 -18.90
C LEU G 11 42.37 -21.91 -19.19
N ALA G 12 43.00 -22.73 -20.00
CA ALA G 12 44.32 -22.46 -20.52
C ALA G 12 44.19 -22.40 -22.02
N VAL G 13 44.11 -21.19 -22.56
CA VAL G 13 43.90 -20.97 -23.97
C VAL G 13 44.98 -20.05 -24.47
N SER G 14 45.25 -20.12 -25.76
CA SER G 14 46.29 -19.32 -26.40
C SER G 14 45.65 -18.22 -27.23
N LEU G 15 46.44 -17.19 -27.50
CA LEU G 15 45.95 -16.05 -28.27
C LEU G 15 45.38 -16.53 -29.59
N GLY G 16 44.23 -15.97 -29.95
CA GLY G 16 43.59 -16.25 -31.22
C GLY G 16 42.65 -17.44 -31.19
N GLN G 17 42.64 -18.22 -30.12
CA GLN G 17 41.78 -19.38 -30.05
C GLN G 17 40.41 -18.95 -29.52
N ARG G 18 39.58 -19.94 -29.20
CA ARG G 18 38.24 -19.71 -28.69
C ARG G 18 38.15 -20.24 -27.27
N ALA G 19 37.58 -19.44 -26.38
CA ALA G 19 37.37 -19.82 -25.00
C ALA G 19 35.88 -19.93 -24.74
N THR G 20 35.45 -21.08 -24.23
CA THR G 20 34.05 -21.35 -24.01
C THR G 20 33.84 -21.66 -22.54
N ILE G 21 33.18 -20.75 -21.84
CA ILE G 21 32.83 -20.93 -20.44
C ILE G 21 31.36 -21.31 -20.36
N SER G 22 31.08 -22.47 -19.79
CA SER G 22 29.75 -23.05 -19.77
C SER G 22 29.16 -22.87 -18.38
N CYS G 23 28.03 -22.17 -18.31
CA CYS G 23 27.29 -21.97 -17.09
C CYS G 23 26.01 -22.77 -17.16
N ARG G 24 25.63 -23.33 -16.02
CA ARG G 24 24.38 -24.05 -15.89
C ARG G 24 23.66 -23.58 -14.65
N ALA G 25 22.35 -23.65 -14.70
CA ALA G 25 21.51 -23.36 -13.57
C ALA G 25 20.90 -24.63 -13.02
N SER G 26 20.50 -24.57 -11.76
CA SER G 26 19.72 -25.66 -11.21
C SER G 26 18.31 -25.66 -11.74
N LYS G 27 17.87 -24.52 -12.28
CA LYS G 27 16.53 -24.40 -12.82
C LYS G 27 16.54 -23.36 -13.92
N SER G 28 15.50 -23.40 -14.75
CA SER G 28 15.41 -22.48 -15.87
C SER G 28 15.47 -21.04 -15.40
N VAL G 29 16.24 -20.23 -16.11
CA VAL G 29 16.33 -18.81 -15.88
C VAL G 29 15.68 -18.05 -17.03
N SER G 30 14.88 -18.73 -17.83
CA SER G 30 14.33 -18.18 -19.05
C SER G 30 12.85 -17.95 -18.89
N THR G 31 12.41 -16.74 -19.21
CA THR G 31 11.01 -16.37 -19.20
C THR G 31 10.94 -14.92 -19.65
N SER G 32 9.73 -14.43 -19.82
CA SER G 32 9.51 -13.05 -20.25
C SER G 32 10.16 -12.77 -21.59
N GLY G 33 10.42 -13.80 -22.36
CA GLY G 33 11.14 -13.64 -23.60
C GLY G 33 12.61 -13.42 -23.38
N TYR G 34 13.08 -13.58 -22.17
CA TYR G 34 14.44 -13.31 -21.78
C TYR G 34 15.01 -14.51 -21.08
N SER G 35 16.33 -14.64 -21.16
CA SER G 35 17.08 -15.56 -20.34
C SER G 35 17.92 -14.72 -19.40
N TYR G 36 17.73 -14.89 -18.11
CA TYR G 36 18.19 -13.92 -17.14
C TYR G 36 19.63 -14.17 -16.69
N ILE G 37 20.43 -14.73 -17.55
CA ILE G 37 21.86 -14.84 -17.28
C ILE G 37 22.55 -13.56 -17.66
N HIS G 38 23.65 -13.30 -16.96
CA HIS G 38 24.53 -12.20 -17.25
C HIS G 38 25.95 -12.63 -16.97
N TRP G 39 26.85 -12.24 -17.87
CA TRP G 39 28.25 -12.61 -17.80
C TRP G 39 29.07 -11.36 -17.56
N TYR G 40 29.87 -11.41 -16.49
CA TYR G 40 30.72 -10.32 -16.05
C TYR G 40 32.18 -10.72 -16.16
N GLN G 41 33.03 -9.71 -16.29
CA GLN G 41 34.47 -9.86 -16.35
C GLN G 41 35.09 -9.05 -15.22
N GLN G 42 35.91 -9.70 -14.43
CA GLN G 42 36.61 -9.07 -13.32
C GLN G 42 38.10 -9.34 -13.48
N LYS G 43 38.83 -8.31 -13.69
CA LYS G 43 40.27 -8.39 -13.67
C LYS G 43 40.78 -8.08 -12.27
N PRO G 44 42.01 -8.49 -11.97
CA PRO G 44 42.46 -8.45 -10.57
C PRO G 44 42.44 -7.05 -10.02
N GLY G 45 41.90 -6.91 -8.81
CA GLY G 45 41.88 -5.65 -8.13
C GLY G 45 40.80 -4.70 -8.59
N GLN G 46 40.06 -5.06 -9.61
CA GLN G 46 39.02 -4.23 -10.15
C GLN G 46 37.65 -4.75 -9.77
N PRO G 47 36.63 -3.92 -9.85
CA PRO G 47 35.29 -4.40 -9.81
C PRO G 47 35.00 -5.23 -11.06
N PRO G 48 33.91 -5.98 -11.06
CA PRO G 48 33.47 -6.57 -12.31
C PRO G 48 33.07 -5.48 -13.28
N LYS G 49 32.94 -5.89 -14.53
CA LYS G 49 32.31 -5.06 -15.53
C LYS G 49 31.44 -5.97 -16.38
N LEU G 50 30.27 -5.49 -16.72
CA LEU G 50 29.33 -6.34 -17.42
C LEU G 50 29.78 -6.55 -18.85
N LEU G 51 29.81 -7.81 -19.26
CA LEU G 51 30.07 -8.16 -20.64
C LEU G 51 28.78 -8.30 -21.41
N ILE G 52 27.92 -9.22 -20.98
CA ILE G 52 26.66 -9.42 -21.67
C ILE G 52 25.55 -9.60 -20.66
N TYR G 53 24.38 -9.14 -21.05
CA TYR G 53 23.19 -9.25 -20.23
C TYR G 53 22.11 -10.02 -20.97
N LEU G 54 21.30 -10.73 -20.19
CA LEU G 54 20.21 -11.50 -20.72
C LEU G 54 20.70 -12.59 -21.66
N ALA G 55 21.95 -12.97 -21.48
CA ALA G 55 22.62 -14.15 -22.00
C ALA G 55 23.02 -14.01 -23.44
N THR G 56 22.61 -12.95 -24.13
CA THR G 56 22.95 -12.78 -25.53
C THR G 56 23.33 -11.36 -25.89
N ASN G 57 22.94 -10.37 -25.12
CA ASN G 57 23.00 -8.98 -25.53
C ASN G 57 24.30 -8.35 -25.06
N LEU G 58 25.19 -8.11 -25.99
CA LEU G 58 26.45 -7.46 -25.69
C LEU G 58 26.21 -6.04 -25.20
N GLU G 59 26.91 -5.66 -24.16
CA GLU G 59 26.76 -4.33 -23.58
C GLU G 59 27.55 -3.31 -24.38
N SER G 60 27.08 -2.06 -24.32
CA SER G 60 27.74 -0.98 -25.02
C SER G 60 29.18 -0.83 -24.56
N GLY G 61 30.05 -0.49 -25.50
CA GLY G 61 31.45 -0.32 -25.22
C GLY G 61 32.22 -1.61 -25.17
N VAL G 62 31.55 -2.75 -25.20
CA VAL G 62 32.22 -4.04 -25.10
C VAL G 62 32.70 -4.45 -26.49
N PRO G 63 33.83 -5.14 -26.60
CA PRO G 63 34.25 -5.65 -27.89
C PRO G 63 33.32 -6.78 -28.34
N ALA G 64 33.32 -7.01 -29.64
CA ALA G 64 32.49 -8.06 -30.20
C ALA G 64 33.13 -9.44 -30.09
N ARG G 65 34.33 -9.54 -29.52
CA ARG G 65 34.94 -10.84 -29.33
C ARG G 65 34.09 -11.71 -28.43
N PHE G 66 33.30 -11.09 -27.56
CA PHE G 66 32.47 -11.79 -26.62
C PHE G 66 31.11 -12.08 -27.24
N SER G 67 30.61 -13.28 -26.98
CA SER G 67 29.31 -13.66 -27.49
C SER G 67 28.65 -14.54 -26.46
N GLY G 68 27.34 -14.40 -26.36
CA GLY G 68 26.55 -15.18 -25.45
C GLY G 68 25.65 -16.12 -26.22
N SER G 69 25.47 -17.31 -25.68
CA SER G 69 24.62 -18.29 -26.32
C SER G 69 23.96 -19.14 -25.25
N GLY G 70 22.91 -19.83 -25.65
CA GLY G 70 22.24 -20.77 -24.79
C GLY G 70 20.95 -20.21 -24.23
N SER G 71 20.22 -21.09 -23.56
CA SER G 71 18.90 -20.76 -23.09
C SER G 71 18.50 -21.73 -22.00
N GLY G 72 17.31 -21.53 -21.45
CA GLY G 72 16.79 -22.44 -20.45
C GLY G 72 17.73 -22.55 -19.27
N THR G 73 18.44 -23.67 -19.19
CA THR G 73 19.32 -23.94 -18.08
C THR G 73 20.79 -23.92 -18.46
N ASP G 74 21.12 -23.98 -19.75
CA ASP G 74 22.49 -24.11 -20.19
C ASP G 74 22.87 -22.90 -21.04
N PHE G 75 23.98 -22.26 -20.67
CA PHE G 75 24.42 -21.04 -21.31
C PHE G 75 25.93 -21.08 -21.49
N THR G 76 26.41 -20.25 -22.41
CA THR G 76 27.83 -20.27 -22.76
C THR G 76 28.29 -18.87 -23.10
N LEU G 77 29.50 -18.55 -22.64
CA LEU G 77 30.22 -17.36 -23.03
C LEU G 77 31.37 -17.78 -23.92
N ASN G 78 31.35 -17.28 -25.14
CA ASN G 78 32.38 -17.60 -26.14
C ASN G 78 33.20 -16.36 -26.41
N ILE G 79 34.49 -16.46 -26.16
CA ILE G 79 35.45 -15.42 -26.49
C ILE G 79 36.22 -15.86 -27.73
N HIS G 80 36.25 -15.00 -28.73
CA HIS G 80 37.09 -15.23 -29.88
C HIS G 80 37.27 -13.92 -30.65
N PRO G 81 38.51 -13.52 -30.93
CA PRO G 81 39.77 -14.16 -30.56
C PRO G 81 40.20 -13.83 -29.14
N VAL G 82 40.66 -14.83 -28.40
CA VAL G 82 41.21 -14.55 -27.08
C VAL G 82 42.37 -13.57 -27.22
N GLU G 83 42.54 -12.73 -26.20
CA GLU G 83 43.58 -11.73 -26.20
C GLU G 83 44.10 -11.53 -24.80
N GLU G 84 45.26 -10.89 -24.72
CA GLU G 84 45.88 -10.62 -23.42
C GLU G 84 44.91 -9.91 -22.50
N GLU G 85 44.09 -9.02 -23.05
CA GLU G 85 43.15 -8.25 -22.24
C GLU G 85 42.05 -9.10 -21.65
N ASP G 86 41.91 -10.35 -22.09
CA ASP G 86 40.86 -11.23 -21.64
C ASP G 86 41.30 -12.13 -20.51
N ALA G 87 42.52 -11.97 -20.03
CA ALA G 87 43.01 -12.69 -18.88
C ALA G 87 42.32 -12.13 -17.64
N ALA G 88 41.34 -12.85 -17.14
CA ALA G 88 40.52 -12.34 -16.04
C ALA G 88 39.67 -13.47 -15.51
N THR G 89 38.75 -13.12 -14.61
CA THR G 89 37.80 -14.05 -14.04
C THR G 89 36.42 -13.72 -14.56
N TYR G 90 35.70 -14.75 -14.99
CA TYR G 90 34.46 -14.56 -15.72
C TYR G 90 33.34 -15.24 -14.96
N TYR G 91 32.34 -14.45 -14.58
CA TYR G 91 31.30 -14.89 -13.66
C TYR G 91 29.95 -14.93 -14.36
N CYS G 92 29.25 -16.03 -14.13
CA CYS G 92 27.83 -16.15 -14.41
C CYS G 92 27.05 -15.46 -13.31
N GLN G 93 25.82 -15.07 -13.65
CA GLN G 93 24.92 -14.55 -12.65
C GLN G 93 23.51 -14.61 -13.20
N HIS G 94 22.55 -14.82 -12.32
CA HIS G 94 21.16 -14.84 -12.75
C HIS G 94 20.37 -13.80 -11.99
N SER G 95 19.47 -13.15 -12.70
CA SER G 95 18.52 -12.21 -12.14
C SER G 95 17.12 -12.79 -12.07
N ARG G 96 17.00 -14.10 -12.25
CA ARG G 96 15.69 -14.70 -12.41
C ARG G 96 14.87 -14.59 -11.14
N ASP G 97 15.49 -14.82 -10.00
CA ASP G 97 14.76 -14.82 -8.75
C ASP G 97 15.74 -14.58 -7.62
N THR G 98 15.24 -14.33 -6.55
CA THR G 98 16.11 -14.11 -5.42
C THR G 98 16.40 -15.41 -4.69
N PRO G 99 17.61 -15.54 -4.15
CA PRO G 99 18.68 -14.56 -4.27
C PRO G 99 19.42 -14.61 -5.59
N TYR G 100 19.77 -13.43 -6.09
CA TYR G 100 20.62 -13.31 -7.26
C TYR G 100 21.96 -13.96 -6.97
N THR G 101 22.23 -15.09 -7.61
CA THR G 101 23.37 -15.92 -7.25
C THR G 101 24.35 -15.97 -8.40
N PHE G 102 25.63 -15.78 -8.07
CA PHE G 102 26.69 -15.87 -9.05
C PHE G 102 27.11 -17.33 -9.23
N GLY G 103 28.24 -17.54 -9.88
CA GLY G 103 28.57 -18.84 -10.41
C GLY G 103 29.79 -19.49 -9.82
N GLY G 104 30.60 -18.71 -9.10
CA GLY G 104 31.77 -19.22 -8.45
C GLY G 104 33.07 -18.83 -9.11
N GLY G 105 33.07 -18.70 -10.43
CA GLY G 105 34.18 -18.10 -11.11
C GLY G 105 34.85 -19.03 -12.10
N THR G 106 35.53 -18.41 -13.05
CA THR G 106 36.31 -19.13 -14.06
C THR G 106 37.52 -18.29 -14.39
N LYS G 107 38.66 -18.65 -13.81
CA LYS G 107 39.89 -17.99 -14.18
C LYS G 107 40.25 -18.35 -15.60
N LEU G 108 41.00 -17.47 -16.24
CA LEU G 108 41.40 -17.64 -17.62
C LEU G 108 42.87 -17.32 -17.74
N GLU G 109 43.62 -18.25 -18.33
CA GLU G 109 45.06 -18.16 -18.40
C GLU G 109 45.51 -18.25 -19.85
N ILE G 110 46.41 -17.34 -20.22
CA ILE G 110 47.04 -17.40 -21.52
C ILE G 110 47.92 -18.64 -21.58
N LYS G 111 47.56 -19.58 -22.44
CA LYS G 111 48.32 -20.81 -22.61
C LYS G 111 49.56 -20.55 -23.43
N ARG G 112 50.69 -21.07 -22.96
CA ARG G 112 51.98 -20.83 -23.59
C ARG G 112 52.78 -22.12 -23.54
N THR G 113 54.06 -22.00 -23.85
CA THR G 113 54.96 -23.15 -23.76
C THR G 113 55.36 -23.40 -22.31
N VAL G 114 55.42 -24.68 -21.95
CA VAL G 114 55.78 -25.05 -20.60
C VAL G 114 57.23 -24.67 -20.34
N ALA G 115 57.45 -23.88 -19.30
CA ALA G 115 58.78 -23.40 -18.95
C ALA G 115 59.05 -23.67 -17.48
N ALA G 116 60.21 -24.21 -17.20
CA ALA G 116 60.59 -24.48 -15.82
C ALA G 116 60.86 -23.18 -15.09
N PRO G 117 60.59 -23.14 -13.79
CA PRO G 117 60.93 -21.94 -13.01
C PRO G 117 62.41 -21.75 -12.88
N SER G 118 62.80 -20.48 -12.74
CA SER G 118 64.10 -20.15 -12.20
C SER G 118 63.98 -20.15 -10.69
N VAL G 119 64.65 -21.08 -10.04
CA VAL G 119 64.45 -21.30 -8.61
C VAL G 119 65.59 -20.68 -7.84
N PHE G 120 65.28 -20.21 -6.64
CA PHE G 120 66.24 -19.58 -5.76
C PHE G 120 65.84 -19.85 -4.32
N ILE G 121 66.78 -19.65 -3.40
CA ILE G 121 66.51 -19.66 -1.98
C ILE G 121 67.10 -18.41 -1.36
N PHE G 122 66.38 -17.84 -0.43
CA PHE G 122 66.85 -16.69 0.36
C PHE G 122 66.80 -17.06 1.84
N PRO G 123 67.94 -17.23 2.50
CA PRO G 123 67.96 -17.48 3.92
C PRO G 123 67.42 -16.29 4.70
N PRO G 124 66.90 -16.51 5.90
CA PRO G 124 66.38 -15.39 6.69
C PRO G 124 67.51 -14.52 7.20
N SER G 125 67.38 -13.22 6.98
CA SER G 125 68.41 -12.29 7.38
C SER G 125 68.45 -12.18 8.90
N ASP G 126 69.60 -11.73 9.42
CA ASP G 126 69.75 -11.57 10.86
C ASP G 126 68.69 -10.64 11.42
N GLU G 127 68.18 -9.70 10.62
CA GLU G 127 67.14 -8.81 11.10
C GLU G 127 65.85 -9.58 11.38
N GLN G 128 65.51 -10.56 10.53
CA GLN G 128 64.41 -11.46 10.84
C GLN G 128 64.41 -11.83 12.31
N LEU G 129 65.52 -12.42 12.74
CA LEU G 129 65.65 -13.00 14.06
C LEU G 129 65.97 -11.97 15.14
N LYS G 130 66.43 -10.77 14.76
CA LYS G 130 66.49 -9.71 15.74
C LYS G 130 65.09 -9.28 16.16
N SER G 131 64.09 -9.64 15.36
CA SER G 131 62.69 -9.49 15.74
C SER G 131 62.13 -10.73 16.43
N GLY G 132 62.89 -11.83 16.46
CA GLY G 132 62.48 -13.02 17.15
C GLY G 132 61.86 -14.11 16.29
N THR G 133 61.91 -13.99 14.97
CA THR G 133 61.31 -14.98 14.09
C THR G 133 61.97 -14.92 12.72
N ALA G 134 62.39 -16.07 12.22
CA ALA G 134 63.13 -16.15 10.96
C ALA G 134 62.32 -16.94 9.94
N SER G 135 62.18 -16.38 8.74
CA SER G 135 61.43 -17.00 7.66
C SER G 135 62.35 -17.23 6.47
N VAL G 136 62.49 -18.49 6.09
CA VAL G 136 63.22 -18.87 4.87
C VAL G 136 62.31 -18.61 3.68
N VAL G 137 62.90 -18.32 2.53
CA VAL G 137 62.14 -18.06 1.31
C VAL G 137 62.67 -18.94 0.20
N CYS G 138 61.75 -19.48 -0.60
CA CYS G 138 62.10 -20.20 -1.82
C CYS G 138 61.31 -19.59 -2.98
N LEU G 139 62.03 -19.18 -4.02
CA LEU G 139 61.43 -18.51 -5.16
C LEU G 139 61.36 -19.43 -6.35
N LEU G 140 60.22 -19.42 -7.02
CA LEU G 140 60.08 -19.85 -8.40
C LEU G 140 59.80 -18.60 -9.20
N ASN G 141 60.52 -18.40 -10.29
CA ASN G 141 60.36 -17.19 -11.07
C ASN G 141 60.09 -17.52 -12.54
N ASN G 142 59.09 -16.86 -13.09
CA ASN G 142 58.78 -16.90 -14.52
C ASN G 142 58.70 -18.34 -15.03
N PHE G 143 57.69 -19.03 -14.53
CA PHE G 143 57.39 -20.38 -14.94
C PHE G 143 55.96 -20.49 -15.47
N TYR G 144 55.74 -21.54 -16.25
CA TYR G 144 54.43 -21.89 -16.75
C TYR G 144 54.46 -23.39 -16.94
N PRO G 145 53.39 -24.11 -16.61
CA PRO G 145 52.17 -23.57 -16.01
C PRO G 145 52.34 -23.33 -14.52
N ARG G 146 51.21 -23.22 -13.83
CA ARG G 146 51.17 -22.85 -12.42
C ARG G 146 51.16 -24.05 -11.48
N GLU G 147 50.95 -25.26 -11.98
CA GLU G 147 50.71 -26.39 -11.09
C GLU G 147 51.95 -26.80 -10.30
N ALA G 148 52.99 -25.98 -10.29
CA ALA G 148 54.19 -26.29 -9.54
C ALA G 148 53.87 -26.50 -8.07
N LYS G 149 54.53 -27.49 -7.48
CA LYS G 149 54.38 -27.82 -6.07
C LYS G 149 55.72 -27.69 -5.38
N VAL G 150 55.72 -27.19 -4.14
CA VAL G 150 56.94 -27.03 -3.38
C VAL G 150 56.80 -27.74 -2.04
N GLN G 151 57.89 -28.36 -1.62
CA GLN G 151 57.95 -29.10 -0.37
C GLN G 151 59.28 -28.80 0.30
N TRP G 152 59.25 -28.58 1.61
CA TRP G 152 60.39 -28.05 2.33
C TRP G 152 61.17 -29.16 3.02
N LYS G 153 62.49 -29.05 3.00
CA LYS G 153 63.37 -29.95 3.71
C LYS G 153 64.30 -29.15 4.60
N VAL G 154 64.64 -29.71 5.75
CA VAL G 154 65.65 -29.14 6.63
C VAL G 154 66.42 -30.29 7.25
N ASP G 155 67.73 -30.29 7.07
CA ASP G 155 68.57 -31.41 7.49
C ASP G 155 68.05 -32.71 6.87
N ASN G 156 67.62 -32.60 5.61
CA ASN G 156 67.06 -33.72 4.84
C ASN G 156 65.82 -34.31 5.50
N ALA G 157 65.18 -33.55 6.39
CA ALA G 157 63.95 -33.97 7.05
C ALA G 157 62.78 -33.13 6.55
N LEU G 158 61.65 -33.79 6.30
CA LEU G 158 60.51 -33.11 5.74
C LEU G 158 59.95 -32.06 6.69
N GLN G 159 59.47 -30.96 6.13
CA GLN G 159 58.89 -29.87 6.89
C GLN G 159 57.48 -29.62 6.36
N SER G 160 56.51 -29.55 7.26
CA SER G 160 55.11 -29.46 6.86
C SER G 160 54.35 -28.57 7.84
N GLY G 161 53.42 -27.78 7.29
CA GLY G 161 52.50 -26.99 8.08
C GLY G 161 53.02 -25.63 8.49
N ASN G 162 54.34 -25.49 8.63
CA ASN G 162 54.96 -24.23 9.04
C ASN G 162 55.27 -23.32 7.86
N SER G 163 54.48 -23.42 6.78
CA SER G 163 54.84 -22.78 5.52
C SER G 163 53.63 -22.08 4.93
N GLN G 164 53.92 -21.08 4.10
CA GLN G 164 52.91 -20.27 3.43
C GLN G 164 53.49 -19.79 2.11
N GLU G 165 52.68 -19.82 1.06
CA GLU G 165 53.16 -19.39 -0.24
C GLU G 165 52.15 -18.50 -0.92
N SER G 166 52.64 -17.69 -1.86
CA SER G 166 51.80 -16.81 -2.64
C SER G 166 52.35 -16.71 -4.06
N VAL G 167 51.45 -16.77 -5.03
CA VAL G 167 51.81 -16.62 -6.44
C VAL G 167 51.31 -15.27 -6.93
N THR G 168 52.08 -14.68 -7.84
CA THR G 168 51.64 -13.48 -8.51
C THR G 168 50.72 -13.85 -9.66
N GLU G 169 49.98 -12.85 -10.14
CA GLU G 169 49.12 -13.08 -11.28
C GLU G 169 49.97 -13.18 -12.55
N GLN G 170 49.36 -13.73 -13.59
CA GLN G 170 50.05 -13.82 -14.86
C GLN G 170 50.51 -12.44 -15.30
N ASP G 171 51.78 -12.35 -15.68
CA ASP G 171 52.38 -11.09 -16.10
C ASP G 171 52.46 -11.04 -17.61
N SER G 172 51.94 -9.97 -18.19
CA SER G 172 51.85 -9.86 -19.63
C SER G 172 53.22 -9.80 -20.29
N LYS G 173 54.29 -9.58 -19.52
CA LYS G 173 55.63 -9.56 -20.11
C LYS G 173 55.91 -10.87 -20.83
N ASP G 174 55.59 -12.00 -20.20
CA ASP G 174 55.73 -13.31 -20.82
C ASP G 174 54.59 -14.25 -20.49
N SER G 175 53.60 -13.83 -19.71
CA SER G 175 52.49 -14.66 -19.30
C SER G 175 52.91 -15.83 -18.43
N THR G 176 54.11 -15.78 -17.86
CA THR G 176 54.55 -16.80 -16.93
C THR G 176 54.26 -16.34 -15.51
N TYR G 177 54.52 -17.21 -14.54
CA TYR G 177 54.14 -16.96 -13.16
C TYR G 177 55.39 -16.91 -12.29
N SER G 178 55.18 -16.52 -11.05
CA SER G 178 56.19 -16.61 -10.01
C SER G 178 55.50 -16.99 -8.71
N LEU G 179 56.21 -17.79 -7.91
CA LEU G 179 55.73 -18.23 -6.61
C LEU G 179 56.77 -17.94 -5.56
N SER G 180 56.32 -17.49 -4.40
CA SER G 180 57.20 -17.25 -3.26
C SER G 180 56.68 -18.10 -2.11
N SER G 181 57.48 -19.07 -1.70
CA SER G 181 57.15 -19.92 -0.57
C SER G 181 57.99 -19.50 0.63
N THR G 182 57.45 -19.72 1.82
CA THR G 182 58.09 -19.25 3.02
C THR G 182 57.93 -20.28 4.13
N LEU G 183 59.02 -20.54 4.83
CA LEU G 183 59.04 -21.44 5.98
C LEU G 183 59.41 -20.61 7.20
N THR G 184 58.48 -20.47 8.13
CA THR G 184 58.66 -19.58 9.26
C THR G 184 59.00 -20.39 10.51
N LEU G 185 59.92 -19.86 11.32
CA LEU G 185 60.43 -20.56 12.48
C LEU G 185 60.82 -19.55 13.55
N SER G 186 61.00 -20.06 14.76
CA SER G 186 61.61 -19.29 15.83
C SER G 186 63.13 -19.35 15.72
N LYS G 187 63.78 -18.34 16.30
CA LYS G 187 65.24 -18.35 16.35
C LYS G 187 65.75 -19.64 16.97
N ALA G 188 65.05 -20.15 17.99
CA ALA G 188 65.44 -21.41 18.60
C ALA G 188 65.31 -22.56 17.61
N ASP G 189 64.14 -22.70 17.00
CA ASP G 189 63.94 -23.78 16.05
C ASP G 189 64.83 -23.61 14.84
N TYR G 190 65.07 -22.37 14.43
CA TYR G 190 66.08 -22.11 13.41
C TYR G 190 67.41 -22.69 13.80
N GLU G 191 67.89 -22.38 15.00
CA GLU G 191 69.22 -22.81 15.42
C GLU G 191 69.34 -24.33 15.42
N LYS G 192 68.31 -25.02 15.88
CA LYS G 192 68.38 -26.44 16.15
C LYS G 192 68.42 -27.30 14.89
N HIS G 193 68.59 -26.68 13.72
CA HIS G 193 68.84 -27.39 12.47
C HIS G 193 69.85 -26.59 11.67
N LYS G 194 70.33 -27.18 10.59
CA LYS G 194 71.53 -26.68 9.93
C LYS G 194 71.30 -26.25 8.50
N VAL G 195 70.77 -27.13 7.67
CA VAL G 195 70.72 -26.93 6.22
C VAL G 195 69.27 -26.94 5.79
N TYR G 196 68.93 -25.99 4.91
CA TYR G 196 67.55 -25.72 4.54
C TYR G 196 67.43 -25.79 3.03
N ALA G 197 66.40 -26.50 2.56
CA ALA G 197 66.23 -26.76 1.15
C ALA G 197 64.75 -26.68 0.79
N CYS G 198 64.51 -26.34 -0.46
CA CYS G 198 63.16 -26.36 -1.02
C CYS G 198 63.17 -27.18 -2.30
N GLU G 199 62.18 -28.06 -2.43
CA GLU G 199 62.05 -28.95 -3.56
C GLU G 199 60.82 -28.57 -4.36
N VAL G 200 60.91 -28.67 -5.67
CA VAL G 200 59.85 -28.28 -6.59
C VAL G 200 59.57 -29.41 -7.54
N THR G 201 58.27 -29.66 -7.75
CA THR G 201 57.76 -30.57 -8.76
C THR G 201 56.99 -29.74 -9.79
N HIS G 202 57.39 -29.85 -11.05
CA HIS G 202 56.77 -29.03 -12.08
C HIS G 202 56.96 -29.69 -13.44
N GLN G 203 56.01 -29.44 -14.34
CA GLN G 203 56.09 -30.02 -15.68
C GLN G 203 57.31 -29.55 -16.44
N GLY G 204 57.85 -28.39 -16.08
CA GLY G 204 59.00 -27.86 -16.78
C GLY G 204 60.28 -28.61 -16.51
N LEU G 205 60.27 -29.49 -15.51
CA LEU G 205 61.49 -30.17 -15.08
C LEU G 205 61.47 -31.63 -15.51
N SER G 206 62.66 -32.13 -15.85
CA SER G 206 62.83 -33.55 -16.07
C SER G 206 62.52 -34.32 -14.80
N SER G 207 63.05 -33.87 -13.67
CA SER G 207 62.82 -34.48 -12.38
C SER G 207 62.68 -33.35 -11.35
N PRO G 208 61.99 -33.62 -10.23
CA PRO G 208 61.86 -32.58 -9.21
C PRO G 208 63.22 -32.06 -8.78
N VAL G 209 63.31 -30.75 -8.58
CA VAL G 209 64.57 -30.08 -8.34
C VAL G 209 64.55 -29.53 -6.93
N THR G 210 65.59 -29.82 -6.16
CA THR G 210 65.73 -29.27 -4.82
C THR G 210 66.95 -28.39 -4.75
N LYS G 211 66.78 -27.20 -4.19
CA LYS G 211 67.87 -26.27 -3.94
C LYS G 211 68.05 -26.14 -2.43
N SER G 212 69.23 -25.68 -2.02
CA SER G 212 69.57 -25.76 -0.60
C SER G 212 70.61 -24.69 -0.26
N PHE G 213 70.69 -24.41 1.04
CA PHE G 213 71.77 -23.61 1.61
C PHE G 213 72.06 -24.14 3.01
N ASN G 214 73.23 -23.79 3.52
CA ASN G 214 73.65 -24.14 4.87
C ASN G 214 73.72 -22.87 5.70
N ARG G 215 73.25 -22.93 6.95
CA ARG G 215 73.11 -21.72 7.82
C ARG G 215 74.43 -21.02 8.16
N GLY G 216 74.59 -19.76 7.72
CA GLY G 216 75.70 -18.93 8.14
C GLY G 216 77.03 -19.28 7.53
N GLU G 217 77.05 -20.03 6.43
CA GLU G 217 78.30 -20.34 5.77
C GLU G 217 78.69 -19.19 4.85
N CYS G 218 79.92 -18.71 5.01
CA CYS G 218 80.40 -17.56 4.26
C CYS G 218 80.53 -17.89 2.77
N ASP H 1 -5.69 6.97 25.59
CA ASP H 1 -4.84 8.15 25.85
C ASP H 1 -4.19 8.00 27.20
N ILE H 2 -2.88 7.96 27.17
CA ILE H 2 -2.08 7.69 28.36
C ILE H 2 -1.63 9.02 28.94
N VAL H 3 -1.96 9.23 30.22
CA VAL H 3 -1.74 10.48 30.89
C VAL H 3 -0.57 10.31 31.83
N MET H 4 0.42 11.18 31.69
CA MET H 4 1.61 11.14 32.52
C MET H 4 1.43 12.18 33.60
N THR H 5 0.93 11.74 34.74
CA THR H 5 0.99 12.57 35.92
C THR H 5 2.43 12.64 36.38
N GLN H 6 2.80 13.77 36.97
CA GLN H 6 4.18 13.99 37.33
C GLN H 6 4.20 14.78 38.62
N SER H 7 5.15 14.46 39.50
CA SER H 7 5.17 15.06 40.82
C SER H 7 6.59 14.99 41.35
N PRO H 8 6.92 15.83 42.33
CA PRO H 8 6.09 16.96 42.71
C PRO H 8 6.31 18.13 41.77
N ALA H 9 5.35 19.05 41.72
CA ALA H 9 5.43 20.13 40.75
C ALA H 9 6.66 20.98 40.93
N SER H 10 7.24 21.01 42.12
CA SER H 10 8.46 21.76 42.36
C SER H 10 9.26 21.09 43.46
N LEU H 11 10.57 21.22 43.37
CA LEU H 11 11.49 20.67 44.36
C LEU H 11 12.34 21.80 44.90
N ALA H 12 12.59 21.76 46.20
CA ALA H 12 13.52 22.67 46.84
C ALA H 12 14.60 21.79 47.45
N VAL H 13 15.72 21.68 46.77
CA VAL H 13 16.81 20.82 47.18
C VAL H 13 18.07 21.64 47.22
N SER H 14 19.03 21.20 48.01
CA SER H 14 20.29 21.89 48.18
C SER H 14 21.40 21.13 47.48
N LEU H 15 22.48 21.84 47.18
CA LEU H 15 23.60 21.25 46.48
C LEU H 15 24.08 20.00 47.21
N GLY H 16 24.35 18.95 46.44
CA GLY H 16 24.88 17.73 46.97
C GLY H 16 23.83 16.73 47.41
N GLN H 17 22.58 17.12 47.48
CA GLN H 17 21.53 16.22 47.93
C GLN H 17 21.02 15.43 46.74
N ARG H 18 19.92 14.71 46.94
CA ARG H 18 19.31 13.89 45.92
C ARG H 18 17.92 14.43 45.60
N ALA H 19 17.64 14.56 44.31
CA ALA H 19 16.34 15.02 43.83
C ALA H 19 15.64 13.88 43.13
N THR H 20 14.43 13.56 43.55
CA THR H 20 13.68 12.45 43.01
C THR H 20 12.37 12.97 42.44
N ILE H 21 12.25 12.94 41.12
CA ILE H 21 11.03 13.33 40.43
C ILE H 21 10.31 12.07 40.02
N SER H 22 9.08 11.91 40.48
CA SER H 22 8.31 10.69 40.30
C SER H 22 7.25 10.93 39.23
N CYS H 23 7.32 10.15 38.17
CA CYS H 23 6.35 10.19 37.08
C CYS H 23 5.50 8.94 37.15
N ARG H 24 4.22 9.09 36.85
CA ARG H 24 3.32 7.97 36.76
C ARG H 24 2.51 8.09 35.49
N ALA H 25 2.12 6.95 34.96
CA ALA H 25 1.24 6.87 33.82
C ALA H 25 -0.14 6.41 34.25
N SER H 26 -1.12 6.73 33.41
CA SER H 26 -2.43 6.15 33.61
C SER H 26 -2.46 4.69 33.22
N LYS H 27 -1.49 4.26 32.43
CA LYS H 27 -1.43 2.88 31.98
C LYS H 27 0.03 2.51 31.73
N SER H 28 0.28 1.22 31.68
CA SER H 28 1.64 0.73 31.49
C SER H 28 2.24 1.28 30.21
N VAL H 29 3.48 1.72 30.30
CA VAL H 29 4.25 2.17 29.16
C VAL H 29 5.36 1.18 28.84
N SER H 30 5.26 -0.02 29.37
CA SER H 30 6.33 -1.01 29.29
C SER H 30 5.91 -2.13 28.37
N THR H 31 6.78 -2.44 27.41
CA THR H 31 6.59 -3.54 26.50
C THR H 31 7.82 -3.57 25.60
N SER H 32 7.89 -4.58 24.75
CA SER H 32 9.00 -4.73 23.83
C SER H 32 10.33 -4.82 24.54
N GLY H 33 10.31 -5.18 25.82
CA GLY H 33 11.50 -5.17 26.62
C GLY H 33 11.93 -3.80 27.02
N TYR H 34 11.09 -2.81 26.76
CA TYR H 34 11.39 -1.42 26.99
C TYR H 34 10.29 -0.80 27.83
N SER H 35 10.66 0.24 28.56
CA SER H 35 9.71 1.13 29.20
C SER H 35 9.83 2.46 28.50
N TYR H 36 8.74 2.93 27.92
CA TYR H 36 8.80 3.99 26.94
C TYR H 36 8.75 5.38 27.55
N ILE H 37 9.24 5.51 28.76
CA ILE H 37 9.40 6.83 29.37
C ILE H 37 10.69 7.46 28.89
N HIS H 38 10.69 8.78 28.87
CA HIS H 38 11.85 9.58 28.57
C HIS H 38 11.79 10.83 29.41
N TRP H 39 12.94 11.20 29.95
CA TRP H 39 13.07 12.35 30.83
C TRP H 39 13.94 13.39 30.16
N TYR H 40 13.38 14.59 30.04
CA TYR H 40 14.01 15.73 29.41
C TYR H 40 14.27 16.83 30.42
N GLN H 41 15.25 17.65 30.11
CA GLN H 41 15.62 18.82 30.89
C GLN H 41 15.51 20.06 30.03
N GLN H 42 14.78 21.04 30.52
CA GLN H 42 14.59 22.31 29.83
C GLN H 42 14.97 23.42 30.78
N LYS H 43 16.00 24.12 30.45
CA LYS H 43 16.36 25.33 31.15
C LYS H 43 15.70 26.52 30.49
N PRO H 44 15.59 27.64 31.20
CA PRO H 44 14.75 28.73 30.70
C PRO H 44 15.24 29.26 29.37
N GLY H 45 14.30 29.44 28.44
CA GLY H 45 14.62 30.00 27.16
C GLY H 45 15.23 29.04 26.18
N GLN H 46 15.51 27.83 26.61
CA GLN H 46 16.11 26.82 25.77
C GLN H 46 15.10 25.78 25.35
N PRO H 47 15.39 25.03 24.31
CA PRO H 47 14.66 23.83 24.05
C PRO H 47 14.93 22.81 25.13
N PRO H 48 14.14 21.75 25.20
CA PRO H 48 14.53 20.64 26.04
C PRO H 48 15.80 20.00 25.51
N LYS H 49 16.39 19.18 26.35
CA LYS H 49 17.45 18.29 25.92
C LYS H 49 17.21 16.97 26.62
N LEU H 50 17.42 15.89 25.89
CA LEU H 50 17.10 14.59 26.43
C LEU H 50 18.12 14.19 27.48
N LEU H 51 17.62 13.78 28.64
CA LEU H 51 18.47 13.24 29.68
C LEU H 51 18.55 11.73 29.56
N ILE H 52 17.39 11.07 29.66
CA ILE H 52 17.39 9.62 29.57
C ILE H 52 16.23 9.16 28.72
N TYR H 53 16.45 8.07 28.03
CA TYR H 53 15.44 7.46 27.17
C TYR H 53 15.17 6.04 27.62
N LEU H 54 13.93 5.62 27.42
CA LEU H 54 13.49 4.29 27.75
C LEU H 54 13.62 4.03 29.24
N ALA H 55 13.61 5.11 30.01
CA ALA H 55 13.43 5.18 31.45
C ALA H 55 14.68 4.80 32.21
N THR H 56 15.71 4.31 31.56
CA THR H 56 16.92 3.92 32.26
C THR H 56 18.20 4.31 31.54
N ASN H 57 18.15 4.56 30.25
CA ASN H 57 19.35 4.65 29.43
C ASN H 57 19.79 6.10 29.31
N LEU H 58 20.88 6.41 29.99
CA LEU H 58 21.45 7.74 29.93
C LEU H 58 21.93 8.05 28.52
N GLU H 59 21.63 9.25 28.05
CA GLU H 59 22.01 9.66 26.71
C GLU H 59 23.47 10.10 26.68
N SER H 60 24.08 9.95 25.51
CA SER H 60 25.46 10.36 25.33
C SER H 60 25.66 11.83 25.65
N GLY H 61 26.80 12.14 26.24
CA GLY H 61 27.12 13.49 26.62
C GLY H 61 26.50 13.93 27.91
N VAL H 62 25.59 13.14 28.47
CA VAL H 62 24.90 13.52 29.70
C VAL H 62 25.77 13.14 30.89
N PRO H 63 25.75 13.92 31.97
CA PRO H 63 26.47 13.51 33.18
C PRO H 63 25.80 12.30 33.81
N ALA H 64 26.58 11.58 34.61
CA ALA H 64 26.07 10.41 35.29
C ALA H 64 25.31 10.75 36.56
N ARG H 65 25.20 12.03 36.90
CA ARG H 65 24.41 12.40 38.07
C ARG H 65 22.97 11.99 37.90
N PHE H 66 22.51 11.88 36.66
CA PHE H 66 21.14 11.54 36.36
C PHE H 66 21.00 10.03 36.25
N SER H 67 19.91 9.52 36.81
CA SER H 67 19.64 8.10 36.76
C SER H 67 18.15 7.90 36.62
N GLY H 68 17.79 6.88 35.87
CA GLY H 68 16.40 6.54 35.66
C GLY H 68 16.09 5.21 36.32
N SER H 69 14.89 5.13 36.88
CA SER H 69 14.48 3.91 37.54
C SER H 69 12.99 3.74 37.36
N GLY H 70 12.53 2.53 37.59
CA GLY H 70 11.11 2.23 37.59
C GLY H 70 10.69 1.53 36.31
N SER H 71 9.43 1.11 36.32
CA SER H 71 8.92 0.29 35.24
C SER H 71 7.40 0.35 35.27
N GLY H 72 6.78 -0.34 34.31
CA GLY H 72 5.34 -0.43 34.29
C GLY H 72 4.71 0.93 34.23
N THR H 73 4.15 1.36 35.36
CA THR H 73 3.45 2.63 35.43
C THR H 73 4.17 3.67 36.27
N ASP H 74 5.15 3.28 37.07
CA ASP H 74 5.79 4.18 38.00
C ASP H 74 7.27 4.29 37.68
N PHE H 75 7.75 5.53 37.53
CA PHE H 75 9.10 5.79 37.12
C PHE H 75 9.65 6.96 37.91
N THR H 76 10.97 7.06 37.95
CA THR H 76 11.64 8.06 38.77
C THR H 76 12.91 8.52 38.10
N LEU H 77 13.13 9.84 38.20
CA LEU H 77 14.38 10.46 37.80
C LEU H 77 15.10 10.89 39.06
N ASN H 78 16.28 10.35 39.27
CA ASN H 78 17.09 10.64 40.45
C ASN H 78 18.32 11.42 40.03
N ILE H 79 18.45 12.62 40.57
CA ILE H 79 19.64 13.44 40.38
C ILE H 79 20.46 13.39 41.65
N HIS H 80 21.73 13.06 41.51
CA HIS H 80 22.66 13.12 42.61
C HIS H 80 24.08 13.14 42.08
N PRO H 81 24.92 14.10 42.47
CA PRO H 81 24.62 15.23 43.35
C PRO H 81 23.94 16.37 42.61
N VAL H 82 22.90 16.97 43.22
CA VAL H 82 22.30 18.15 42.64
C VAL H 82 23.37 19.22 42.48
N GLU H 83 23.22 20.04 41.45
CA GLU H 83 24.17 21.09 41.16
C GLU H 83 23.45 22.29 40.58
N GLU H 84 24.14 23.43 40.58
CA GLU H 84 23.57 24.65 40.05
C GLU H 84 23.07 24.44 38.63
N GLU H 85 23.79 23.63 37.85
CA GLU H 85 23.42 23.39 36.46
C GLU H 85 22.13 22.62 36.32
N ASP H 86 21.62 22.04 37.40
CA ASP H 86 20.42 21.23 37.36
C ASP H 86 19.18 22.02 37.69
N ALA H 87 19.31 23.31 37.91
CA ALA H 87 18.16 24.19 38.12
C ALA H 87 17.43 24.34 36.79
N ALA H 88 16.32 23.64 36.64
CA ALA H 88 15.62 23.60 35.37
C ALA H 88 14.27 22.95 35.57
N THR H 89 13.58 22.70 34.47
CA THR H 89 12.30 22.03 34.46
C THR H 89 12.47 20.66 33.83
N TYR H 90 11.92 19.65 34.48
CA TYR H 90 12.19 18.26 34.13
C TYR H 90 10.88 17.59 33.76
N TYR H 91 10.82 17.09 32.53
CA TYR H 91 9.58 16.60 31.94
C TYR H 91 9.65 15.11 31.71
N CYS H 92 8.58 14.43 32.10
CA CYS H 92 8.28 13.08 31.68
C CYS H 92 7.71 13.10 30.28
N GLN H 93 7.83 11.97 29.60
CA GLN H 93 7.18 11.82 28.31
C GLN H 93 7.12 10.35 27.99
N HIS H 94 6.08 9.94 27.28
CA HIS H 94 5.97 8.55 26.87
C HIS H 94 5.84 8.47 25.37
N SER H 95 6.50 7.47 24.82
CA SER H 95 6.41 7.13 23.40
C SER H 95 5.57 5.88 23.17
N ARG H 96 4.84 5.44 24.19
CA ARG H 96 4.18 4.15 24.12
C ARG H 96 3.11 4.13 23.06
N ASP H 97 2.33 5.20 22.96
CA ASP H 97 1.22 5.23 22.04
C ASP H 97 0.86 6.67 21.75
N THR H 98 0.10 6.84 20.83
CA THR H 98 -0.30 8.19 20.52
C THR H 98 -1.56 8.56 21.28
N PRO H 99 -1.68 9.83 21.66
CA PRO H 99 -0.65 10.85 21.47
C PRO H 99 0.47 10.79 22.48
N TYR H 100 1.68 11.04 21.99
CA TYR H 100 2.85 11.18 22.85
C TYR H 100 2.62 12.33 23.80
N THR H 101 2.44 12.04 25.08
CA THR H 101 2.00 13.02 26.05
C THR H 101 3.08 13.25 27.09
N PHE H 102 3.34 14.52 27.37
CA PHE H 102 4.29 14.91 28.39
C PHE H 102 3.63 14.89 29.76
N GLY H 103 4.30 15.47 30.75
CA GLY H 103 3.93 15.25 32.11
C GLY H 103 3.47 16.46 32.88
N GLY H 104 3.69 17.64 32.32
CA GLY H 104 3.25 18.87 32.93
C GLY H 104 4.36 19.69 33.54
N GLY H 105 5.37 19.04 34.07
CA GLY H 105 6.58 19.73 34.44
C GLY H 105 6.88 19.62 35.92
N THR H 106 8.16 19.82 36.23
CA THR H 106 8.65 19.83 37.60
C THR H 106 9.77 20.84 37.68
N LYS H 107 9.47 22.03 38.18
CA LYS H 107 10.51 23.00 38.43
C LYS H 107 11.41 22.50 39.54
N LEU H 108 12.65 22.97 39.52
CA LEU H 108 13.64 22.57 40.50
C LEU H 108 14.37 23.80 40.99
N GLU H 109 14.42 23.96 42.30
CA GLU H 109 14.96 25.15 42.93
C GLU H 109 16.06 24.78 43.89
N ILE H 110 17.17 25.51 43.79
CA ILE H 110 18.25 25.36 44.75
C ILE H 110 17.76 25.84 46.12
N LYS H 111 17.68 24.93 47.07
CA LYS H 111 17.24 25.25 48.40
C LYS H 111 18.36 25.93 49.18
N ARG H 112 18.03 27.02 49.86
CA ARG H 112 19.01 27.83 50.56
C ARG H 112 18.40 28.29 51.87
N THR H 113 19.07 29.24 52.52
CA THR H 113 18.54 29.83 53.74
C THR H 113 17.47 30.85 53.42
N VAL H 114 16.42 30.85 54.23
CA VAL H 114 15.33 31.78 54.02
C VAL H 114 15.81 33.20 54.28
N ALA H 115 15.63 34.06 53.29
CA ALA H 115 16.08 35.44 53.36
C ALA H 115 14.94 36.37 52.98
N ALA H 116 14.73 37.39 53.78
CA ALA H 116 13.70 38.36 53.50
C ALA H 116 14.08 39.21 52.28
N PRO H 117 13.10 39.64 51.51
CA PRO H 117 13.39 40.55 50.39
C PRO H 117 13.87 41.90 50.86
N SER H 118 14.69 42.52 50.02
CA SER H 118 14.90 43.95 50.10
C SER H 118 13.78 44.62 49.32
N VAL H 119 12.91 45.34 50.01
CA VAL H 119 11.70 45.86 49.42
C VAL H 119 11.89 47.33 49.08
N PHE H 120 11.23 47.77 48.02
CA PHE H 120 11.29 49.14 47.56
C PHE H 120 9.97 49.48 46.89
N ILE H 121 9.73 50.78 46.73
CA ILE H 121 8.61 51.28 45.93
C ILE H 121 9.15 52.32 44.97
N PHE H 122 8.63 52.30 43.75
CA PHE H 122 8.93 53.31 42.74
C PHE H 122 7.62 53.94 42.28
N PRO H 123 7.39 55.21 42.62
CA PRO H 123 6.22 55.91 42.12
C PRO H 123 6.26 56.07 40.62
N PRO H 124 5.11 56.21 39.97
CA PRO H 124 5.09 56.37 38.51
C PRO H 124 5.62 57.74 38.13
N SER H 125 6.57 57.76 37.20
CA SER H 125 7.17 59.01 36.78
C SER H 125 6.17 59.83 35.99
N ASP H 126 6.43 61.14 35.92
CA ASP H 126 5.54 62.03 35.17
C ASP H 126 5.42 61.60 33.71
N GLU H 127 6.44 60.94 33.16
CA GLU H 127 6.34 60.46 31.80
C GLU H 127 5.28 59.38 31.66
N GLN H 128 5.16 58.49 32.65
CA GLN H 128 4.05 57.55 32.68
C GLN H 128 2.76 58.23 32.24
N LEU H 129 2.40 59.27 32.98
CA LEU H 129 1.13 59.97 32.85
C LEU H 129 1.12 60.97 31.71
N LYS H 130 2.28 61.38 31.19
CA LYS H 130 2.27 62.13 29.95
C LYS H 130 1.82 61.24 28.80
N SER H 131 1.87 59.92 29.00
CA SER H 131 1.28 58.98 28.07
C SER H 131 -0.16 58.62 28.42
N GLY H 132 -0.65 59.08 29.57
CA GLY H 132 -2.02 58.86 29.95
C GLY H 132 -2.28 57.71 30.89
N THR H 133 -1.24 57.10 31.46
CA THR H 133 -1.43 55.97 32.35
C THR H 133 -0.21 55.83 33.26
N ALA H 134 -0.46 55.72 34.56
CA ALA H 134 0.61 55.68 35.56
C ALA H 134 0.59 54.34 36.28
N SER H 135 1.76 53.71 36.36
CA SER H 135 1.91 52.42 37.01
C SER H 135 2.89 52.54 38.16
N VAL H 136 2.41 52.24 39.37
CA VAL H 136 3.25 52.15 40.56
C VAL H 136 4.00 50.83 40.52
N VAL H 137 5.19 50.79 41.13
CA VAL H 137 5.99 49.58 41.17
C VAL H 137 6.38 49.29 42.60
N CYS H 138 6.35 48.02 42.98
CA CYS H 138 6.86 47.55 44.25
C CYS H 138 7.84 46.42 43.99
N LEU H 139 9.05 46.56 44.51
CA LEU H 139 10.12 45.60 44.28
C LEU H 139 10.36 44.77 45.51
N LEU H 140 10.51 43.47 45.31
CA LEU H 140 11.18 42.57 46.23
C LEU H 140 12.47 42.15 45.55
N ASN H 141 13.58 42.24 46.24
CA ASN H 141 14.85 41.91 45.64
C ASN H 141 15.61 40.89 46.46
N ASN H 142 16.14 39.88 45.78
CA ASN H 142 17.04 38.89 46.35
C ASN H 142 16.46 38.30 47.64
N PHE H 143 15.38 37.58 47.46
CA PHE H 143 14.73 36.87 48.55
C PHE H 143 14.61 35.39 48.23
N TYR H 144 14.43 34.60 49.28
CA TYR H 144 14.18 33.19 49.19
C TYR H 144 13.37 32.84 50.44
N PRO H 145 12.36 31.97 50.32
CA PRO H 145 11.91 31.36 49.08
C PRO H 145 11.06 32.30 48.26
N ARG H 146 10.30 31.73 47.33
CA ARG H 146 9.52 32.48 46.37
C ARG H 146 8.08 32.72 46.80
N GLU H 147 7.60 32.08 47.86
CA GLU H 147 6.18 32.12 48.17
C GLU H 147 5.72 33.50 48.66
N ALA H 148 6.55 34.52 48.52
CA ALA H 148 6.17 35.86 48.94
C ALA H 148 4.89 36.30 48.24
N LYS H 149 4.03 36.98 49.00
CA LYS H 149 2.78 37.51 48.50
C LYS H 149 2.76 39.01 48.69
N VAL H 150 2.20 39.73 47.72
CA VAL H 150 2.12 41.18 47.78
C VAL H 150 0.67 41.61 47.62
N GLN H 151 0.30 42.63 48.38
CA GLN H 151 -1.05 43.18 48.35
C GLN H 151 -0.94 44.70 48.42
N TRP H 152 -1.75 45.38 47.62
CA TRP H 152 -1.58 46.81 47.39
C TRP H 152 -2.56 47.61 48.24
N LYS H 153 -2.08 48.72 48.77
CA LYS H 153 -2.90 49.67 49.51
C LYS H 153 -2.75 51.04 48.89
N VAL H 154 -3.83 51.82 48.93
CA VAL H 154 -3.80 53.22 48.53
C VAL H 154 -4.74 53.97 49.45
N ASP H 155 -4.22 54.98 50.14
CA ASP H 155 -5.00 55.69 51.15
C ASP H 155 -5.52 54.71 52.19
N ASN H 156 -4.68 53.73 52.52
CA ASN H 156 -5.01 52.66 53.47
C ASN H 156 -6.22 51.84 53.03
N ALA H 157 -6.57 51.90 51.75
CA ALA H 157 -7.67 51.12 51.19
C ALA H 157 -7.12 50.04 50.27
N LEU H 158 -7.70 48.85 50.37
CA LEU H 158 -7.19 47.71 49.61
C LEU H 158 -7.38 47.93 48.11
N GLN H 159 -6.42 47.44 47.33
CA GLN H 159 -6.45 47.54 45.88
C GLN H 159 -6.33 46.13 45.31
N SER H 160 -7.21 45.79 44.38
CA SER H 160 -7.28 44.43 43.87
C SER H 160 -7.64 44.44 42.40
N GLY H 161 -7.03 43.52 41.64
CA GLY H 161 -7.35 43.29 40.25
C GLY H 161 -6.63 44.20 39.27
N ASN H 162 -6.25 45.40 39.69
CA ASN H 162 -5.56 46.36 38.84
C ASN H 162 -4.05 46.18 38.86
N SER H 163 -3.58 44.96 39.09
CA SER H 163 -2.17 44.72 39.38
C SER H 163 -1.65 43.53 38.59
N GLN H 164 -0.34 43.55 38.36
CA GLN H 164 0.35 42.51 37.62
C GLN H 164 1.77 42.40 38.16
N GLU H 165 2.26 41.18 38.31
CA GLU H 165 3.61 41.00 38.83
C GLU H 165 4.35 39.96 38.02
N SER H 166 5.68 40.05 38.10
CA SER H 166 6.55 39.10 37.42
C SER H 166 7.79 38.86 38.28
N VAL H 167 8.18 37.60 38.39
CA VAL H 167 9.39 37.20 39.10
C VAL H 167 10.45 36.79 38.10
N THR H 168 11.68 37.07 38.45
CA THR H 168 12.80 36.59 37.66
C THR H 168 13.13 35.15 38.08
N GLU H 169 13.87 34.48 37.22
CA GLU H 169 14.30 33.13 37.55
C GLU H 169 15.38 33.17 38.61
N GLN H 170 15.60 32.03 39.25
CA GLN H 170 16.66 31.94 40.23
C GLN H 170 17.98 32.36 39.62
N ASP H 171 18.68 33.25 40.30
CA ASP H 171 19.96 33.76 39.84
C ASP H 171 21.10 33.08 40.57
N SER H 172 22.04 32.54 39.79
CA SER H 172 23.11 31.75 40.37
C SER H 172 24.03 32.57 41.27
N LYS H 173 23.93 33.90 41.22
CA LYS H 173 24.76 34.73 42.08
C LYS H 173 24.53 34.36 43.55
N ASP H 174 23.26 34.21 43.95
CA ASP H 174 22.92 33.76 45.29
C ASP H 174 21.75 32.81 45.33
N SER H 175 21.17 32.45 44.19
CA SER H 175 20.02 31.58 44.10
C SER H 175 18.78 32.16 44.76
N THR H 176 18.76 33.46 45.00
CA THR H 176 17.58 34.12 45.51
C THR H 176 16.77 34.68 44.35
N TYR H 177 15.60 35.23 44.66
CA TYR H 177 14.66 35.68 43.65
C TYR H 177 14.44 37.18 43.76
N SER H 178 13.74 37.70 42.76
CA SER H 178 13.23 39.07 42.80
C SER H 178 11.86 39.09 42.15
N LEU H 179 10.99 39.94 42.69
CA LEU H 179 9.64 40.11 42.18
C LEU H 179 9.39 41.59 41.94
N SER H 180 8.72 41.88 40.83
CA SER H 180 8.31 43.24 40.50
C SER H 180 6.79 43.24 40.36
N SER H 181 6.11 43.93 41.24
CA SER H 181 4.68 44.09 41.20
C SER H 181 4.34 45.48 40.70
N THR H 182 3.20 45.60 40.04
CA THR H 182 2.82 46.84 39.39
C THR H 182 1.33 47.07 39.56
N LEU H 183 0.98 48.30 39.92
CA LEU H 183 -0.40 48.74 40.06
C LEU H 183 -0.64 49.82 39.03
N THR H 184 -1.49 49.54 38.04
CA THR H 184 -1.68 50.43 36.92
C THR H 184 -2.99 51.22 37.08
N LEU H 185 -2.95 52.49 36.72
CA LEU H 185 -4.08 53.39 36.91
C LEU H 185 -4.08 54.44 35.83
N SER H 186 -5.22 55.12 35.72
CA SER H 186 -5.31 56.31 34.90
C SER H 186 -4.81 57.52 35.68
N LYS H 187 -4.41 58.55 34.94
CA LYS H 187 -4.02 59.80 35.59
C LYS H 187 -5.13 60.31 36.49
N ALA H 188 -6.38 60.15 36.06
CA ALA H 188 -7.51 60.56 36.89
C ALA H 188 -7.58 59.74 38.17
N ASP H 189 -7.57 58.42 38.04
CA ASP H 189 -7.63 57.57 39.22
C ASP H 189 -6.39 57.73 40.07
N TYR H 190 -5.24 57.95 39.45
CA TYR H 190 -4.05 58.32 40.19
C TYR H 190 -4.32 59.54 41.06
N GLU H 191 -4.82 60.61 40.46
CA GLU H 191 -5.00 61.86 41.20
C GLU H 191 -5.93 61.69 42.38
N LYS H 192 -7.00 60.92 42.22
CA LYS H 192 -8.08 60.86 43.19
C LYS H 192 -7.70 60.10 44.45
N HIS H 193 -6.43 59.76 44.62
CA HIS H 193 -5.93 59.20 45.86
C HIS H 193 -4.54 59.79 46.10
N LYS H 194 -3.99 59.53 47.29
CA LYS H 194 -2.85 60.29 47.78
C LYS H 194 -1.62 59.45 48.03
N VAL H 195 -1.74 58.41 48.85
CA VAL H 195 -0.61 57.68 49.38
C VAL H 195 -0.73 56.23 48.92
N TYR H 196 0.39 55.68 48.48
CA TYR H 196 0.43 54.38 47.83
C TYR H 196 1.42 53.48 48.55
N ALA H 197 1.00 52.26 48.85
CA ALA H 197 1.80 51.34 49.64
C ALA H 197 1.66 49.94 49.08
N CYS H 198 2.70 49.14 49.31
CA CYS H 198 2.69 47.73 48.98
C CYS H 198 3.08 46.94 50.22
N GLU H 199 2.34 45.88 50.49
CA GLU H 199 2.54 45.03 51.65
C GLU H 199 2.98 43.66 51.18
N VAL H 200 3.89 43.05 51.93
CA VAL H 200 4.47 41.76 51.58
C VAL H 200 4.36 40.82 52.77
N THR H 201 3.97 39.58 52.46
CA THR H 201 3.96 38.47 53.39
C THR H 201 4.99 37.46 52.92
N HIS H 202 5.94 37.12 53.78
CA HIS H 202 7.01 36.22 53.38
C HIS H 202 7.62 35.58 54.62
N GLN H 203 8.14 34.36 54.42
CA GLN H 203 8.73 33.63 55.54
C GLN H 203 9.95 34.36 56.10
N GLY H 204 10.59 35.22 55.31
CA GLY H 204 11.77 35.91 55.78
C GLY H 204 11.48 37.00 56.78
N LEU H 205 10.20 37.34 56.97
CA LEU H 205 9.81 38.44 57.82
C LEU H 205 9.20 37.96 59.11
N SER H 206 9.49 38.68 60.19
CA SER H 206 8.78 38.47 61.44
C SER H 206 7.28 38.70 61.28
N SER H 207 6.93 39.81 60.64
CA SER H 207 5.56 40.17 60.36
C SER H 207 5.48 40.77 58.96
N PRO H 208 4.33 40.72 58.32
CA PRO H 208 4.22 41.32 56.98
C PRO H 208 4.64 42.77 57.01
N VAL H 209 5.36 43.20 55.97
CA VAL H 209 5.98 44.50 55.92
C VAL H 209 5.31 45.31 54.82
N THR H 210 4.89 46.52 55.14
CA THR H 210 4.32 47.42 54.15
C THR H 210 5.19 48.64 54.02
N LYS H 211 5.50 49.00 52.77
CA LYS H 211 6.23 50.21 52.45
C LYS H 211 5.28 51.16 51.72
N SER H 212 5.63 52.45 51.70
CA SER H 212 4.68 53.44 51.24
C SER H 212 5.41 54.68 50.74
N PHE H 213 4.69 55.47 49.95
CA PHE H 213 5.10 56.81 49.58
C PHE H 213 3.86 57.66 49.43
N ASN H 214 4.06 58.98 49.45
CA ASN H 214 3.00 59.95 49.25
C ASN H 214 3.23 60.67 47.93
N ARG H 215 2.17 60.90 47.17
CA ARG H 215 2.27 61.45 45.78
C ARG H 215 2.86 62.86 45.70
N GLY H 216 4.02 63.00 45.03
CA GLY H 216 4.56 64.30 44.71
C GLY H 216 5.18 65.05 45.86
N GLU H 217 5.49 64.36 46.96
CA GLU H 217 6.14 65.01 48.09
C GLU H 217 7.64 65.09 47.84
N CYS H 218 8.19 66.29 47.96
CA CYS H 218 9.60 66.52 47.67
C CYS H 218 10.49 65.82 48.69
N ASP I 1 -15.54 9.55 -20.08
CA ASP I 1 -14.72 10.61 -20.70
C ASP I 1 -15.60 11.82 -20.94
N ILE I 2 -15.21 12.91 -20.30
CA ILE I 2 -15.99 14.13 -20.31
C ILE I 2 -15.45 15.05 -21.37
N VAL I 3 -16.32 15.45 -22.29
CA VAL I 3 -15.93 16.22 -23.46
C VAL I 3 -16.36 17.65 -23.25
N MET I 4 -15.42 18.56 -23.38
CA MET I 4 -15.69 19.98 -23.22
C MET I 4 -15.86 20.58 -24.59
N THR I 5 -17.10 20.66 -25.04
CA THR I 5 -17.40 21.46 -26.20
C THR I 5 -17.26 22.92 -25.82
N GLN I 6 -16.85 23.73 -26.76
CA GLN I 6 -16.57 25.12 -26.49
C GLN I 6 -16.98 25.94 -27.69
N SER I 7 -17.52 27.13 -27.44
CA SER I 7 -18.08 27.93 -28.51
C SER I 7 -18.09 29.37 -28.07
N PRO I 8 -18.16 30.31 -29.01
CA PRO I 8 -17.96 30.02 -30.43
C PRO I 8 -16.48 29.94 -30.75
N ALA I 9 -16.14 29.27 -31.87
CA ALA I 9 -14.74 29.04 -32.18
C ALA I 9 -13.96 30.33 -32.34
N SER I 10 -14.63 31.42 -32.66
CA SER I 10 -13.97 32.70 -32.79
C SER I 10 -14.94 33.81 -32.45
N LEU I 11 -14.41 34.90 -31.90
CA LEU I 11 -15.19 36.08 -31.56
C LEU I 11 -14.61 37.27 -32.27
N ALA I 12 -15.48 38.13 -32.76
CA ALA I 12 -15.10 39.42 -33.32
C ALA I 12 -15.77 40.47 -32.47
N VAL I 13 -15.02 41.04 -31.54
CA VAL I 13 -15.54 42.01 -30.60
C VAL I 13 -14.66 43.24 -30.66
N SER I 14 -15.24 44.37 -30.27
CA SER I 14 -14.55 45.64 -30.30
C SER I 14 -14.20 46.08 -28.88
N LEU I 15 -13.21 46.97 -28.79
CA LEU I 15 -12.76 47.44 -27.50
C LEU I 15 -13.93 47.99 -26.69
N GLY I 16 -13.96 47.63 -25.41
CA GLY I 16 -14.97 48.12 -24.51
C GLY I 16 -16.22 47.29 -24.44
N GLN I 17 -16.39 46.34 -25.35
CA GLN I 17 -17.59 45.52 -25.36
C GLN I 17 -17.40 44.33 -24.42
N ARG I 18 -18.32 43.39 -24.49
CA ARG I 18 -18.30 42.19 -23.66
C ARG I 18 -18.12 40.97 -24.53
N ALA I 19 -17.22 40.09 -24.14
CA ALA I 19 -16.97 38.86 -24.85
C ALA I 19 -17.39 37.69 -23.97
N THR I 20 -18.24 36.83 -24.49
CA THR I 20 -18.79 35.71 -23.73
C THR I 20 -18.45 34.42 -24.44
N ILE I 21 -17.55 33.64 -23.85
CA ILE I 21 -17.18 32.33 -24.37
C ILE I 21 -17.89 31.28 -23.54
N SER I 22 -18.69 30.47 -24.21
CA SER I 22 -19.56 29.50 -23.56
C SER I 22 -18.96 28.12 -23.71
N CYS I 23 -18.66 27.48 -22.59
CA CYS I 23 -18.16 26.13 -22.53
C CYS I 23 -19.25 25.22 -22.00
N ARG I 24 -19.31 24.02 -22.56
CA ARG I 24 -20.22 23.00 -22.09
C ARG I 24 -19.48 21.70 -21.93
N ALA I 25 -19.95 20.89 -21.01
CA ALA I 25 -19.44 19.56 -20.79
C ALA I 25 -20.44 18.53 -21.27
N SER I 26 -19.93 17.34 -21.57
CA SER I 26 -20.83 16.23 -21.82
C SER I 26 -21.48 15.74 -20.55
N LYS I 27 -20.91 16.08 -19.41
CA LYS I 27 -21.44 15.64 -18.13
C LYS I 27 -21.07 16.67 -17.07
N SER I 28 -21.78 16.63 -15.97
CA SER I 28 -21.55 17.58 -14.89
C SER I 28 -20.11 17.53 -14.42
N VAL I 29 -19.53 18.70 -14.22
CA VAL I 29 -18.21 18.85 -13.66
C VAL I 29 -18.28 19.44 -12.27
N SER I 30 -19.45 19.40 -11.66
CA SER I 30 -19.70 20.08 -10.41
C SER I 30 -19.88 19.05 -9.30
N THR I 31 -19.14 19.24 -8.22
CA THR I 31 -19.23 18.41 -7.04
C THR I 31 -18.25 18.98 -6.03
N SER I 32 -18.27 18.43 -4.83
CA SER I 32 -17.37 18.86 -3.76
C SER I 32 -17.54 20.32 -3.44
N GLY I 33 -18.69 20.88 -3.79
CA GLY I 33 -18.90 22.31 -3.64
C GLY I 33 -18.19 23.12 -4.68
N TYR I 34 -17.63 22.46 -5.67
CA TYR I 34 -16.82 23.09 -6.69
C TYR I 34 -17.35 22.71 -8.05
N SER I 35 -17.11 23.58 -9.02
CA SER I 35 -17.28 23.26 -10.42
C SER I 35 -15.89 23.26 -11.03
N TYR I 36 -15.51 22.12 -11.60
CA TYR I 36 -14.11 21.88 -11.90
C TYR I 36 -13.69 22.40 -13.25
N ILE I 37 -14.32 23.44 -13.72
CA ILE I 37 -13.87 24.13 -14.93
C ILE I 37 -12.75 25.09 -14.58
N HIS I 38 -11.90 25.31 -15.57
CA HIS I 38 -10.84 26.28 -15.49
C HIS I 38 -10.66 26.90 -16.86
N TRP I 39 -10.48 28.22 -16.87
CA TRP I 39 -10.34 28.99 -18.10
C TRP I 39 -8.93 29.55 -18.16
N TYR I 40 -8.26 29.25 -19.26
CA TYR I 40 -6.90 29.66 -19.53
C TYR I 40 -6.84 30.59 -20.73
N GLN I 41 -5.80 31.42 -20.75
CA GLN I 41 -5.52 32.34 -21.83
C GLN I 41 -4.15 32.03 -22.39
N GLN I 42 -4.09 31.84 -23.71
CA GLN I 42 -2.85 31.58 -24.41
C GLN I 42 -2.71 32.58 -25.53
N LYS I 43 -1.73 33.40 -25.42
CA LYS I 43 -1.36 34.28 -26.50
C LYS I 43 -0.32 33.61 -27.39
N PRO I 44 -0.16 34.08 -28.61
CA PRO I 44 0.65 33.33 -29.58
C PRO I 44 2.08 33.16 -29.11
N GLY I 45 2.58 31.93 -29.23
CA GLY I 45 3.95 31.64 -28.90
C GLY I 45 4.20 31.48 -27.42
N GLN I 46 3.23 31.71 -26.60
CA GLN I 46 3.37 31.61 -25.16
C GLN I 46 2.70 30.35 -24.65
N PRO I 47 3.06 29.93 -23.45
CA PRO I 47 2.27 28.96 -22.76
C PRO I 47 0.93 29.56 -22.38
N PRO I 48 -0.03 28.73 -21.98
CA PRO I 48 -1.23 29.28 -21.37
C PRO I 48 -0.87 29.95 -20.06
N LYS I 49 -1.81 30.74 -19.59
CA LYS I 49 -1.77 31.24 -18.23
C LYS I 49 -3.16 31.16 -17.67
N LEU I 50 -3.27 30.76 -16.43
CA LEU I 50 -4.57 30.53 -15.84
C LEU I 50 -5.28 31.85 -15.60
N LEU I 51 -6.52 31.95 -16.07
CA LEU I 51 -7.36 33.09 -15.77
C LEU I 51 -8.20 32.82 -14.55
N ILE I 52 -9.03 31.78 -14.61
CA ILE I 52 -9.89 31.47 -13.48
C ILE I 52 -9.92 29.98 -13.26
N TYR I 53 -10.05 29.59 -12.00
CA TYR I 53 -10.13 28.21 -11.60
C TYR I 53 -11.42 27.95 -10.87
N LEU I 54 -11.91 26.73 -11.03
CA LEU I 54 -13.12 26.28 -10.39
C LEU I 54 -14.31 27.11 -10.84
N ALA I 55 -14.18 27.69 -12.02
CA ALA I 55 -15.21 28.28 -12.85
C ALA I 55 -15.63 29.65 -12.37
N THR I 56 -15.17 30.10 -11.22
CA THR I 56 -15.56 31.40 -10.69
C THR I 56 -14.43 32.17 -10.07
N ASN I 57 -13.35 31.52 -9.67
CA ASN I 57 -12.36 32.13 -8.79
C ASN I 57 -11.24 32.71 -9.63
N LEU I 58 -11.19 34.03 -9.70
CA LEU I 58 -10.14 34.72 -10.40
C LEU I 58 -8.79 34.46 -9.73
N GLU I 59 -7.78 34.19 -10.55
CA GLU I 59 -6.46 33.90 -10.05
C GLU I 59 -5.73 35.19 -9.70
N SER I 60 -4.80 35.07 -8.76
CA SER I 60 -4.01 36.22 -8.33
C SER I 60 -3.24 36.82 -9.51
N GLY I 61 -3.13 38.14 -9.50
CA GLY I 61 -2.45 38.85 -10.56
C GLY I 61 -3.28 39.07 -11.79
N VAL I 62 -4.45 38.45 -11.87
CA VAL I 62 -5.29 38.56 -13.07
C VAL I 62 -6.12 39.82 -12.96
N PRO I 63 -6.41 40.50 -14.07
CA PRO I 63 -7.32 41.64 -14.00
C PRO I 63 -8.73 41.19 -13.71
N ALA I 64 -9.52 42.12 -13.19
CA ALA I 64 -10.91 41.82 -12.87
C ALA I 64 -11.82 41.88 -14.08
N ARG I 65 -11.30 42.21 -15.25
CA ARG I 65 -12.13 42.21 -16.45
C ARG I 65 -12.69 40.83 -16.72
N PHE I 66 -12.01 39.80 -16.26
CA PHE I 66 -12.42 38.43 -16.47
C PHE I 66 -13.34 37.99 -15.36
N SER I 67 -14.38 37.26 -15.73
CA SER I 67 -15.32 36.75 -14.77
C SER I 67 -15.80 35.39 -15.23
N GLY I 68 -16.01 34.50 -14.27
CA GLY I 68 -16.49 33.17 -14.54
C GLY I 68 -17.89 33.01 -14.00
N SER I 69 -18.70 32.28 -14.74
CA SER I 69 -20.07 32.05 -14.34
C SER I 69 -20.49 30.67 -14.81
N GLY I 70 -21.56 30.17 -14.21
CA GLY I 70 -22.15 28.92 -14.64
C GLY I 70 -21.81 27.79 -13.68
N SER I 71 -22.46 26.67 -13.94
CA SER I 71 -22.36 25.53 -13.05
C SER I 71 -22.80 24.28 -13.79
N GLY I 72 -22.73 23.15 -13.10
CA GLY I 72 -23.20 21.91 -13.67
C GLY I 72 -22.47 21.60 -14.95
N THR I 73 -23.17 21.78 -16.07
CA THR I 73 -22.63 21.46 -17.37
C THR I 73 -22.35 22.68 -18.23
N ASP I 74 -22.88 23.84 -17.88
CA ASP I 74 -22.78 25.02 -18.72
C ASP I 74 -22.04 26.11 -17.97
N PHE I 75 -21.02 26.66 -18.61
CA PHE I 75 -20.15 27.65 -17.98
C PHE I 75 -19.82 28.73 -19.00
N THR I 76 -19.40 29.88 -18.48
CA THR I 76 -19.16 31.03 -19.34
C THR I 76 -18.00 31.85 -18.79
N LEU I 77 -17.17 32.32 -19.72
CA LEU I 77 -16.13 33.28 -19.43
C LEU I 77 -16.54 34.61 -20.04
N ASN I 78 -16.69 35.62 -19.19
CA ASN I 78 -17.11 36.95 -19.60
C ASN I 78 -15.94 37.90 -19.42
N ILE I 79 -15.53 38.52 -20.52
CA ILE I 79 -14.52 39.57 -20.52
C ILE I 79 -15.23 40.91 -20.71
N HIS I 80 -14.96 41.83 -19.81
CA HIS I 80 -15.42 43.19 -19.97
C HIS I 80 -14.63 44.12 -19.07
N PRO I 81 -14.05 45.19 -19.61
CA PRO I 81 -14.04 45.59 -21.02
C PRO I 81 -12.99 44.86 -21.84
N VAL I 82 -13.35 44.40 -23.03
CA VAL I 82 -12.36 43.82 -23.92
C VAL I 82 -11.26 44.83 -24.17
N GLU I 83 -10.04 44.33 -24.35
CA GLU I 83 -8.89 45.18 -24.57
C GLU I 83 -7.92 44.49 -25.52
N GLU I 84 -7.01 45.29 -26.07
CA GLU I 84 -6.01 44.76 -26.98
C GLU I 84 -5.28 43.58 -26.37
N GLU I 85 -5.02 43.63 -25.07
CA GLU I 85 -4.29 42.57 -24.39
C GLU I 85 -5.06 41.27 -24.33
N ASP I 86 -6.35 41.29 -24.65
CA ASP I 86 -7.19 40.11 -24.56
C ASP I 86 -7.31 39.37 -25.87
N ALA I 87 -6.59 39.83 -26.90
CA ALA I 87 -6.53 39.14 -28.17
C ALA I 87 -5.70 37.88 -27.99
N ALA I 88 -6.36 36.74 -27.89
CA ALA I 88 -5.68 35.50 -27.57
C ALA I 88 -6.64 34.34 -27.79
N THR I 89 -6.20 33.16 -27.39
CA THR I 89 -7.01 31.95 -27.47
C THR I 89 -7.38 31.52 -26.06
N TYR I 90 -8.65 31.21 -25.86
CA TYR I 90 -9.20 31.00 -24.53
C TYR I 90 -9.74 29.60 -24.44
N TYR I 91 -9.20 28.83 -23.50
CA TYR I 91 -9.46 27.40 -23.41
C TYR I 91 -10.22 27.05 -22.14
N CYS I 92 -11.25 26.24 -22.32
CA CYS I 92 -11.89 25.52 -21.24
C CYS I 92 -11.04 24.33 -20.84
N GLN I 93 -11.24 23.87 -19.61
CA GLN I 93 -10.61 22.64 -19.17
C GLN I 93 -11.33 22.16 -17.93
N HIS I 94 -11.39 20.84 -17.77
CA HIS I 94 -12.01 20.29 -16.59
C HIS I 94 -11.03 19.40 -15.86
N SER I 95 -11.07 19.49 -14.54
CA SER I 95 -10.31 18.63 -13.65
C SER I 95 -11.18 17.58 -12.99
N ARG I 96 -12.40 17.41 -13.47
CA ARG I 96 -13.37 16.58 -12.77
C ARG I 96 -12.94 15.13 -12.73
N ASP I 97 -12.43 14.62 -13.84
CA ASP I 97 -12.07 13.23 -13.93
C ASP I 97 -11.05 13.05 -15.04
N THR I 98 -10.51 11.97 -15.06
CA THR I 98 -9.55 11.72 -16.11
C THR I 98 -10.23 11.12 -17.33
N PRO I 99 -9.74 11.45 -18.52
CA PRO I 99 -8.65 12.40 -18.73
C PRO I 99 -9.07 13.85 -18.66
N TYR I 100 -8.21 14.66 -18.06
CA TYR I 100 -8.39 16.11 -18.05
C TYR I 100 -8.40 16.61 -19.47
N THR I 101 -9.56 17.06 -19.94
CA THR I 101 -9.76 17.36 -21.35
C THR I 101 -10.04 18.84 -21.53
N PHE I 102 -9.36 19.43 -22.50
CA PHE I 102 -9.56 20.82 -22.84
C PHE I 102 -10.74 20.95 -23.79
N GLY I 103 -10.88 22.12 -24.40
CA GLY I 103 -12.12 22.48 -25.05
C GLY I 103 -12.02 22.71 -26.54
N GLY I 104 -10.81 22.83 -27.05
CA GLY I 104 -10.59 22.99 -28.47
C GLY I 104 -10.19 24.38 -28.88
N GLY I 105 -10.68 25.39 -28.17
CA GLY I 105 -10.14 26.72 -28.34
C GLY I 105 -11.18 27.70 -28.81
N THR I 106 -10.90 28.97 -28.54
CA THR I 106 -11.72 30.08 -28.97
C THR I 106 -10.81 31.26 -29.26
N LYS I 107 -10.51 31.47 -30.53
CA LYS I 107 -9.76 32.65 -30.89
C LYS I 107 -10.60 33.90 -30.66
N LEU I 108 -9.93 35.00 -30.43
CA LEU I 108 -10.59 36.27 -30.15
C LEU I 108 -9.94 37.35 -30.98
N GLU I 109 -10.77 38.10 -31.71
CA GLU I 109 -10.30 39.08 -32.65
C GLU I 109 -10.89 40.43 -32.33
N ILE I 110 -10.05 41.44 -32.33
CA ILE I 110 -10.51 42.82 -32.19
C ILE I 110 -11.31 43.19 -33.42
N LYS I 111 -12.59 43.44 -33.23
CA LYS I 111 -13.47 43.81 -34.32
C LYS I 111 -13.26 45.27 -34.69
N ARG I 112 -13.15 45.53 -35.98
CA ARG I 112 -12.86 46.87 -36.48
C ARG I 112 -13.69 47.11 -37.73
N THR I 113 -13.35 48.17 -38.44
CA THR I 113 -14.00 48.47 -39.71
C THR I 113 -13.43 47.59 -40.82
N VAL I 114 -14.33 47.12 -41.69
CA VAL I 114 -13.92 46.26 -42.78
C VAL I 114 -13.05 47.06 -43.75
N ALA I 115 -11.85 46.56 -44.01
CA ALA I 115 -10.89 47.23 -44.87
C ALA I 115 -10.37 46.25 -45.90
N ALA I 116 -10.36 46.67 -47.14
CA ALA I 116 -9.84 45.83 -48.20
C ALA I 116 -8.33 45.69 -48.08
N PRO I 117 -7.79 44.55 -48.49
CA PRO I 117 -6.33 44.39 -48.50
C PRO I 117 -5.67 45.28 -49.53
N SER I 118 -4.43 45.65 -49.22
CA SER I 118 -3.52 46.14 -50.23
C SER I 118 -2.86 44.92 -50.87
N VAL I 119 -3.15 44.68 -52.14
CA VAL I 119 -2.75 43.44 -52.80
C VAL I 119 -1.53 43.70 -53.65
N PHE I 120 -0.69 42.68 -53.77
CA PHE I 120 0.53 42.76 -54.56
C PHE I 120 0.84 41.36 -55.10
N ILE I 121 1.70 41.32 -56.10
CA ILE I 121 2.26 40.07 -56.60
C ILE I 121 3.76 40.22 -56.68
N PHE I 122 4.47 39.16 -56.31
CA PHE I 122 5.91 39.07 -56.44
C PHE I 122 6.26 37.87 -57.30
N PRO I 123 6.76 38.07 -58.52
CA PRO I 123 7.21 36.95 -59.34
C PRO I 123 8.40 36.26 -58.71
N PRO I 124 8.60 34.98 -59.04
CA PRO I 124 9.75 34.26 -58.47
C PRO I 124 11.05 34.75 -59.08
N SER I 125 12.00 35.08 -58.22
CA SER I 125 13.27 35.60 -58.67
C SER I 125 14.07 34.50 -59.38
N ASP I 126 15.01 34.92 -60.21
CA ASP I 126 15.85 33.97 -60.91
C ASP I 126 16.58 33.04 -59.95
N GLU I 127 16.85 33.49 -58.73
CA GLU I 127 17.51 32.63 -57.76
C GLU I 127 16.61 31.46 -57.36
N GLN I 128 15.30 31.71 -57.23
CA GLN I 128 14.36 30.62 -57.04
C GLN I 128 14.71 29.44 -57.93
N LEU I 129 14.74 29.72 -59.22
CA LEU I 129 14.91 28.70 -60.25
C LEU I 129 16.35 28.28 -60.47
N LYS I 130 17.31 29.07 -60.00
CA LYS I 130 18.68 28.57 -59.98
C LYS I 130 18.81 27.45 -58.97
N SER I 131 17.85 27.34 -58.05
CA SER I 131 17.73 26.21 -57.16
C SER I 131 16.84 25.11 -57.71
N GLY I 132 16.16 25.36 -58.83
CA GLY I 132 15.34 24.36 -59.48
C GLY I 132 13.86 24.42 -59.18
N THR I 133 13.38 25.47 -58.52
CA THR I 133 11.97 25.56 -58.17
C THR I 133 11.59 27.02 -57.96
N ALA I 134 10.52 27.46 -58.61
CA ALA I 134 10.09 28.85 -58.57
C ALA I 134 8.74 28.96 -57.91
N SER I 135 8.62 29.88 -56.96
CA SER I 135 7.38 30.09 -56.22
C SER I 135 6.91 31.53 -56.43
N VAL I 136 5.72 31.68 -56.98
CA VAL I 136 5.07 32.98 -57.11
C VAL I 136 4.48 33.34 -55.76
N VAL I 137 4.37 34.65 -55.49
CA VAL I 137 3.81 35.12 -54.23
C VAL I 137 2.72 36.13 -54.53
N CYS I 138 1.63 36.05 -53.76
CA CYS I 138 0.57 37.06 -53.80
C CYS I 138 0.33 37.53 -52.37
N LEU I 139 0.41 38.85 -52.17
CA LEU I 139 0.28 39.44 -50.86
C LEU I 139 -1.06 40.14 -50.71
N LEU I 140 -1.70 39.92 -49.57
CA LEU I 140 -2.72 40.79 -49.03
C LEU I 140 -2.13 41.43 -47.81
N ASN I 141 -2.24 42.74 -47.70
CA ASN I 141 -1.63 43.45 -46.58
C ASN I 141 -2.64 44.32 -45.88
N ASN I 142 -2.64 44.23 -44.54
CA ASN I 142 -3.42 45.10 -43.67
C ASN I 142 -4.87 45.17 -44.11
N PHE I 143 -5.53 44.02 -43.96
CA PHE I 143 -6.95 43.90 -44.25
C PHE I 143 -7.69 43.36 -43.04
N TYR I 144 -9.00 43.62 -43.03
CA TYR I 144 -9.91 43.09 -42.04
C TYR I 144 -11.25 42.98 -42.75
N PRO I 145 -12.02 41.92 -42.50
CA PRO I 145 -11.65 40.80 -41.65
C PRO I 145 -10.72 39.83 -42.35
N ARG I 146 -10.65 38.61 -41.82
CA ARG I 146 -9.72 37.60 -42.27
C ARG I 146 -10.30 36.67 -43.33
N GLU I 147 -11.60 36.68 -43.56
CA GLU I 147 -12.21 35.66 -44.39
C GLU I 147 -11.83 35.77 -45.86
N ALA I 148 -10.84 36.58 -46.19
CA ALA I 148 -10.40 36.72 -47.57
C ALA I 148 -10.00 35.37 -48.16
N LYS I 149 -10.37 35.17 -49.40
CA LYS I 149 -10.04 33.95 -50.14
C LYS I 149 -9.22 34.31 -51.36
N VAL I 150 -8.25 33.47 -51.70
CA VAL I 150 -7.39 33.70 -52.85
C VAL I 150 -7.44 32.48 -53.75
N GLN I 151 -7.43 32.73 -55.07
CA GLN I 151 -7.47 31.69 -56.07
C GLN I 151 -6.52 32.10 -57.19
N TRP I 152 -5.75 31.13 -57.69
CA TRP I 152 -4.64 31.42 -58.57
C TRP I 152 -5.02 31.18 -60.03
N LYS I 153 -4.55 32.06 -60.89
CA LYS I 153 -4.72 31.92 -62.33
C LYS I 153 -3.37 31.98 -63.01
N VAL I 154 -3.22 31.23 -64.10
CA VAL I 154 -2.03 31.31 -64.94
C VAL I 154 -2.49 31.13 -66.38
N ASP I 155 -2.19 32.11 -67.23
CA ASP I 155 -2.70 32.10 -68.60
C ASP I 155 -4.21 32.00 -68.59
N ASN I 156 -4.83 32.70 -67.64
CA ASN I 156 -6.28 32.72 -67.44
C ASN I 156 -6.84 31.33 -67.15
N ALA I 157 -5.99 30.39 -66.75
CA ALA I 157 -6.40 29.03 -66.40
C ALA I 157 -6.27 28.83 -64.90
N LEU I 158 -7.27 28.17 -64.31
CA LEU I 158 -7.30 28.00 -62.87
C LEU I 158 -6.15 27.13 -62.40
N GLN I 159 -5.62 27.44 -61.22
CA GLN I 159 -4.53 26.70 -60.61
C GLN I 159 -4.98 26.25 -59.23
N SER I 160 -4.79 24.97 -58.93
CA SER I 160 -5.32 24.40 -57.69
C SER I 160 -4.36 23.36 -57.15
N GLY I 161 -4.22 23.32 -55.83
CA GLY I 161 -3.47 22.29 -55.14
C GLY I 161 -1.97 22.55 -55.02
N ASN I 162 -1.41 23.32 -55.95
CA ASN I 162 0.01 23.64 -55.95
C ASN I 162 0.33 24.89 -55.14
N SER I 163 -0.46 25.17 -54.12
CA SER I 163 -0.40 26.47 -53.43
C SER I 163 -0.44 26.27 -51.93
N GLN I 164 0.11 27.26 -51.24
CA GLN I 164 0.19 27.27 -49.79
C GLN I 164 0.16 28.73 -49.32
N GLU I 165 -0.59 28.99 -48.25
CA GLU I 165 -0.67 30.36 -47.76
C GLU I 165 -0.53 30.38 -46.24
N SER I 166 -0.13 31.55 -45.75
CA SER I 166 0.00 31.77 -44.32
C SER I 166 -0.40 33.19 -43.98
N VAL I 167 -1.16 33.35 -42.90
CA VAL I 167 -1.57 34.65 -42.41
C VAL I 167 -0.80 34.95 -41.13
N THR I 168 -0.50 36.23 -40.95
CA THR I 168 0.07 36.68 -39.70
C THR I 168 -1.02 36.90 -38.67
N GLU I 169 -0.63 36.98 -37.42
CA GLU I 169 -1.59 37.24 -36.36
C GLU I 169 -2.00 38.71 -36.42
N GLN I 170 -3.12 39.00 -35.77
CA GLN I 170 -3.56 40.39 -35.69
C GLN I 170 -2.47 41.25 -35.11
N ASP I 171 -2.18 42.37 -35.79
CA ASP I 171 -1.15 43.28 -35.37
C ASP I 171 -1.77 44.49 -34.69
N SER I 172 -1.28 44.78 -33.49
CA SER I 172 -1.88 45.84 -32.68
C SER I 172 -1.73 47.21 -33.31
N LYS I 173 -0.87 47.35 -34.33
CA LYS I 173 -0.73 48.65 -34.99
C LYS I 173 -2.07 49.13 -35.52
N ASP I 174 -2.83 48.24 -36.17
CA ASP I 174 -4.17 48.56 -36.63
C ASP I 174 -5.15 47.41 -36.47
N SER I 175 -4.73 46.28 -35.92
CA SER I 175 -5.58 45.11 -35.74
C SER I 175 -6.04 44.51 -37.06
N THR I 176 -5.38 44.85 -38.16
CA THR I 176 -5.68 44.24 -39.44
C THR I 176 -4.73 43.07 -39.68
N TYR I 177 -4.95 42.35 -40.76
CA TYR I 177 -4.22 41.12 -41.03
C TYR I 177 -3.42 41.28 -42.32
N SER I 178 -2.59 40.27 -42.56
CA SER I 178 -1.89 40.11 -43.82
C SER I 178 -1.81 38.63 -44.16
N LEU I 179 -1.91 38.34 -45.44
CA LEU I 179 -1.84 36.97 -45.95
C LEU I 179 -0.80 36.91 -47.05
N SER I 180 -0.03 35.83 -47.05
CA SER I 180 0.95 35.57 -48.10
C SER I 180 0.60 34.22 -48.71
N SER I 181 0.21 34.23 -49.97
CA SER I 181 -0.08 33.02 -50.72
C SER I 181 1.06 32.74 -51.68
N THR I 182 1.26 31.47 -51.98
CA THR I 182 2.40 31.05 -52.77
C THR I 182 1.98 29.93 -53.70
N LEU I 183 2.41 30.05 -54.95
CA LEU I 183 2.18 29.03 -55.98
C LEU I 183 3.53 28.50 -56.41
N THR I 184 3.80 27.24 -56.10
CA THR I 184 5.12 26.65 -56.33
C THR I 184 5.11 25.79 -57.58
N LEU I 185 6.19 25.87 -58.35
CA LEU I 185 6.29 25.18 -59.63
C LEU I 185 7.73 24.82 -59.90
N SER I 186 7.91 23.93 -60.87
CA SER I 186 9.23 23.66 -61.42
C SER I 186 9.57 24.69 -62.48
N LYS I 187 10.87 24.86 -62.72
CA LYS I 187 11.32 25.74 -63.78
C LYS I 187 10.67 25.36 -65.10
N ALA I 188 10.51 24.06 -65.35
CA ALA I 188 9.84 23.61 -66.57
C ALA I 188 8.39 24.06 -66.59
N ASP I 189 7.64 23.75 -65.53
CA ASP I 189 6.24 24.14 -65.49
C ASP I 189 6.10 25.65 -65.46
N TYR I 190 7.03 26.33 -64.80
CA TYR I 190 7.08 27.78 -64.89
C TYR I 190 7.16 28.23 -66.34
N GLU I 191 8.12 27.69 -67.09
CA GLU I 191 8.34 28.14 -68.46
C GLU I 191 7.09 27.94 -69.33
N LYS I 192 6.42 26.81 -69.16
CA LYS I 192 5.37 26.39 -70.07
C LYS I 192 4.09 27.21 -69.93
N HIS I 193 4.13 28.31 -69.18
CA HIS I 193 3.04 29.27 -69.13
C HIS I 193 3.64 30.66 -69.05
N LYS I 194 2.79 31.67 -69.18
CA LYS I 194 3.27 33.02 -69.47
C LYS I 194 2.92 34.03 -68.39
N VAL I 195 1.64 34.15 -68.06
CA VAL I 195 1.13 35.24 -67.24
C VAL I 195 0.50 34.64 -66.00
N TYR I 196 0.80 35.27 -64.86
CA TYR I 196 0.45 34.72 -63.55
C TYR I 196 -0.35 35.76 -62.78
N ALA I 197 -1.45 35.34 -62.20
CA ALA I 197 -2.36 36.25 -61.52
C ALA I 197 -2.89 35.59 -60.26
N CYS I 198 -3.26 36.43 -59.30
CA CYS I 198 -3.92 36.00 -58.08
C CYS I 198 -5.19 36.81 -57.90
N GLU I 199 -6.28 36.12 -57.59
CA GLU I 199 -7.59 36.73 -57.40
C GLU I 199 -8.00 36.61 -55.95
N VAL I 200 -8.64 37.65 -55.44
CA VAL I 200 -9.04 37.72 -54.05
C VAL I 200 -10.52 38.06 -53.95
N THR I 201 -11.20 37.35 -53.06
CA THR I 201 -12.57 37.61 -52.67
C THR I 201 -12.57 38.05 -51.22
N HIS I 202 -13.12 39.23 -50.95
CA HIS I 202 -13.09 39.77 -49.59
C HIS I 202 -14.20 40.79 -49.42
N GLN I 203 -14.69 40.91 -48.18
CA GLN I 203 -15.76 41.84 -47.89
C GLN I 203 -15.35 43.28 -48.16
N GLY I 204 -14.05 43.57 -48.13
CA GLY I 204 -13.59 44.93 -48.34
C GLY I 204 -13.71 45.39 -49.77
N LEU I 205 -14.00 44.48 -50.69
CA LEU I 205 -14.02 44.79 -52.11
C LEU I 205 -15.45 44.84 -52.64
N SER I 206 -15.66 45.76 -53.58
CA SER I 206 -16.91 45.77 -54.33
C SER I 206 -17.07 44.47 -55.11
N SER I 207 -16.03 44.05 -55.80
CA SER I 207 -16.01 42.81 -56.56
C SER I 207 -14.65 42.16 -56.37
N PRO I 208 -14.56 40.85 -56.54
CA PRO I 208 -13.25 40.19 -56.42
C PRO I 208 -12.23 40.82 -57.32
N VAL I 209 -11.01 40.97 -56.81
CA VAL I 209 -9.95 41.71 -57.49
C VAL I 209 -8.86 40.73 -57.87
N THR I 210 -8.44 40.76 -59.14
CA THR I 210 -7.33 39.94 -59.59
C THR I 210 -6.19 40.83 -60.04
N LYS I 211 -5.00 40.52 -59.58
CA LYS I 211 -3.78 41.18 -60.00
C LYS I 211 -2.94 40.20 -60.79
N SER I 212 -2.01 40.72 -61.60
CA SER I 212 -1.33 39.87 -62.56
C SER I 212 0.03 40.45 -62.91
N PHE I 213 0.89 39.59 -63.45
CA PHE I 213 2.12 39.99 -64.09
C PHE I 213 2.40 39.03 -65.24
N ASN I 214 3.29 39.44 -66.13
CA ASN I 214 3.73 38.63 -67.26
C ASN I 214 5.20 38.28 -67.05
N ARG I 215 5.57 37.05 -67.36
CA ARG I 215 6.94 36.53 -67.05
C ARG I 215 8.07 37.23 -67.80
N GLY I 216 8.98 37.89 -67.06
CA GLY I 216 10.20 38.43 -67.62
C GLY I 216 10.03 39.67 -68.46
N GLU I 217 8.90 40.36 -68.34
CA GLU I 217 8.70 41.60 -69.07
C GLU I 217 9.36 42.75 -68.32
N CYS I 218 10.21 43.49 -69.03
CA CYS I 218 10.97 44.57 -68.43
C CYS I 218 10.06 45.72 -67.99
#